data_6BKQ
#
_entry.id   6BKQ
#
_cell.length_a   208.784
_cell.length_b   130.842
_cell.length_c   72.179
_cell.angle_alpha   90.00
_cell.angle_beta   97.90
_cell.angle_gamma   90.00
#
_symmetry.space_group_name_H-M   'C 1 2 1'
#
loop_
_entity.id
_entity.type
_entity.pdbx_description
1 polymer Hemagglutinin
2 polymer Hemagglutinin
3 branched beta-D-mannopyranose-(1-4)-2-acetamido-2-deoxy-beta-D-glucopyranose-(1-4)-2-acetamido-2-deoxy-beta-D-glucopyranose
4 branched 2-acetamido-2-deoxy-beta-D-glucopyranose-(1-4)-2-acetamido-2-deoxy-beta-D-glucopyranose
5 branched 'N-acetyl-alpha-neuraminic acid-(2-6)-beta-D-galactopyranose-(1-4)-2-acetamido-2-deoxy-beta-D-glucopyranose'
6 branched alpha-D-mannopyranose-(1-3)-[alpha-D-mannopyranose-(1-6)]beta-D-mannopyranose-(1-4)-2-acetamido-2-deoxy-beta-D-glucopyranose-(1-4)-2-acetamido-2-deoxy-beta-D-glucopyranose
7 branched 'N-acetyl-alpha-neuraminic acid-(2-6)-beta-D-galactopyranose'
8 non-polymer 2-acetamido-2-deoxy-beta-D-glucopyranose
9 non-polymer TRIS(HYDROXYETHYL)AMINOMETHANE
10 water water
#
loop_
_entity_poly.entity_id
_entity_poly.type
_entity_poly.pdbx_seq_one_letter_code
_entity_poly.pdbx_strand_id
1 'polypeptide(L)'
;ADPGATLCLGHHAVPNGTLVKTITDDQIEVTNATELVQSSSTGKICNNPHRILDGIDCTLIDALLGDPHCDVFQNETWDL
FVERSKAFSNCYPYDVPDYASLRSLVASSGTLEFITEGFTWTGVTQNGGSNACKRGPGSGFFSRLNWLTKSGSTYPVLNV
TMPNNDNFDKLYIWGVHHPSTNQDQTSLYVQASGRVTVSTRRSQQTIIPNIGSRPWVRGLSSRISIYWTIVKPGDVLVIN
SNGNLIAPRGYFKMRTGKSSIMRSDAPIDTCISECITPNGSIPNDKPFQNVNKITYGACPKYVKQNTLKLATGMRNVPEK
QTR
;
A,C,E
2 'polypeptide(L)'
;GLFGAIAGFIENGWEGMIDGWYGFRHQNSEGTGQAADLKSTQAAIDQINGKLNRVIEKTNEKFHQIEKEFSEVEGRIQDL
EKYVEDTKIDLWSYNAELLVALENQHTIDLTDSEMNKLFEKTGRQLRENAEDMGNGCFKIYHKCDNACIESIRNGTYDHD
VYRDEALNNRFQIK
;
B,D,F
#
loop_
_chem_comp.id
_chem_comp.type
_chem_comp.name
_chem_comp.formula
BMA D-saccharide, beta linking beta-D-mannopyranose 'C6 H12 O6'
GAL D-saccharide, beta linking beta-D-galactopyranose 'C6 H12 O6'
MAN D-saccharide, alpha linking alpha-D-mannopyranose 'C6 H12 O6'
NAG D-saccharide, beta linking 2-acetamido-2-deoxy-beta-D-glucopyranose 'C8 H15 N O6'
SIA D-saccharide, alpha linking 'N-acetyl-alpha-neuraminic acid' 'C11 H19 N O9'
TAM non-polymer TRIS(HYDROXYETHYL)AMINOMETHANE 'C7 H17 N O3'
#
# COMPACT_ATOMS: atom_id res chain seq x y z
N PRO A 3 33.42 61.13 -0.50
CA PRO A 3 33.08 60.15 0.54
C PRO A 3 31.60 59.78 0.51
N GLY A 4 31.29 58.67 -0.17
CA GLY A 4 29.92 58.19 -0.31
C GLY A 4 29.45 57.34 0.86
N ALA A 5 28.75 56.23 0.56
CA ALA A 5 28.26 55.31 1.58
C ALA A 5 28.16 53.88 1.05
N THR A 6 28.17 52.91 1.97
CA THR A 6 27.99 51.50 1.64
C THR A 6 26.71 50.98 2.30
N LEU A 7 25.91 50.21 1.55
CA LEU A 7 24.69 49.57 2.04
C LEU A 7 24.77 48.09 1.69
N CYS A 8 24.98 47.27 2.73
CA CYS A 8 25.10 45.83 2.59
C CYS A 8 23.79 45.13 2.95
N LEU A 9 23.35 44.25 2.05
CA LEU A 9 22.20 43.37 2.28
C LEU A 9 22.71 42.08 2.92
N GLY A 10 21.93 41.53 3.84
CA GLY A 10 22.26 40.25 4.43
C GLY A 10 21.12 39.54 5.11
N HIS A 11 21.49 38.46 5.79
CA HIS A 11 20.56 37.58 6.47
C HIS A 11 21.19 37.12 7.79
N HIS A 12 20.35 36.58 8.68
CA HIS A 12 20.84 36.16 9.98
C HIS A 12 21.55 34.81 9.94
N ALA A 13 22.22 34.52 11.04
CA ALA A 13 22.75 33.21 11.33
C ALA A 13 22.63 33.02 12.83
N VAL A 14 22.78 31.80 13.28
CA VAL A 14 22.66 31.47 14.69
C VAL A 14 23.88 30.66 15.08
N PRO A 15 24.25 30.71 16.39
CA PRO A 15 25.44 29.99 16.80
C PRO A 15 25.27 28.46 16.75
N ASN A 16 24.07 27.96 17.11
CA ASN A 16 23.78 26.52 17.08
C ASN A 16 22.69 26.09 16.06
N GLY A 17 23.10 25.76 14.83
CA GLY A 17 22.17 25.26 13.81
C GLY A 17 21.74 23.81 14.00
N THR A 18 20.92 23.30 13.08
CA THR A 18 20.55 21.88 13.04
C THR A 18 20.72 21.31 11.63
N LEU A 19 21.10 20.04 11.58
CA LEU A 19 21.28 19.31 10.33
C LEU A 19 19.95 18.72 9.84
N VAL A 20 19.66 18.92 8.56
CA VAL A 20 18.48 18.37 7.90
C VAL A 20 18.88 17.71 6.60
N LYS A 21 17.96 16.93 6.06
CA LYS A 21 18.14 16.26 4.78
C LYS A 21 17.37 17.00 3.70
N THR A 22 17.94 16.98 2.48
CA THR A 22 17.32 17.62 1.31
C THR A 22 17.36 16.66 0.12
N ILE A 23 17.01 17.17 -1.05
CA ILE A 23 17.14 16.43 -2.32
C ILE A 23 18.62 16.17 -2.62
N THR A 24 19.47 17.20 -2.42
CA THR A 24 20.88 17.12 -2.82
C THR A 24 21.84 16.73 -1.67
N ASP A 25 21.41 16.88 -0.41
CA ASP A 25 22.29 16.66 0.74
C ASP A 25 21.67 15.75 1.75
N ASP A 26 22.47 14.83 2.29
CA ASP A 26 22.01 13.94 3.34
C ASP A 26 21.97 14.73 4.66
N GLN A 27 22.91 15.67 4.81
CA GLN A 27 22.99 16.52 6.00
C GLN A 27 23.43 17.92 5.56
N ILE A 28 22.63 18.93 5.87
CA ILE A 28 23.02 20.31 5.67
C ILE A 28 22.39 21.18 6.75
N GLU A 29 23.08 22.25 7.13
CA GLU A 29 22.76 23.00 8.32
C GLU A 29 21.80 24.16 8.04
N VAL A 30 20.71 24.21 8.81
CA VAL A 30 19.76 25.31 8.74
C VAL A 30 19.63 25.92 10.13
N THR A 31 19.01 27.10 10.20
CA THR A 31 18.92 27.84 11.46
C THR A 31 18.06 27.14 12.51
N ASN A 32 17.07 26.38 12.07
CA ASN A 32 16.14 25.70 12.97
C ASN A 32 15.36 24.61 12.23
N ALA A 33 14.84 23.65 12.98
CA ALA A 33 14.03 22.59 12.44
C ALA A 33 13.11 22.05 13.51
N THR A 34 12.14 21.24 13.11
CA THR A 34 11.17 20.66 14.03
C THR A 34 11.00 19.16 13.73
N GLU A 35 10.77 18.40 14.80
CA GLU A 35 10.74 16.95 14.74
C GLU A 35 9.38 16.47 14.26
N LEU A 36 9.35 15.62 13.23
CA LEU A 36 8.09 15.08 12.70
C LEU A 36 7.76 13.65 13.17
N VAL A 37 8.68 12.98 13.87
CA VAL A 37 8.45 11.62 14.35
C VAL A 37 8.32 11.60 15.87
N GLN A 38 7.15 11.21 16.37
CA GLN A 38 6.95 11.00 17.79
C GLN A 38 7.64 9.70 18.21
N SER A 39 8.65 9.80 19.08
CA SER A 39 9.46 8.62 19.44
C SER A 39 9.38 8.22 20.91
N SER A 40 8.60 8.94 21.70
CA SER A 40 8.47 8.66 23.12
C SER A 40 7.00 8.54 23.50
N SER A 41 6.79 7.80 24.58
CA SER A 41 5.50 7.69 25.28
C SER A 41 5.70 7.95 26.76
N THR A 42 4.63 8.32 27.46
CA THR A 42 4.64 8.35 28.94
C THR A 42 4.78 6.98 29.57
N GLY A 43 4.40 5.92 28.88
CA GLY A 43 4.34 4.58 29.47
C GLY A 43 2.99 4.26 30.12
N LYS A 44 2.04 5.20 30.01
CA LYS A 44 0.72 5.04 30.61
C LYS A 44 -0.37 5.26 29.57
N ILE A 45 -1.45 4.49 29.69
CA ILE A 45 -2.64 4.68 28.86
C ILE A 45 -3.59 5.68 29.55
N CYS A 46 -3.85 6.80 28.87
CA CYS A 46 -4.75 7.80 29.39
C CYS A 46 -6.20 7.29 29.37
N ASN A 47 -6.90 7.51 30.48
CA ASN A 47 -8.26 7.04 30.66
C ASN A 47 -9.34 7.86 29.97
N ASN A 48 -8.97 8.99 29.35
CA ASN A 48 -9.84 9.81 28.50
C ASN A 48 -9.11 10.16 27.20
N PRO A 49 -9.82 10.46 26.10
CA PRO A 49 -11.29 10.52 26.01
C PRO A 49 -11.98 9.20 25.68
N HIS A 50 -11.25 8.12 25.48
CA HIS A 50 -11.85 6.84 25.12
C HIS A 50 -12.19 6.05 26.38
N ARG A 51 -13.30 5.33 26.33
CA ARG A 51 -13.65 4.40 27.40
C ARG A 51 -12.71 3.16 27.34
N ILE A 52 -11.78 3.11 28.29
CA ILE A 52 -10.82 2.03 28.43
C ILE A 52 -11.34 1.04 29.46
N LEU A 53 -11.40 -0.25 29.08
CA LEU A 53 -11.81 -1.28 30.00
C LEU A 53 -10.63 -2.20 30.19
N ASP A 54 -10.12 -2.23 31.42
CA ASP A 54 -8.99 -3.03 31.79
C ASP A 54 -9.48 -4.44 32.08
N GLY A 55 -8.99 -5.41 31.30
CA GLY A 55 -9.35 -6.80 31.51
C GLY A 55 -8.80 -7.41 32.78
N ILE A 56 -7.77 -6.80 33.38
CA ILE A 56 -7.13 -7.31 34.59
C ILE A 56 -6.70 -8.76 34.40
N ASP A 57 -7.39 -9.69 35.05
CA ASP A 57 -7.09 -11.13 35.02
C ASP A 57 -7.84 -11.87 33.91
N CYS A 58 -8.58 -11.14 33.07
CA CYS A 58 -9.50 -11.77 32.13
C CYS A 58 -9.23 -11.38 30.70
N THR A 59 -9.23 -12.39 29.81
CA THR A 59 -9.32 -12.14 28.38
C THR A 59 -10.75 -11.74 28.06
N LEU A 60 -10.92 -11.07 26.93
CA LEU A 60 -12.28 -10.75 26.47
C LEU A 60 -13.14 -12.02 26.35
N ILE A 61 -12.55 -13.10 25.82
CA ILE A 61 -13.32 -14.35 25.62
C ILE A 61 -13.80 -14.93 26.96
N ASP A 62 -12.95 -14.89 27.99
CA ASP A 62 -13.36 -15.39 29.31
C ASP A 62 -14.46 -14.51 29.94
N ALA A 63 -14.40 -13.21 29.70
CA ALA A 63 -15.44 -12.31 30.13
C ALA A 63 -16.74 -12.61 29.41
N LEU A 64 -16.64 -12.87 28.10
CA LEU A 64 -17.79 -13.24 27.26
C LEU A 64 -18.45 -14.51 27.76
N LEU A 65 -17.67 -15.58 27.93
CA LEU A 65 -18.25 -16.87 28.33
C LEU A 65 -18.81 -16.82 29.76
N GLY A 66 -18.16 -16.04 30.62
CA GLY A 66 -18.57 -15.90 32.01
C GLY A 66 -17.84 -16.85 32.94
N ASP A 67 -16.52 -16.95 32.75
CA ASP A 67 -15.59 -17.52 33.73
C ASP A 67 -15.85 -16.77 35.06
N PRO A 68 -16.08 -17.49 36.19
CA PRO A 68 -16.52 -16.81 37.44
C PRO A 68 -15.64 -15.66 37.90
N HIS A 69 -14.32 -15.79 37.85
CA HIS A 69 -13.45 -14.67 38.23
C HIS A 69 -13.55 -13.48 37.27
N CYS A 70 -14.26 -13.65 36.14
CA CYS A 70 -14.55 -12.56 35.20
C CYS A 70 -16.00 -12.04 35.26
N ASP A 71 -16.77 -12.47 36.27
CA ASP A 71 -18.18 -12.04 36.40
C ASP A 71 -18.37 -10.54 36.49
N VAL A 72 -17.40 -9.83 37.04
CA VAL A 72 -17.47 -8.37 37.12
C VAL A 72 -17.60 -7.70 35.75
N PHE A 73 -17.20 -8.38 34.67
CA PHE A 73 -17.35 -7.83 33.32
C PHE A 73 -18.73 -8.03 32.66
N GLN A 74 -19.67 -8.69 33.34
CA GLN A 74 -21.00 -8.86 32.79
C GLN A 74 -21.58 -7.55 32.29
N ASN A 75 -22.11 -7.58 31.07
CA ASN A 75 -22.75 -6.40 30.46
C ASN A 75 -21.84 -5.18 30.29
N GLU A 76 -20.52 -5.33 30.37
CA GLU A 76 -19.62 -4.19 30.20
C GLU A 76 -19.58 -3.68 28.78
N THR A 77 -19.10 -2.45 28.61
CA THR A 77 -18.89 -1.85 27.31
C THR A 77 -17.53 -1.20 27.29
N TRP A 78 -17.03 -0.89 26.10
CA TRP A 78 -15.70 -0.28 25.94
C TRP A 78 -15.56 0.38 24.57
N ASP A 79 -14.65 1.34 24.50
CA ASP A 79 -14.03 1.71 23.24
C ASP A 79 -12.78 0.84 22.99
N LEU A 80 -11.98 0.64 24.03
CA LEU A 80 -10.79 -0.21 23.95
C LEU A 80 -10.73 -1.15 25.13
N PHE A 81 -10.87 -2.44 24.85
CA PHE A 81 -10.66 -3.50 25.84
C PHE A 81 -9.16 -3.79 25.87
N VAL A 82 -8.55 -3.75 27.06
CA VAL A 82 -7.13 -3.97 27.23
C VAL A 82 -6.89 -5.32 27.88
N GLU A 83 -6.28 -6.25 27.15
CA GLU A 83 -5.93 -7.57 27.68
C GLU A 83 -4.52 -7.57 28.24
N ARG A 84 -4.35 -8.10 29.44
CA ARG A 84 -3.08 -8.10 30.17
C ARG A 84 -2.37 -9.43 30.06
N SER A 85 -1.05 -9.42 30.09
CA SER A 85 -0.28 -10.68 30.00
C SER A 85 -0.46 -11.60 31.21
N LYS A 86 -0.88 -11.07 32.35
CA LYS A 86 -1.24 -11.89 33.52
C LYS A 86 -2.62 -12.57 33.46
N ALA A 87 -3.42 -12.37 32.40
CA ALA A 87 -4.74 -12.99 32.35
C ALA A 87 -4.64 -14.50 32.42
N PHE A 88 -5.61 -15.13 33.08
CA PHE A 88 -5.67 -16.59 33.16
C PHE A 88 -7.11 -17.06 33.04
N SER A 89 -7.29 -18.29 32.61
CA SER A 89 -8.60 -18.95 32.62
C SER A 89 -8.73 -19.79 33.89
N ASN A 90 -9.92 -19.87 34.45
CA ASN A 90 -10.17 -20.66 35.66
C ASN A 90 -11.55 -21.31 35.69
N CYS A 91 -11.95 -21.89 34.56
CA CYS A 91 -13.24 -22.54 34.44
C CYS A 91 -13.04 -23.85 33.66
N TYR A 92 -14.06 -24.39 33.02
CA TYR A 92 -13.89 -25.65 32.27
C TYR A 92 -12.84 -25.43 31.16
N PRO A 93 -11.92 -26.39 30.98
CA PRO A 93 -10.98 -26.18 29.88
C PRO A 93 -11.69 -26.23 28.54
N TYR A 94 -11.30 -25.32 27.66
CA TYR A 94 -12.02 -25.12 26.41
C TYR A 94 -11.10 -24.69 25.29
N ASP A 95 -11.58 -24.86 24.07
CA ASP A 95 -10.98 -24.22 22.92
C ASP A 95 -12.06 -23.55 22.09
N VAL A 96 -11.64 -22.59 21.28
CA VAL A 96 -12.50 -21.93 20.33
C VAL A 96 -11.87 -22.07 18.96
N PRO A 97 -12.41 -22.95 18.11
CA PRO A 97 -11.94 -22.93 16.72
C PRO A 97 -12.20 -21.53 16.16
N ASP A 98 -11.24 -20.96 15.49
CA ASP A 98 -11.38 -19.54 15.10
C ASP A 98 -11.59 -18.58 16.30
N TYR A 99 -10.89 -18.86 17.39
CA TYR A 99 -10.75 -17.95 18.53
C TYR A 99 -10.54 -16.49 18.07
N ALA A 100 -9.58 -16.29 17.17
CA ALA A 100 -9.21 -14.95 16.73
C ALA A 100 -10.41 -14.18 16.13
N SER A 101 -11.26 -14.86 15.35
CA SER A 101 -12.44 -14.20 14.78
C SER A 101 -13.49 -13.85 15.83
N LEU A 102 -13.71 -14.74 16.78
CA LEU A 102 -14.71 -14.48 17.84
C LEU A 102 -14.26 -13.31 18.69
N ARG A 103 -12.98 -13.33 19.07
CA ARG A 103 -12.37 -12.23 19.82
C ARG A 103 -12.52 -10.92 19.04
N SER A 104 -12.22 -10.96 17.75
CA SER A 104 -12.32 -9.77 16.90
C SER A 104 -13.72 -9.19 16.81
N LEU A 105 -14.70 -10.04 16.50
CA LEU A 105 -16.05 -9.55 16.28
C LEU A 105 -16.66 -9.03 17.60
N VAL A 106 -16.35 -9.64 18.73
CA VAL A 106 -16.84 -9.14 20.01
C VAL A 106 -16.13 -7.83 20.35
N ALA A 107 -14.80 -7.80 20.23
CA ALA A 107 -14.03 -6.58 20.48
C ALA A 107 -14.60 -5.38 19.72
N SER A 108 -14.91 -5.64 18.46
CA SER A 108 -15.38 -4.62 17.55
C SER A 108 -16.82 -4.18 17.85
N SER A 109 -17.62 -5.12 18.37
CA SER A 109 -18.97 -4.80 18.81
C SER A 109 -18.98 -3.88 20.05
N GLY A 110 -18.01 -4.02 20.93
CA GLY A 110 -17.84 -3.05 22.03
C GLY A 110 -18.75 -3.25 23.24
N THR A 111 -19.44 -4.39 23.30
CA THR A 111 -20.35 -4.68 24.40
C THR A 111 -20.46 -6.18 24.70
N LEU A 112 -20.71 -6.50 25.97
CA LEU A 112 -21.06 -7.84 26.43
C LEU A 112 -22.50 -7.90 26.97
N GLU A 113 -23.33 -6.95 26.54
CA GLU A 113 -24.72 -6.91 26.95
C GLU A 113 -25.40 -8.21 26.59
N PHE A 114 -25.91 -8.90 27.60
CA PHE A 114 -26.50 -10.21 27.44
C PHE A 114 -27.98 -10.19 27.83
N ILE A 115 -28.80 -10.78 26.98
CA ILE A 115 -30.24 -10.84 27.17
C ILE A 115 -30.62 -12.32 27.29
N THR A 116 -31.14 -12.70 28.46
CA THR A 116 -31.53 -14.08 28.74
C THR A 116 -32.83 -14.37 27.98
N GLU A 117 -32.89 -15.57 27.38
CA GLU A 117 -34.07 -16.00 26.65
C GLU A 117 -34.60 -17.30 27.27
N GLY A 118 -35.92 -17.47 27.22
CA GLY A 118 -36.58 -18.62 27.84
C GLY A 118 -36.56 -19.87 26.97
N PHE A 119 -35.38 -20.46 26.78
CA PHE A 119 -35.28 -21.73 26.09
C PHE A 119 -35.95 -22.81 26.94
N THR A 120 -36.69 -23.68 26.27
CA THR A 120 -37.35 -24.82 26.90
C THR A 120 -36.55 -26.07 26.53
N TRP A 121 -35.91 -26.68 27.52
CA TRP A 121 -35.13 -27.90 27.32
C TRP A 121 -35.89 -29.05 27.97
N THR A 122 -36.73 -29.72 27.18
CA THR A 122 -37.63 -30.74 27.72
C THR A 122 -36.94 -32.08 27.90
N GLY A 123 -36.98 -32.61 29.13
CA GLY A 123 -36.47 -33.95 29.43
C GLY A 123 -34.99 -34.05 29.73
N VAL A 124 -34.34 -32.92 30.01
CA VAL A 124 -32.92 -32.90 30.39
C VAL A 124 -32.72 -32.15 31.70
N THR A 125 -31.58 -32.39 32.31
CA THR A 125 -31.18 -31.69 33.51
C THR A 125 -30.38 -30.47 33.08
N GLN A 126 -30.68 -29.31 33.65
CA GLN A 126 -30.00 -28.05 33.33
C GLN A 126 -28.96 -27.71 34.38
N ASN A 127 -28.15 -26.68 34.08
CA ASN A 127 -27.23 -26.07 35.03
C ASN A 127 -26.09 -26.97 35.55
N GLY A 128 -25.59 -27.86 34.70
CA GLY A 128 -24.43 -28.65 35.04
C GLY A 128 -23.20 -27.78 35.36
N GLY A 129 -22.36 -28.29 36.25
CA GLY A 129 -21.14 -27.59 36.67
C GLY A 129 -19.98 -28.53 36.94
N SER A 130 -18.85 -27.93 37.30
CA SER A 130 -17.60 -28.64 37.49
C SER A 130 -16.80 -28.01 38.61
N ASN A 131 -16.00 -28.81 39.28
CA ASN A 131 -15.05 -28.29 40.25
C ASN A 131 -13.85 -27.63 39.58
N ALA A 132 -13.71 -27.76 38.27
CA ALA A 132 -12.76 -26.94 37.52
C ALA A 132 -13.24 -25.51 37.33
N CYS A 133 -14.51 -25.23 37.65
CA CYS A 133 -15.08 -23.91 37.46
C CYS A 133 -15.92 -23.51 38.68
N LYS A 134 -15.22 -23.34 39.80
CA LYS A 134 -15.86 -23.02 41.06
C LYS A 134 -16.44 -21.61 41.09
N ARG A 135 -17.62 -21.55 41.67
CA ARG A 135 -18.44 -20.35 41.78
C ARG A 135 -18.94 -20.42 43.22
N GLY A 136 -18.41 -19.54 44.07
CA GLY A 136 -18.54 -19.71 45.51
C GLY A 136 -17.79 -20.97 45.92
N PRO A 137 -18.28 -21.67 46.96
CA PRO A 137 -17.55 -22.87 47.42
C PRO A 137 -17.77 -24.12 46.58
N GLY A 138 -18.85 -24.17 45.78
CA GLY A 138 -19.23 -25.37 45.03
C GLY A 138 -18.92 -25.31 43.55
N SER A 139 -19.25 -26.40 42.87
CA SER A 139 -19.01 -26.51 41.45
C SER A 139 -19.85 -25.46 40.71
N GLY A 140 -19.36 -25.06 39.55
CA GLY A 140 -20.07 -24.08 38.74
C GLY A 140 -19.69 -24.17 37.28
N PHE A 141 -20.02 -23.12 36.54
CA PHE A 141 -19.88 -23.15 35.11
C PHE A 141 -19.85 -21.74 34.55
N PHE A 142 -19.51 -21.64 33.27
CA PHE A 142 -19.62 -20.39 32.53
C PHE A 142 -21.02 -19.83 32.73
N SER A 143 -21.12 -18.57 33.15
CA SER A 143 -22.41 -17.97 33.46
C SER A 143 -23.37 -17.91 32.27
N ARG A 144 -22.85 -17.77 31.05
CA ARG A 144 -23.71 -17.60 29.87
C ARG A 144 -24.05 -18.89 29.13
N LEU A 145 -23.59 -20.02 29.65
CA LEU A 145 -23.80 -21.32 29.05
C LEU A 145 -24.54 -22.25 30.03
N ASN A 146 -25.30 -23.20 29.47
CA ASN A 146 -26.17 -24.08 30.25
C ASN A 146 -25.82 -25.52 29.88
N TRP A 147 -25.14 -26.21 30.78
CA TRP A 147 -24.67 -27.57 30.52
C TRP A 147 -25.84 -28.52 30.75
N LEU A 148 -26.33 -29.12 29.67
CA LEU A 148 -27.46 -30.04 29.73
C LEU A 148 -26.96 -31.48 29.83
N THR A 149 -27.59 -32.26 30.70
CA THR A 149 -27.32 -33.69 30.86
C THR A 149 -28.65 -34.46 30.98
N LYS A 150 -28.57 -35.78 31.02
CA LYS A 150 -29.78 -36.63 31.14
C LYS A 150 -30.65 -36.28 32.35
N SER A 151 -31.96 -36.55 32.21
CA SER A 151 -32.92 -36.50 33.30
C SER A 151 -33.43 -37.92 33.47
N GLY A 152 -33.30 -38.47 34.67
CA GLY A 152 -33.52 -39.90 34.89
C GLY A 152 -32.56 -40.75 34.07
N SER A 153 -33.11 -41.59 33.19
CA SER A 153 -32.31 -42.50 32.37
C SER A 153 -32.38 -42.18 30.88
N THR A 154 -32.86 -40.99 30.53
CA THR A 154 -33.01 -40.58 29.12
C THR A 154 -32.46 -39.17 28.85
N TYR A 155 -31.96 -38.98 27.63
CA TYR A 155 -31.66 -37.67 27.07
C TYR A 155 -32.36 -37.70 25.71
N PRO A 156 -33.52 -37.02 25.60
CA PRO A 156 -34.26 -37.06 24.33
C PRO A 156 -33.62 -36.17 23.28
N VAL A 157 -34.08 -36.31 22.04
CA VAL A 157 -33.65 -35.40 20.98
C VAL A 157 -34.18 -34.01 21.33
N LEU A 158 -33.28 -33.05 21.53
CA LEU A 158 -33.68 -31.68 21.77
C LEU A 158 -33.86 -30.99 20.42
N ASN A 159 -34.95 -30.24 20.32
CA ASN A 159 -35.28 -29.53 19.10
C ASN A 159 -36.01 -28.26 19.51
N VAL A 160 -35.26 -27.15 19.57
CA VAL A 160 -35.81 -25.87 20.04
C VAL A 160 -35.52 -24.76 19.05
N THR A 161 -36.33 -23.71 19.18
CA THR A 161 -36.25 -22.56 18.29
C THR A 161 -36.25 -21.26 19.07
N MET A 162 -35.65 -20.24 18.47
CA MET A 162 -35.77 -18.89 19.00
C MET A 162 -35.78 -17.94 17.79
N PRO A 163 -36.95 -17.37 17.46
CA PRO A 163 -36.95 -16.41 16.37
C PRO A 163 -36.37 -15.08 16.82
N ASN A 164 -35.81 -14.34 15.86
CA ASN A 164 -35.40 -12.98 16.13
C ASN A 164 -36.47 -12.06 15.55
N ASN A 165 -37.35 -11.59 16.44
CA ASN A 165 -38.36 -10.59 16.05
C ASN A 165 -37.95 -9.16 16.44
N ASP A 166 -36.68 -8.97 16.80
CA ASP A 166 -36.16 -7.65 17.06
C ASP A 166 -35.62 -7.05 15.76
N ASN A 167 -35.20 -5.79 15.82
CA ASN A 167 -34.59 -5.11 14.69
C ASN A 167 -33.05 -5.00 14.77
N PHE A 168 -32.42 -5.83 15.60
CA PHE A 168 -30.97 -5.85 15.77
C PHE A 168 -30.48 -7.29 15.60
N ASP A 169 -29.18 -7.48 15.36
CA ASP A 169 -28.59 -8.82 15.28
C ASP A 169 -28.33 -9.40 16.66
N LYS A 170 -28.59 -10.70 16.78
CA LYS A 170 -28.29 -11.46 18.00
C LYS A 170 -27.06 -12.33 17.80
N LEU A 171 -26.12 -12.29 18.74
CA LEU A 171 -24.98 -13.23 18.79
C LEU A 171 -25.23 -14.31 19.84
N TYR A 172 -25.29 -15.55 19.39
CA TYR A 172 -25.41 -16.70 20.28
C TYR A 172 -24.07 -17.42 20.41
N ILE A 173 -23.66 -17.66 21.65
CA ILE A 173 -22.50 -18.45 21.98
C ILE A 173 -22.97 -19.79 22.54
N TRP A 174 -22.45 -20.86 21.98
CA TRP A 174 -22.83 -22.20 22.38
C TRP A 174 -21.62 -23.09 22.30
N GLY A 175 -21.77 -24.35 22.68
CA GLY A 175 -20.66 -25.24 22.62
C GLY A 175 -21.01 -26.70 22.58
N VAL A 176 -19.96 -27.50 22.60
CA VAL A 176 -20.02 -28.93 22.55
C VAL A 176 -19.07 -29.50 23.58
N HIS A 177 -19.56 -30.46 24.34
CA HIS A 177 -18.74 -31.11 25.36
C HIS A 177 -18.08 -32.37 24.78
N HIS A 178 -16.78 -32.50 25.00
CA HIS A 178 -15.97 -33.63 24.57
C HIS A 178 -15.62 -34.43 25.82
N PRO A 179 -16.32 -35.55 26.05
CA PRO A 179 -16.01 -36.35 27.25
C PRO A 179 -14.67 -37.08 27.14
N SER A 180 -14.10 -37.39 28.30
CA SER A 180 -12.81 -38.09 28.38
C SER A 180 -12.90 -39.58 28.01
N THR A 181 -14.05 -40.21 28.35
CA THR A 181 -14.26 -41.66 28.15
C THR A 181 -15.67 -41.97 27.67
N ASN A 182 -15.85 -43.20 27.17
CA ASN A 182 -17.18 -43.70 26.80
C ASN A 182 -18.13 -43.77 27.99
N GLN A 183 -17.59 -44.09 29.17
CA GLN A 183 -18.37 -44.15 30.40
C GLN A 183 -18.95 -42.75 30.69
N ASP A 184 -18.10 -41.74 30.63
CA ASP A 184 -18.52 -40.33 30.74
C ASP A 184 -19.62 -39.91 29.77
N GLN A 185 -19.43 -40.26 28.49
CA GLN A 185 -20.40 -39.97 27.44
C GLN A 185 -21.78 -40.54 27.77
N THR A 186 -21.85 -41.85 28.04
CA THR A 186 -23.14 -42.52 28.24
C THR A 186 -23.73 -42.14 29.59
N SER A 187 -22.86 -42.01 30.59
CA SER A 187 -23.27 -41.54 31.90
C SER A 187 -23.97 -40.17 31.86
N LEU A 188 -23.46 -39.24 31.05
CA LEU A 188 -24.04 -37.89 30.95
C LEU A 188 -25.17 -37.75 29.94
N TYR A 189 -25.03 -38.41 28.79
CA TYR A 189 -25.95 -38.19 27.66
C TYR A 189 -26.73 -39.41 27.17
N VAL A 190 -26.49 -40.59 27.77
CA VAL A 190 -27.13 -41.87 27.41
C VAL A 190 -26.66 -42.38 26.05
N GLN A 191 -26.94 -41.63 24.98
CA GLN A 191 -26.49 -42.01 23.65
C GLN A 191 -24.96 -42.12 23.62
N ALA A 192 -24.46 -43.10 22.87
CA ALA A 192 -23.02 -43.39 22.81
C ALA A 192 -22.24 -42.34 22.00
N SER A 193 -22.95 -41.64 21.13
CA SER A 193 -22.36 -40.56 20.36
C SER A 193 -23.37 -39.42 20.24
N GLY A 194 -22.94 -38.22 20.59
CA GLY A 194 -23.77 -37.00 20.51
C GLY A 194 -23.66 -36.30 19.17
N ARG A 195 -24.33 -35.16 19.10
CA ARG A 195 -24.38 -34.36 17.88
C ARG A 195 -25.03 -33.02 18.23
N VAL A 196 -24.45 -31.92 17.74
CA VAL A 196 -25.04 -30.60 17.88
C VAL A 196 -25.16 -29.97 16.50
N THR A 197 -26.39 -29.61 16.12
CA THR A 197 -26.67 -28.90 14.88
C THR A 197 -27.38 -27.60 15.23
N VAL A 198 -26.73 -26.48 14.89
CA VAL A 198 -27.26 -25.15 15.12
C VAL A 198 -27.40 -24.48 13.75
N SER A 199 -28.59 -23.98 13.44
CA SER A 199 -28.87 -23.47 12.11
C SER A 199 -29.74 -22.23 12.11
N THR A 200 -29.60 -21.46 11.03
CA THR A 200 -30.51 -20.38 10.66
C THR A 200 -31.10 -20.73 9.28
N ARG A 201 -31.92 -19.86 8.69
CA ARG A 201 -32.43 -20.10 7.34
C ARG A 201 -31.33 -20.31 6.31
N ARG A 202 -30.29 -19.48 6.38
CA ARG A 202 -29.21 -19.39 5.42
C ARG A 202 -28.04 -20.35 5.65
N SER A 203 -27.79 -20.71 6.91
CA SER A 203 -26.55 -21.42 7.29
C SER A 203 -26.75 -22.43 8.40
N GLN A 204 -25.75 -23.28 8.57
CA GLN A 204 -25.80 -24.37 9.55
C GLN A 204 -24.40 -24.84 9.95
N GLN A 205 -24.25 -25.29 11.19
CA GLN A 205 -23.01 -25.88 11.69
C GLN A 205 -23.40 -27.19 12.37
N THR A 206 -22.77 -28.30 12.02
CA THR A 206 -22.93 -29.54 12.79
C THR A 206 -21.58 -29.97 13.33
N ILE A 207 -21.55 -30.25 14.63
CA ILE A 207 -20.35 -30.63 15.33
C ILE A 207 -20.59 -31.99 15.98
N ILE A 208 -19.74 -32.95 15.65
CA ILE A 208 -19.73 -34.27 16.29
C ILE A 208 -18.68 -34.22 17.41
N PRO A 209 -19.08 -34.58 18.65
CA PRO A 209 -18.09 -34.65 19.72
C PRO A 209 -17.15 -35.81 19.52
N ASN A 210 -15.99 -35.69 20.15
CA ASN A 210 -14.90 -36.65 20.05
C ASN A 210 -14.50 -37.05 21.46
N ILE A 211 -14.66 -38.33 21.76
CA ILE A 211 -14.39 -38.85 23.08
C ILE A 211 -12.90 -39.19 23.16
N GLY A 212 -12.25 -38.87 24.28
CA GLY A 212 -10.82 -39.15 24.48
C GLY A 212 -10.11 -38.16 25.38
N SER A 213 -8.84 -38.43 25.69
CA SER A 213 -8.05 -37.58 26.57
C SER A 213 -7.35 -36.43 25.85
N ARG A 214 -7.43 -35.27 26.47
CA ARG A 214 -6.60 -34.10 26.16
C ARG A 214 -5.75 -33.85 27.42
N PRO A 215 -4.78 -32.93 27.37
CA PRO A 215 -3.99 -32.72 28.57
C PRO A 215 -4.83 -32.30 29.77
N TRP A 216 -4.46 -32.81 30.92
CA TRP A 216 -5.08 -32.51 32.19
C TRP A 216 -5.00 -31.00 32.43
N VAL A 217 -6.16 -30.37 32.64
CA VAL A 217 -6.26 -28.97 33.03
C VAL A 217 -7.31 -28.89 34.13
N ARG A 218 -6.90 -28.42 35.30
CA ARG A 218 -7.77 -28.32 36.47
C ARG A 218 -8.57 -29.59 36.75
N GLY A 219 -7.91 -30.74 36.60
CA GLY A 219 -8.52 -32.02 36.94
C GLY A 219 -9.14 -32.78 35.78
N LEU A 220 -9.13 -32.19 34.58
CA LEU A 220 -9.94 -32.71 33.49
C LEU A 220 -9.14 -32.94 32.23
N SER A 221 -9.38 -34.10 31.64
CA SER A 221 -8.90 -34.44 30.31
C SER A 221 -10.01 -34.23 29.27
N SER A 222 -11.21 -33.87 29.72
CA SER A 222 -12.31 -33.51 28.85
C SER A 222 -12.15 -32.06 28.41
N ARG A 223 -12.99 -31.65 27.46
CA ARG A 223 -12.98 -30.28 26.93
C ARG A 223 -14.36 -29.83 26.51
N ILE A 224 -14.49 -28.50 26.37
CA ILE A 224 -15.61 -27.90 25.69
C ILE A 224 -15.08 -27.11 24.50
N SER A 225 -15.76 -27.23 23.35
CA SER A 225 -15.43 -26.40 22.20
C SER A 225 -16.54 -25.38 22.01
N ILE A 226 -16.15 -24.15 21.71
CA ILE A 226 -17.03 -23.02 21.66
C ILE A 226 -17.24 -22.56 20.22
N TYR A 227 -18.52 -22.35 19.89
CA TYR A 227 -18.95 -21.91 18.56
C TYR A 227 -19.90 -20.74 18.70
N TRP A 228 -20.15 -20.05 17.59
CA TRP A 228 -21.05 -18.91 17.60
C TRP A 228 -21.91 -18.83 16.34
N THR A 229 -23.07 -18.17 16.46
CA THR A 229 -24.04 -18.05 15.38
C THR A 229 -24.73 -16.70 15.52
N ILE A 230 -24.73 -15.93 14.44
CA ILE A 230 -25.41 -14.64 14.42
C ILE A 230 -26.76 -14.82 13.74
N VAL A 231 -27.81 -14.31 14.38
CA VAL A 231 -29.16 -14.40 13.85
C VAL A 231 -29.67 -12.99 13.54
N LYS A 232 -29.95 -12.71 12.27
CA LYS A 232 -30.39 -11.39 11.82
C LYS A 232 -31.89 -11.24 12.05
N PRO A 233 -32.41 -9.98 12.05
CA PRO A 233 -33.84 -9.74 12.14
C PRO A 233 -34.62 -10.51 11.09
N GLY A 234 -35.69 -11.16 11.52
CA GLY A 234 -36.55 -11.94 10.62
C GLY A 234 -36.10 -13.37 10.47
N ASP A 235 -34.90 -13.72 10.93
CA ASP A 235 -34.38 -15.07 10.84
C ASP A 235 -34.69 -15.78 12.16
N VAL A 236 -34.32 -17.04 12.26
CA VAL A 236 -34.66 -17.86 13.41
C VAL A 236 -33.50 -18.81 13.71
N LEU A 237 -33.22 -19.01 15.00
CA LEU A 237 -32.23 -19.99 15.44
C LEU A 237 -32.93 -21.30 15.67
N VAL A 238 -32.30 -22.40 15.25
CA VAL A 238 -32.78 -23.72 15.62
C VAL A 238 -31.60 -24.51 16.15
N ILE A 239 -31.82 -25.14 17.30
CA ILE A 239 -30.81 -25.97 17.92
C ILE A 239 -31.38 -27.37 18.01
N ASN A 240 -30.58 -28.33 17.56
CA ASN A 240 -30.99 -29.71 17.46
C ASN A 240 -29.87 -30.58 17.98
N SER A 241 -30.15 -31.42 18.99
CA SER A 241 -29.09 -32.22 19.61
C SER A 241 -29.66 -33.44 20.31
N ASN A 242 -28.92 -34.54 20.24
CA ASN A 242 -29.24 -35.74 20.99
C ASN A 242 -28.13 -36.05 22.00
N GLY A 243 -27.36 -35.01 22.37
CA GLY A 243 -26.31 -35.17 23.36
C GLY A 243 -25.17 -34.19 23.15
N ASN A 244 -24.56 -33.81 24.27
CA ASN A 244 -23.28 -33.06 24.32
C ASN A 244 -23.43 -31.54 24.05
N LEU A 245 -24.69 -31.07 23.98
CA LEU A 245 -24.96 -29.66 23.76
C LEU A 245 -24.57 -28.87 25.01
N ILE A 246 -23.78 -27.82 24.83
CA ILE A 246 -23.59 -26.78 25.84
C ILE A 246 -24.39 -25.60 25.33
N ALA A 247 -25.56 -25.40 25.94
CA ALA A 247 -26.59 -24.53 25.37
C ALA A 247 -26.39 -23.06 25.70
N PRO A 248 -26.81 -22.15 24.81
CA PRO A 248 -26.83 -20.73 25.13
C PRO A 248 -27.95 -20.45 26.12
N ARG A 249 -27.76 -19.44 26.98
CA ARG A 249 -28.84 -18.96 27.86
C ARG A 249 -29.59 -17.77 27.28
N GLY A 250 -29.14 -17.31 26.11
CA GLY A 250 -29.65 -16.09 25.52
C GLY A 250 -28.65 -15.61 24.48
N TYR A 251 -28.66 -14.31 24.22
CA TYR A 251 -27.83 -13.73 23.19
C TYR A 251 -27.14 -12.48 23.68
N PHE A 252 -26.06 -12.15 22.97
CA PHE A 252 -25.38 -10.90 23.14
C PHE A 252 -25.90 -9.94 22.09
N LYS A 253 -26.14 -8.71 22.51
CA LYS A 253 -26.48 -7.66 21.60
C LYS A 253 -25.24 -7.21 20.83
N MET A 254 -25.34 -7.16 19.52
CA MET A 254 -24.23 -6.69 18.71
C MET A 254 -24.40 -5.25 18.31
N ARG A 255 -23.30 -4.51 18.29
CA ARG A 255 -23.28 -3.14 17.79
C ARG A 255 -22.17 -2.96 16.77
N THR A 256 -22.15 -1.81 16.11
CA THR A 256 -21.05 -1.42 15.26
C THR A 256 -20.61 -0.07 15.78
N GLY A 257 -19.33 0.25 15.65
CA GLY A 257 -18.78 1.52 16.09
C GLY A 257 -17.27 1.49 16.12
N LYS A 258 -16.68 2.27 17.02
CA LYS A 258 -15.24 2.49 17.10
C LYS A 258 -14.51 1.50 18.04
N SER A 259 -15.19 0.46 18.52
CA SER A 259 -14.60 -0.38 19.57
C SER A 259 -13.50 -1.30 19.04
N SER A 260 -12.51 -1.57 19.88
CA SER A 260 -11.44 -2.52 19.55
C SER A 260 -10.85 -3.15 20.82
N ILE A 261 -9.72 -3.85 20.66
CA ILE A 261 -9.03 -4.55 21.71
C ILE A 261 -7.53 -4.40 21.50
N MET A 262 -6.77 -4.33 22.59
CA MET A 262 -5.32 -4.17 22.56
C MET A 262 -4.67 -4.99 23.65
N ARG A 263 -3.55 -5.64 23.32
CA ARG A 263 -2.71 -6.31 24.30
C ARG A 263 -1.68 -5.30 24.82
N SER A 264 -1.70 -5.04 26.13
CA SER A 264 -0.79 -4.08 26.75
C SER A 264 -0.69 -4.34 28.25
N ASP A 265 0.48 -4.11 28.80
CA ASP A 265 0.66 -4.11 30.23
C ASP A 265 0.85 -2.71 30.80
N ALA A 266 0.61 -1.67 30.00
CA ALA A 266 0.78 -0.32 30.48
C ALA A 266 -0.33 0.03 31.48
N PRO A 267 0.04 0.69 32.60
CA PRO A 267 -1.02 1.08 33.53
C PRO A 267 -1.93 2.18 32.96
N ILE A 268 -3.18 2.22 33.43
CA ILE A 268 -4.12 3.23 33.01
C ILE A 268 -4.06 4.39 34.00
N ASP A 269 -4.04 5.61 33.51
CA ASP A 269 -3.78 6.79 34.35
C ASP A 269 -4.78 7.90 33.99
N THR A 270 -4.91 8.91 34.85
CA THR A 270 -5.80 10.03 34.60
C THR A 270 -5.10 11.10 33.77
N CYS A 271 -5.39 11.10 32.47
CA CYS A 271 -4.92 12.10 31.53
C CYS A 271 -5.79 12.00 30.27
N ILE A 272 -5.50 12.86 29.29
CA ILE A 272 -6.25 12.94 28.06
C ILE A 272 -5.29 12.69 26.90
N SER A 273 -5.62 11.70 26.08
CA SER A 273 -4.84 11.42 24.87
C SER A 273 -5.67 10.69 23.84
N GLU A 274 -5.77 11.25 22.64
CA GLU A 274 -6.50 10.60 21.55
C GLU A 274 -5.84 9.31 21.11
N CYS A 275 -4.50 9.25 21.11
CA CYS A 275 -3.75 8.11 20.58
C CYS A 275 -3.21 7.17 21.64
N ILE A 276 -3.47 5.88 21.48
CA ILE A 276 -3.06 4.86 22.41
C ILE A 276 -2.24 3.83 21.64
N THR A 277 -1.10 3.47 22.22
CA THR A 277 -0.28 2.37 21.77
C THR A 277 -0.12 1.41 22.95
N PRO A 278 0.35 0.19 22.69
CA PRO A 278 0.61 -0.73 23.80
C PRO A 278 1.69 -0.26 24.78
N ASN A 279 2.56 0.63 24.31
CA ASN A 279 3.58 1.25 25.16
C ASN A 279 3.00 2.33 26.06
N GLY A 280 1.77 2.75 25.77
CA GLY A 280 1.14 3.88 26.44
C GLY A 280 0.66 4.88 25.41
N SER A 281 0.01 5.92 25.91
CA SER A 281 -0.53 6.97 25.08
C SER A 281 0.61 7.78 24.49
N ILE A 282 0.40 8.34 23.31
CA ILE A 282 1.37 9.24 22.71
C ILE A 282 0.69 10.49 22.20
N PRO A 283 1.39 11.63 22.23
CA PRO A 283 0.85 12.82 21.59
C PRO A 283 0.65 12.63 20.10
N ASN A 284 -0.28 13.37 19.52
CA ASN A 284 -0.57 13.31 18.08
C ASN A 284 -0.38 14.64 17.34
N ASP A 285 0.47 15.52 17.87
CA ASP A 285 0.80 16.77 17.18
C ASP A 285 1.72 16.53 15.98
N LYS A 286 2.45 15.42 15.96
CA LYS A 286 3.34 15.10 14.85
C LYS A 286 2.69 14.16 13.85
N PRO A 287 3.06 14.25 12.57
CA PRO A 287 2.42 13.42 11.55
C PRO A 287 2.87 11.95 11.56
N PHE A 288 4.07 11.69 12.10
CA PHE A 288 4.63 10.34 12.12
C PHE A 288 5.02 9.91 13.53
N GLN A 289 5.17 8.60 13.72
CA GLN A 289 5.59 8.06 15.01
C GLN A 289 6.28 6.74 14.79
N ASN A 290 7.20 6.44 15.70
CA ASN A 290 8.06 5.26 15.67
C ASN A 290 7.89 4.47 16.98
N VAL A 291 6.80 4.72 17.72
CA VAL A 291 6.61 4.08 19.01
C VAL A 291 6.12 2.64 18.82
N ASN A 292 5.06 2.45 18.04
CA ASN A 292 4.50 1.12 17.85
C ASN A 292 3.57 1.13 16.64
N LYS A 293 3.69 0.09 15.82
CA LYS A 293 2.78 -0.07 14.69
C LYS A 293 1.34 -0.36 15.11
N ILE A 294 1.16 -0.85 16.35
CA ILE A 294 -0.16 -1.08 16.90
C ILE A 294 -0.62 0.22 17.54
N THR A 295 -1.72 0.76 17.03
CA THR A 295 -2.31 1.96 17.61
C THR A 295 -3.82 1.92 17.59
N TYR A 296 -4.41 2.81 18.40
CA TYR A 296 -5.85 3.02 18.46
C TYR A 296 -6.09 4.52 18.66
N GLY A 297 -6.96 5.08 17.84
CA GLY A 297 -7.35 6.49 17.90
C GLY A 297 -6.71 7.38 16.86
N ALA A 298 -6.81 8.69 17.08
CA ALA A 298 -6.22 9.68 16.19
C ALA A 298 -4.72 9.71 16.43
N CYS A 299 -3.98 9.01 15.57
CA CYS A 299 -2.57 8.74 15.77
C CYS A 299 -1.72 9.21 14.61
N PRO A 300 -0.47 9.64 14.87
CA PRO A 300 0.51 9.78 13.78
C PRO A 300 0.72 8.42 13.11
N LYS A 301 1.12 8.45 11.85
CA LYS A 301 1.34 7.23 11.09
C LYS A 301 2.68 6.58 11.46
N TYR A 302 2.68 5.25 11.61
CA TYR A 302 3.90 4.54 11.98
C TYR A 302 4.90 4.51 10.81
N VAL A 303 6.14 4.90 11.11
CA VAL A 303 7.25 4.87 10.17
C VAL A 303 8.44 4.19 10.84
N LYS A 304 9.40 3.76 10.03
CA LYS A 304 10.62 3.13 10.54
C LYS A 304 11.66 4.13 11.07
N GLN A 305 11.68 5.36 10.59
CA GLN A 305 12.70 6.34 11.02
C GLN A 305 12.41 6.75 12.47
N ASN A 306 13.43 6.91 13.29
CA ASN A 306 13.20 7.44 14.64
C ASN A 306 13.29 8.97 14.73
N THR A 307 13.75 9.61 13.66
CA THR A 307 13.76 11.07 13.58
C THR A 307 13.66 11.52 12.13
N LEU A 308 12.88 12.58 11.91
CA LEU A 308 12.83 13.28 10.64
C LEU A 308 12.63 14.76 10.90
N LYS A 309 13.56 15.56 10.40
CA LYS A 309 13.61 16.98 10.72
C LYS A 309 13.11 17.79 9.54
N LEU A 310 12.06 18.56 9.78
CA LEU A 310 11.56 19.52 8.83
C LEU A 310 12.23 20.87 9.11
N ALA A 311 13.01 21.36 8.15
CA ALA A 311 13.64 22.67 8.27
C ALA A 311 12.58 23.74 8.50
N THR A 312 12.81 24.59 9.50
CA THR A 312 11.94 25.72 9.77
C THR A 312 12.68 27.04 9.64
N GLY A 313 13.83 27.00 8.97
CA GLY A 313 14.60 28.20 8.73
C GLY A 313 15.54 28.07 7.57
N MET A 314 16.18 29.19 7.25
CA MET A 314 17.13 29.24 6.16
C MET A 314 18.42 28.50 6.51
N ARG A 315 19.25 28.40 5.50
CA ARG A 315 20.57 27.86 5.62
C ARG A 315 21.40 28.68 6.63
N ASN A 316 22.08 27.97 7.53
CA ASN A 316 22.87 28.61 8.58
C ASN A 316 24.33 28.67 8.13
N VAL A 317 24.80 29.90 7.89
CA VAL A 317 26.11 30.18 7.31
C VAL A 317 26.85 31.06 8.32
N PRO A 318 27.63 30.43 9.22
CA PRO A 318 28.44 31.25 10.14
C PRO A 318 29.59 31.98 9.42
N GLU A 319 30.08 33.06 10.01
CA GLU A 319 31.25 33.76 9.48
C GLU A 319 32.44 32.81 9.42
N LYS A 320 33.22 32.86 8.34
CA LYS A 320 34.39 31.99 8.16
C LYS A 320 35.26 31.97 9.40
N GLN A 321 35.62 30.78 9.84
CA GLN A 321 36.20 30.59 11.17
C GLN A 321 37.70 30.89 11.23
N THR A 322 38.10 31.73 12.18
CA THR A 322 39.49 32.10 12.36
C THR A 322 40.25 31.15 13.30
N ARG A 323 39.52 30.28 13.98
CA ARG A 323 40.13 29.33 14.91
C ARG A 323 40.24 27.94 14.28
N GLY B 1 21.77 27.26 -2.87
CA GLY B 1 20.37 27.30 -3.40
C GLY B 1 20.27 27.87 -4.81
N LEU B 2 19.08 27.78 -5.35
CA LEU B 2 18.81 28.15 -6.74
C LEU B 2 19.13 29.61 -7.10
N PHE B 3 19.03 30.51 -6.14
CA PHE B 3 19.24 31.94 -6.41
C PHE B 3 20.65 32.44 -6.19
N GLY B 4 21.43 31.69 -5.42
CA GLY B 4 22.85 31.99 -5.28
C GLY B 4 23.16 33.15 -4.37
N ALA B 5 22.23 33.52 -3.48
CA ALA B 5 22.49 34.61 -2.54
C ALA B 5 22.99 34.04 -1.23
N ILE B 6 22.11 33.32 -0.52
CA ILE B 6 22.50 32.71 0.75
C ILE B 6 23.48 31.59 0.46
N ALA B 7 24.63 31.64 1.15
CA ALA B 7 25.77 30.77 0.89
C ALA B 7 26.31 30.89 -0.53
N GLY B 8 26.17 32.08 -1.12
CA GLY B 8 26.58 32.34 -2.50
C GLY B 8 27.29 33.67 -2.56
N PHE B 9 26.72 34.66 -3.27
CA PHE B 9 27.39 35.96 -3.37
C PHE B 9 27.40 36.73 -2.04
N ILE B 10 26.45 36.42 -1.15
CA ILE B 10 26.54 36.85 0.25
C ILE B 10 27.38 35.84 1.00
N GLU B 11 28.55 36.30 1.44
CA GLU B 11 29.60 35.46 2.04
C GLU B 11 29.10 34.65 3.21
N ASN B 12 28.38 35.29 4.12
CA ASN B 12 27.83 34.61 5.28
C ASN B 12 26.72 35.41 5.95
N GLY B 13 26.08 34.78 6.92
CA GLY B 13 25.05 35.42 7.73
C GLY B 13 25.58 36.25 8.88
N TRP B 14 24.66 36.92 9.57
CA TRP B 14 24.97 37.79 10.67
C TRP B 14 24.39 37.22 11.96
N GLU B 15 25.24 36.68 12.82
CA GLU B 15 24.81 36.27 14.17
C GLU B 15 24.28 37.45 14.99
N GLY B 16 24.80 38.65 14.71
CA GLY B 16 24.36 39.87 15.36
C GLY B 16 22.92 40.29 15.10
N MET B 17 22.34 39.85 13.99
CA MET B 17 20.97 40.24 13.69
C MET B 17 19.96 39.34 14.39
N ILE B 18 19.48 39.81 15.53
CA ILE B 18 18.57 39.04 16.37
C ILE B 18 17.09 39.47 16.26
N ASP B 19 16.81 40.56 15.55
CA ASP B 19 15.44 41.09 15.42
C ASP B 19 14.82 40.86 14.03
N GLY B 20 15.45 40.04 13.20
CA GLY B 20 14.92 39.74 11.87
C GLY B 20 15.75 38.70 11.14
N TRP B 21 15.21 38.21 10.02
CA TRP B 21 15.85 37.16 9.23
C TRP B 21 16.72 37.72 8.13
N TYR B 22 16.30 38.85 7.56
CA TYR B 22 17.06 39.59 6.55
C TYR B 22 17.14 41.06 6.96
N GLY B 23 18.16 41.77 6.48
CA GLY B 23 18.23 43.20 6.69
C GLY B 23 19.44 43.92 6.13
N PHE B 24 19.72 45.10 6.69
CA PHE B 24 20.67 46.06 6.14
C PHE B 24 21.77 46.40 7.14
N ARG B 25 23.01 46.46 6.64
CA ARG B 25 24.12 47.10 7.35
C ARG B 25 24.68 48.22 6.49
N HIS B 26 24.95 49.36 7.12
CA HIS B 26 25.45 50.53 6.41
C HIS B 26 26.69 51.15 7.06
N GLN B 27 27.53 51.76 6.21
CA GLN B 27 28.59 52.68 6.63
C GLN B 27 28.37 54.01 5.91
N ASN B 28 28.26 55.10 6.68
CA ASN B 28 28.20 56.46 6.14
C ASN B 28 29.08 57.41 6.98
N SER B 29 28.98 58.71 6.71
CA SER B 29 29.65 59.76 7.51
C SER B 29 29.42 59.64 9.02
N GLU B 30 28.17 59.34 9.42
CA GLU B 30 27.77 59.28 10.84
C GLU B 30 28.10 57.96 11.57
N GLY B 31 28.73 57.00 10.89
CA GLY B 31 29.15 55.72 11.52
C GLY B 31 28.51 54.51 10.86
N THR B 32 28.48 53.40 11.59
CA THR B 32 27.86 52.16 11.12
C THR B 32 26.59 51.83 11.90
N GLY B 33 25.78 50.95 11.33
CA GLY B 33 24.53 50.50 11.98
C GLY B 33 23.85 49.33 11.27
N GLN B 34 22.78 48.84 11.89
CA GLN B 34 22.09 47.62 11.46
C GLN B 34 20.58 47.73 11.64
N ALA B 35 19.81 47.27 10.66
CA ALA B 35 18.36 47.13 10.82
C ALA B 35 17.78 45.94 10.04
N ALA B 36 16.81 45.28 10.66
CA ALA B 36 16.10 44.17 10.05
C ALA B 36 15.09 44.71 9.04
N ASP B 37 14.90 43.99 7.95
CA ASP B 37 13.80 44.24 7.03
C ASP B 37 12.65 43.33 7.45
N LEU B 38 11.57 43.95 7.91
CA LEU B 38 10.42 43.21 8.46
C LEU B 38 9.66 42.45 7.35
N LYS B 39 9.54 43.07 6.18
CA LYS B 39 8.70 42.53 5.09
C LYS B 39 9.22 41.20 4.55
N SER B 40 10.50 41.15 4.22
CA SER B 40 11.16 39.94 3.73
C SER B 40 11.17 38.85 4.80
N THR B 41 11.50 39.24 6.02
CA THR B 41 11.49 38.36 7.17
C THR B 41 10.14 37.68 7.34
N GLN B 42 9.07 38.47 7.27
CA GLN B 42 7.73 37.96 7.48
C GLN B 42 7.29 37.06 6.29
N ALA B 43 7.66 37.43 5.07
CA ALA B 43 7.34 36.64 3.90
C ALA B 43 7.93 35.21 3.96
N ALA B 44 9.15 35.09 4.49
CA ALA B 44 9.79 33.81 4.70
C ALA B 44 9.08 33.04 5.80
N ILE B 45 8.89 33.70 6.95
CA ILE B 45 8.24 33.10 8.10
C ILE B 45 6.82 32.62 7.76
N ASP B 46 6.06 33.45 7.03
CA ASP B 46 4.69 33.08 6.65
C ASP B 46 4.65 31.85 5.75
N GLN B 47 5.58 31.77 4.80
CA GLN B 47 5.68 30.61 3.93
C GLN B 47 6.07 29.35 4.71
N ILE B 48 7.00 29.50 5.64
CA ILE B 48 7.42 28.36 6.47
C ILE B 48 6.31 27.92 7.42
N ASN B 49 5.60 28.88 8.03
CA ASN B 49 4.44 28.54 8.86
C ASN B 49 3.37 27.84 8.05
N GLY B 50 3.17 28.29 6.82
CA GLY B 50 2.19 27.69 5.94
C GLY B 50 2.45 26.22 5.71
N LYS B 51 3.70 25.89 5.36
CA LYS B 51 4.05 24.49 5.09
C LYS B 51 4.06 23.64 6.37
N LEU B 52 4.49 24.22 7.47
CA LEU B 52 4.41 23.53 8.75
C LEU B 52 2.98 23.13 9.11
N ASN B 53 2.03 24.05 8.98
CA ASN B 53 0.62 23.75 9.27
C ASN B 53 0.00 22.76 8.28
N ARG B 54 0.46 22.77 7.04
CA ARG B 54 0.03 21.74 6.07
C ARG B 54 0.53 20.37 6.48
N VAL B 55 1.79 20.29 6.89
CA VAL B 55 2.44 19.03 7.26
C VAL B 55 1.89 18.41 8.55
N ILE B 56 1.63 19.21 9.57
CA ILE B 56 1.11 18.67 10.85
C ILE B 56 -0.42 18.59 10.92
N GLU B 57 -1.07 18.69 9.77
CA GLU B 57 -2.52 18.64 9.65
C GLU B 57 -3.00 17.23 10.02
N LYS B 58 -3.67 17.10 11.16
CA LYS B 58 -4.15 15.80 11.64
C LYS B 58 -5.20 15.18 10.70
N THR B 59 -4.89 14.01 10.14
CA THR B 59 -5.77 13.31 9.18
C THR B 59 -6.02 11.82 9.46
N ASN B 60 -5.50 11.26 10.54
CA ASN B 60 -5.50 9.80 10.67
C ASN B 60 -6.10 9.35 11.99
N GLU B 61 -7.30 8.78 11.95
CA GLU B 61 -7.94 8.21 13.11
C GLU B 61 -8.42 6.82 12.76
N LYS B 62 -7.89 5.80 13.42
CA LYS B 62 -8.19 4.41 13.12
C LYS B 62 -8.62 3.69 14.37
N PHE B 63 -9.51 2.73 14.23
CA PHE B 63 -10.05 2.04 15.38
C PHE B 63 -9.70 0.55 15.35
N HIS B 64 -10.66 -0.34 15.10
CA HIS B 64 -10.33 -1.75 14.97
C HIS B 64 -9.63 -1.98 13.63
N GLN B 65 -8.51 -2.70 13.68
CA GLN B 65 -7.64 -2.91 12.51
C GLN B 65 -7.35 -4.40 12.45
N ILE B 66 -6.19 -4.79 11.96
CA ILE B 66 -5.76 -6.20 12.03
C ILE B 66 -4.76 -6.35 13.17
N GLU B 67 -4.61 -7.57 13.64
CA GLU B 67 -3.55 -7.91 14.58
C GLU B 67 -2.19 -7.82 13.86
N LYS B 68 -1.18 -7.45 14.63
CA LYS B 68 0.15 -7.18 14.12
C LYS B 68 1.27 -7.90 14.88
N GLU B 69 0.92 -8.58 15.97
CA GLU B 69 1.80 -9.47 16.72
C GLU B 69 1.05 -10.73 16.98
N PHE B 70 1.76 -11.84 17.05
CA PHE B 70 1.16 -13.17 17.06
C PHE B 70 1.91 -14.07 18.02
N SER B 71 1.21 -14.79 18.87
CA SER B 71 1.82 -15.69 19.82
C SER B 71 1.97 -17.12 19.31
N GLU B 72 1.34 -17.44 18.18
CA GLU B 72 1.32 -18.80 17.57
C GLU B 72 1.80 -18.75 16.11
N VAL B 73 2.49 -19.79 15.67
CA VAL B 73 2.83 -19.97 14.27
C VAL B 73 1.56 -20.47 13.56
N GLU B 74 1.19 -19.81 12.46
CA GLU B 74 -0.04 -20.19 11.71
C GLU B 74 0.13 -20.42 10.21
N GLY B 75 1.13 -19.81 9.60
CA GLY B 75 1.33 -19.96 8.17
C GLY B 75 0.61 -18.90 7.37
N ARG B 76 -0.13 -19.34 6.34
CA ARG B 76 -0.57 -18.50 5.22
C ARG B 76 -1.29 -17.20 5.57
N ILE B 77 -2.29 -17.29 6.43
CA ILE B 77 -3.06 -16.10 6.81
C ILE B 77 -2.18 -15.10 7.58
N GLN B 78 -1.36 -15.60 8.50
CA GLN B 78 -0.47 -14.74 9.28
C GLN B 78 0.64 -14.14 8.41
N ASP B 79 1.15 -14.91 7.45
CA ASP B 79 2.14 -14.39 6.47
C ASP B 79 1.54 -13.17 5.78
N LEU B 80 0.27 -13.26 5.40
CA LEU B 80 -0.40 -12.19 4.67
C LEU B 80 -0.64 -10.95 5.54
N GLU B 81 -1.13 -11.18 6.74
CA GLU B 81 -1.33 -10.10 7.72
C GLU B 81 -0.03 -9.32 7.96
N LYS B 82 1.08 -10.04 8.16
CA LYS B 82 2.37 -9.38 8.38
C LYS B 82 2.87 -8.64 7.15
N TYR B 83 2.70 -9.27 5.98
CA TYR B 83 3.13 -8.68 4.71
C TYR B 83 2.34 -7.42 4.42
N VAL B 84 1.03 -7.45 4.69
CA VAL B 84 0.20 -6.26 4.49
C VAL B 84 0.73 -5.09 5.33
N GLU B 85 0.98 -5.35 6.61
CA GLU B 85 1.48 -4.31 7.52
C GLU B 85 2.87 -3.80 7.15
N ASP B 86 3.76 -4.73 6.86
CA ASP B 86 5.13 -4.37 6.50
C ASP B 86 5.16 -3.52 5.21
N THR B 87 4.34 -3.90 4.24
CA THR B 87 4.16 -3.13 2.99
C THR B 87 3.70 -1.70 3.26
N LYS B 88 2.67 -1.59 4.11
CA LYS B 88 2.14 -0.30 4.53
C LYS B 88 3.20 0.59 5.15
N ILE B 89 3.90 0.03 6.11
CA ILE B 89 4.95 0.76 6.88
C ILE B 89 6.07 1.26 5.96
N ASP B 90 6.50 0.43 5.01
CA ASP B 90 7.55 0.85 4.08
C ASP B 90 7.09 1.97 3.19
N LEU B 91 5.85 1.88 2.72
CA LEU B 91 5.30 2.94 1.88
C LEU B 91 5.16 4.26 2.65
N TRP B 92 4.68 4.20 3.89
CA TRP B 92 4.58 5.41 4.71
C TRP B 92 5.97 5.96 5.07
N SER B 93 6.93 5.07 5.36
CA SER B 93 8.30 5.50 5.68
C SER B 93 8.92 6.22 4.48
N TYR B 94 8.69 5.68 3.28
CA TYR B 94 9.11 6.35 2.04
C TYR B 94 8.45 7.72 1.89
N ASN B 95 7.14 7.78 2.08
CA ASN B 95 6.44 9.06 1.98
C ASN B 95 7.06 10.09 2.93
N ALA B 96 7.34 9.66 4.16
CA ALA B 96 7.89 10.56 5.17
C ALA B 96 9.28 11.09 4.73
N GLU B 97 10.13 10.18 4.26
CA GLU B 97 11.47 10.51 3.80
C GLU B 97 11.44 11.51 2.64
N LEU B 98 10.64 11.19 1.63
CA LEU B 98 10.48 12.07 0.47
C LEU B 98 9.94 13.44 0.90
N LEU B 99 8.92 13.44 1.76
CA LEU B 99 8.28 14.68 2.15
C LEU B 99 9.30 15.66 2.72
N VAL B 100 10.13 15.19 3.64
CA VAL B 100 11.05 16.09 4.30
C VAL B 100 12.13 16.59 3.33
N ALA B 101 12.60 15.69 2.46
CA ALA B 101 13.61 16.05 1.49
C ALA B 101 13.10 17.15 0.55
N LEU B 102 11.91 16.97 -0.01
CA LEU B 102 11.31 17.98 -0.89
C LEU B 102 11.05 19.28 -0.15
N GLU B 103 10.43 19.19 1.02
CA GLU B 103 10.11 20.38 1.82
C GLU B 103 11.37 21.18 2.13
N ASN B 104 12.44 20.48 2.51
CA ASN B 104 13.66 21.13 3.00
C ASN B 104 14.46 21.77 1.86
N GLN B 105 14.57 21.07 0.73
CA GLN B 105 15.13 21.66 -0.48
C GLN B 105 14.42 22.97 -0.83
N HIS B 106 13.09 22.91 -0.83
CA HIS B 106 12.26 24.05 -1.16
C HIS B 106 12.40 25.19 -0.14
N THR B 107 12.51 24.85 1.14
CA THR B 107 12.63 25.85 2.20
C THR B 107 13.95 26.61 2.06
N ILE B 108 15.01 25.88 1.75
CA ILE B 108 16.31 26.49 1.49
C ILE B 108 16.22 27.40 0.25
N ASP B 109 15.60 26.93 -0.82
CA ASP B 109 15.43 27.75 -2.03
C ASP B 109 14.55 28.99 -1.82
N LEU B 110 13.45 28.86 -1.07
CA LEU B 110 12.56 30.01 -0.86
C LEU B 110 13.21 31.07 0.05
N THR B 111 14.05 30.67 1.00
CA THR B 111 14.74 31.63 1.83
C THR B 111 15.83 32.33 1.03
N ASP B 112 16.55 31.56 0.23
CA ASP B 112 17.51 32.09 -0.73
C ASP B 112 16.80 33.10 -1.65
N SER B 113 15.63 32.71 -2.17
CA SER B 113 14.80 33.58 -3.00
C SER B 113 14.45 34.91 -2.33
N GLU B 114 14.04 34.86 -1.07
CA GLU B 114 13.62 36.09 -0.37
C GLU B 114 14.79 37.04 -0.18
N MET B 115 15.98 36.50 0.10
CA MET B 115 17.22 37.31 0.15
C MET B 115 17.41 38.02 -1.18
N ASN B 116 17.32 37.25 -2.26
CA ASN B 116 17.51 37.78 -3.61
C ASN B 116 16.47 38.85 -3.94
N LYS B 117 15.22 38.63 -3.55
CA LYS B 117 14.15 39.60 -3.80
C LYS B 117 14.44 40.95 -3.16
N LEU B 118 14.93 40.93 -1.92
CA LEU B 118 15.26 42.15 -1.20
C LEU B 118 16.43 42.86 -1.88
N PHE B 119 17.45 42.10 -2.24
CA PHE B 119 18.60 42.65 -2.95
C PHE B 119 18.24 43.32 -4.27
N GLU B 120 17.39 42.69 -5.07
CA GLU B 120 16.97 43.25 -6.34
C GLU B 120 16.06 44.47 -6.16
N LYS B 121 15.22 44.45 -5.12
CA LYS B 121 14.32 45.56 -4.81
C LYS B 121 15.11 46.84 -4.43
N THR B 122 16.19 46.63 -3.67
CA THR B 122 17.06 47.71 -3.21
C THR B 122 17.83 48.31 -4.40
N GLY B 123 18.46 47.44 -5.19
CA GLY B 123 19.13 47.86 -6.43
C GLY B 123 18.24 48.71 -7.33
N ARG B 124 16.99 48.30 -7.46
CA ARG B 124 16.00 49.05 -8.24
C ARG B 124 15.64 50.41 -7.65
N GLN B 125 15.54 50.50 -6.34
CA GLN B 125 15.34 51.78 -5.64
C GLN B 125 16.44 52.79 -5.96
N LEU B 126 17.67 52.32 -5.88
CA LEU B 126 18.84 53.17 -6.02
C LEU B 126 19.14 53.62 -7.45
N ARG B 127 18.49 53.04 -8.46
CA ARG B 127 18.60 53.49 -9.85
C ARG B 127 20.08 53.73 -10.21
N GLU B 128 20.45 54.93 -10.65
CA GLU B 128 21.80 55.19 -11.13
C GLU B 128 22.68 55.82 -10.06
N ASN B 129 22.21 55.83 -8.81
CA ASN B 129 22.96 56.43 -7.70
C ASN B 129 23.85 55.45 -6.93
N ALA B 130 23.95 54.21 -7.39
CA ALA B 130 24.76 53.21 -6.69
C ALA B 130 25.25 52.11 -7.61
N GLU B 131 26.24 51.35 -7.16
CA GLU B 131 26.73 50.18 -7.91
C GLU B 131 26.84 48.93 -7.05
N ASP B 132 26.48 47.80 -7.66
CA ASP B 132 26.55 46.49 -7.02
C ASP B 132 28.01 46.06 -6.90
N MET B 133 28.53 45.99 -5.68
CA MET B 133 29.92 45.52 -5.47
C MET B 133 30.12 44.02 -5.69
N GLY B 134 29.04 43.25 -5.75
CA GLY B 134 29.10 41.80 -6.03
C GLY B 134 29.11 40.87 -4.82
N ASN B 135 29.08 41.46 -3.62
CA ASN B 135 29.13 40.73 -2.34
C ASN B 135 27.89 41.03 -1.47
N GLY B 136 26.81 41.46 -2.10
CA GLY B 136 25.61 41.87 -1.40
C GLY B 136 25.60 43.32 -0.96
N CYS B 137 26.66 44.07 -1.27
CA CYS B 137 26.78 45.49 -0.88
C CYS B 137 26.74 46.45 -2.06
N PHE B 138 26.05 47.56 -1.86
CA PHE B 138 26.00 48.65 -2.83
C PHE B 138 26.94 49.76 -2.38
N LYS B 139 27.80 50.22 -3.29
CA LYS B 139 28.50 51.49 -3.10
C LYS B 139 27.54 52.59 -3.54
N ILE B 140 27.19 53.48 -2.60
CA ILE B 140 26.31 54.60 -2.85
C ILE B 140 27.23 55.81 -3.10
N TYR B 141 27.05 56.49 -4.24
CA TYR B 141 27.95 57.54 -4.68
C TYR B 141 27.44 58.95 -4.29
N HIS B 142 26.95 59.09 -3.08
CA HIS B 142 26.54 60.40 -2.58
C HIS B 142 26.49 60.43 -1.05
N LYS B 143 26.30 61.63 -0.52
CA LYS B 143 26.14 61.83 0.91
C LYS B 143 24.84 61.18 1.32
N CYS B 144 24.92 60.16 2.17
CA CYS B 144 23.73 59.47 2.66
C CYS B 144 23.79 59.38 4.18
N ASP B 145 23.32 60.46 4.78
CA ASP B 145 23.08 60.55 6.24
C ASP B 145 22.04 59.51 6.72
N ASN B 146 21.94 59.36 8.04
CA ASN B 146 21.03 58.37 8.65
C ASN B 146 19.58 58.50 8.16
N ALA B 147 19.13 59.74 7.92
CA ALA B 147 17.82 59.98 7.30
C ALA B 147 17.70 59.30 5.94
N CYS B 148 18.75 59.45 5.14
CA CYS B 148 18.81 58.92 3.77
C CYS B 148 18.82 57.37 3.77
N ILE B 149 19.54 56.77 4.71
CA ILE B 149 19.59 55.31 4.84
C ILE B 149 18.20 54.80 5.22
N GLU B 150 17.66 55.33 6.31
CA GLU B 150 16.28 55.00 6.74
C GLU B 150 15.26 55.18 5.60
N SER B 151 15.47 56.17 4.71
CA SER B 151 14.62 56.36 3.53
C SER B 151 14.70 55.21 2.54
N ILE B 152 15.89 54.65 2.36
CA ILE B 152 16.09 53.44 1.54
C ILE B 152 15.39 52.24 2.22
N ARG B 153 15.61 52.07 3.51
CA ARG B 153 15.08 50.92 4.23
C ARG B 153 13.55 50.95 4.34
N ASN B 154 12.95 52.14 4.55
CA ASN B 154 11.47 52.23 4.64
C ASN B 154 10.80 52.63 3.29
N GLY B 155 11.54 52.49 2.20
CA GLY B 155 10.98 52.60 0.86
C GLY B 155 10.64 53.99 0.35
N THR B 156 11.15 55.06 0.97
CA THR B 156 10.82 56.45 0.58
C THR B 156 11.95 57.23 -0.11
N TYR B 157 13.07 56.55 -0.41
CA TYR B 157 14.22 57.17 -1.09
C TYR B 157 13.87 57.66 -2.50
N ASP B 158 13.87 58.97 -2.69
CA ASP B 158 13.72 59.57 -4.01
C ASP B 158 15.10 59.62 -4.65
N HIS B 159 15.31 58.86 -5.71
CA HIS B 159 16.60 58.82 -6.39
C HIS B 159 16.91 60.13 -7.16
N ASP B 160 15.89 60.86 -7.60
CA ASP B 160 16.08 62.09 -8.39
C ASP B 160 16.78 63.18 -7.58
N VAL B 161 16.48 63.26 -6.29
CA VAL B 161 17.13 64.18 -5.34
C VAL B 161 18.66 64.10 -5.40
N TYR B 162 19.21 62.88 -5.34
CA TYR B 162 20.65 62.68 -5.25
C TYR B 162 21.33 62.34 -6.60
N ARG B 163 20.57 62.33 -7.69
CA ARG B 163 21.06 61.77 -8.97
C ARG B 163 22.27 62.53 -9.54
N ASP B 164 22.14 63.85 -9.69
CA ASP B 164 23.23 64.70 -10.22
C ASP B 164 24.54 64.48 -9.47
N GLU B 165 24.47 64.57 -8.14
CA GLU B 165 25.61 64.33 -7.27
C GLU B 165 26.25 62.96 -7.53
N ALA B 166 25.41 61.93 -7.67
CA ALA B 166 25.90 60.57 -7.82
C ALA B 166 26.45 60.26 -9.22
N LEU B 167 25.74 60.72 -10.25
CA LEU B 167 26.20 60.55 -11.63
C LEU B 167 27.60 61.14 -11.84
N ASN B 168 27.81 62.34 -11.29
CA ASN B 168 29.10 63.02 -11.33
C ASN B 168 30.22 62.25 -10.60
N ASN B 169 29.91 61.80 -9.38
CA ASN B 169 30.83 60.95 -8.61
C ASN B 169 31.15 59.61 -9.27
N ARG B 170 30.19 59.04 -10.00
CA ARG B 170 30.38 57.77 -10.70
C ARG B 170 31.25 57.88 -11.95
N PHE B 171 31.06 58.92 -12.77
CA PHE B 171 31.69 58.95 -14.10
C PHE B 171 32.84 59.97 -14.30
N GLN B 172 34.07 59.45 -14.38
CA GLN B 172 35.27 60.24 -14.71
C GLN B 172 35.77 59.93 -16.13
N PRO C 3 11.80 64.11 -24.86
CA PRO C 3 10.44 63.56 -24.78
C PRO C 3 10.44 62.03 -24.86
N GLY C 4 10.45 61.37 -23.70
CA GLY C 4 10.64 59.94 -23.62
C GLY C 4 9.40 59.09 -23.85
N ALA C 5 9.47 57.88 -23.31
CA ALA C 5 8.37 56.91 -23.37
C ALA C 5 8.47 55.92 -22.20
N THR C 6 7.33 55.31 -21.87
CA THR C 6 7.26 54.29 -20.82
C THR C 6 6.82 52.96 -21.44
N LEU C 7 7.49 51.87 -21.07
CA LEU C 7 7.16 50.51 -21.51
C LEU C 7 7.03 49.64 -20.27
N CYS C 8 5.79 49.28 -19.95
CA CYS C 8 5.47 48.44 -18.80
C CYS C 8 5.24 47.00 -19.21
N LEU C 9 5.95 46.08 -18.56
CA LEU C 9 5.76 44.63 -18.70
C LEU C 9 4.74 44.19 -17.68
N GLY C 10 3.88 43.25 -18.07
CA GLY C 10 2.86 42.73 -17.17
C GLY C 10 2.27 41.40 -17.57
N HIS C 11 1.24 41.02 -16.83
CA HIS C 11 0.59 39.72 -16.98
C HIS C 11 -0.91 39.88 -16.78
N HIS C 12 -1.65 38.87 -17.23
CA HIS C 12 -3.12 38.93 -17.14
C HIS C 12 -3.64 38.62 -15.74
N ALA C 13 -4.90 38.93 -15.55
CA ALA C 13 -5.63 38.59 -14.35
C ALA C 13 -7.08 38.42 -14.78
N VAL C 14 -7.89 37.84 -13.91
CA VAL C 14 -9.31 37.65 -14.16
C VAL C 14 -10.06 38.16 -12.94
N PRO C 15 -11.34 38.56 -13.13
CA PRO C 15 -12.06 39.14 -11.98
C PRO C 15 -12.42 38.10 -10.92
N ASN C 16 -12.79 36.89 -11.36
CA ASN C 16 -13.12 35.77 -10.47
C ASN C 16 -12.15 34.57 -10.65
N GLY C 17 -11.11 34.51 -9.81
CA GLY C 17 -10.12 33.40 -9.86
C GLY C 17 -10.61 32.14 -9.18
N THR C 18 -9.71 31.16 -9.00
CA THR C 18 -10.02 29.93 -8.25
C THR C 18 -8.95 29.65 -7.21
N LEU C 19 -9.42 29.13 -6.07
CA LEU C 19 -8.53 28.77 -4.96
C LEU C 19 -7.94 27.37 -5.13
N VAL C 20 -6.64 27.27 -4.95
CA VAL C 20 -5.92 26.00 -5.01
C VAL C 20 -5.03 25.87 -3.80
N LYS C 21 -4.56 24.64 -3.58
CA LYS C 21 -3.62 24.33 -2.50
C LYS C 21 -2.22 24.20 -3.07
N THR C 22 -1.24 24.60 -2.27
CA THR C 22 0.18 24.48 -2.60
C THR C 22 0.96 23.86 -1.43
N ILE C 23 2.28 23.85 -1.54
CA ILE C 23 3.16 23.46 -0.45
C ILE C 23 3.01 24.44 0.74
N THR C 24 2.98 25.73 0.44
CA THR C 24 2.99 26.77 1.48
C THR C 24 1.61 27.33 1.85
N ASP C 25 0.61 27.15 0.99
CA ASP C 25 -0.71 27.74 1.21
C ASP C 25 -1.80 26.70 1.09
N ASP C 26 -2.71 26.66 2.06
CA ASP C 26 -3.87 25.78 1.91
C ASP C 26 -4.93 26.36 0.97
N GLN C 27 -4.92 27.67 0.73
CA GLN C 27 -5.77 28.31 -0.27
C GLN C 27 -5.03 29.50 -0.85
N ILE C 28 -4.84 29.53 -2.15
CA ILE C 28 -4.29 30.69 -2.83
C ILE C 28 -4.91 30.77 -4.22
N GLU C 29 -5.07 32.00 -4.70
CA GLU C 29 -5.85 32.28 -5.89
C GLU C 29 -5.01 32.27 -7.15
N VAL C 30 -5.44 31.48 -8.13
CA VAL C 30 -4.82 31.43 -9.45
C VAL C 30 -5.89 31.75 -10.49
N THR C 31 -5.45 32.04 -11.72
CA THR C 31 -6.35 32.47 -12.78
C THR C 31 -7.34 31.38 -13.20
N ASN C 32 -6.93 30.12 -13.06
CA ASN C 32 -7.72 28.98 -13.52
C ASN C 32 -7.20 27.68 -12.92
N ALA C 33 -8.09 26.69 -12.85
CA ALA C 33 -7.73 25.36 -12.38
C ALA C 33 -8.69 24.35 -12.97
N THR C 34 -8.34 23.08 -12.84
CA THR C 34 -9.18 21.99 -13.35
C THR C 34 -9.30 20.89 -12.27
N GLU C 35 -10.45 20.24 -12.25
CA GLU C 35 -10.82 19.30 -11.21
C GLU C 35 -10.19 17.93 -11.48
N LEU C 36 -9.50 17.36 -10.50
CA LEU C 36 -8.87 16.03 -10.65
C LEU C 36 -9.67 14.89 -10.01
N VAL C 37 -10.74 15.18 -9.27
CA VAL C 37 -11.53 14.14 -8.64
C VAL C 37 -12.91 14.04 -9.29
N GLN C 38 -13.20 12.90 -9.90
CA GLN C 38 -14.53 12.63 -10.44
C GLN C 38 -15.48 12.34 -9.30
N SER C 39 -16.49 13.18 -9.10
CA SER C 39 -17.41 13.05 -7.94
C SER C 39 -18.86 12.76 -8.32
N SER C 40 -19.16 12.66 -9.61
CA SER C 40 -20.53 12.40 -10.06
C SER C 40 -20.56 11.22 -11.00
N SER C 41 -21.75 10.63 -11.10
CA SER C 41 -22.08 9.58 -12.06
C SER C 41 -23.37 9.90 -12.75
N THR C 42 -23.59 9.31 -13.94
CA THR C 42 -24.91 9.34 -14.61
C THR C 42 -25.99 8.61 -13.83
N GLY C 43 -25.61 7.64 -12.99
CA GLY C 43 -26.58 6.75 -12.34
C GLY C 43 -26.91 5.52 -13.16
N LYS C 44 -26.27 5.36 -14.32
CA LYS C 44 -26.57 4.26 -15.23
C LYS C 44 -25.28 3.52 -15.63
N ILE C 45 -25.37 2.20 -15.79
CA ILE C 45 -24.27 1.41 -16.30
C ILE C 45 -24.33 1.32 -17.83
N CYS C 46 -23.31 1.85 -18.50
CA CYS C 46 -23.24 1.80 -19.96
C CYS C 46 -22.95 0.40 -20.43
N ASN C 47 -23.71 -0.03 -21.45
CA ASN C 47 -23.61 -1.40 -21.95
C ASN C 47 -22.47 -1.66 -22.94
N ASN C 48 -21.69 -0.63 -23.27
CA ASN C 48 -20.43 -0.75 -24.04
C ASN C 48 -19.33 0.04 -23.33
N PRO C 49 -18.05 -0.30 -23.50
CA PRO C 49 -17.56 -1.39 -24.36
C PRO C 49 -17.48 -2.77 -23.71
N HIS C 50 -17.86 -2.89 -22.44
CA HIS C 50 -17.82 -4.18 -21.74
C HIS C 50 -19.12 -4.92 -21.94
N ARG C 51 -19.05 -6.23 -22.07
CA ARG C 51 -20.24 -7.09 -22.06
C ARG C 51 -20.84 -7.17 -20.64
N ILE C 52 -21.96 -6.48 -20.46
CA ILE C 52 -22.71 -6.43 -19.20
C ILE C 52 -23.80 -7.47 -19.22
N LEU C 53 -23.85 -8.33 -18.20
CA LEU C 53 -24.91 -9.29 -18.07
C LEU C 53 -25.68 -8.96 -16.81
N ASP C 54 -26.93 -8.58 -17.00
CA ASP C 54 -27.82 -8.22 -15.92
C ASP C 54 -28.41 -9.50 -15.33
N GLY C 55 -28.12 -9.78 -14.07
CA GLY C 55 -28.67 -10.94 -13.40
C GLY C 55 -30.16 -10.88 -13.15
N ILE C 56 -30.74 -9.68 -13.16
CA ILE C 56 -32.17 -9.47 -12.91
C ILE C 56 -32.56 -10.10 -11.56
N ASP C 57 -33.30 -11.20 -11.59
CA ASP C 57 -33.79 -11.91 -10.41
C ASP C 57 -32.82 -12.98 -9.92
N CYS C 58 -31.64 -13.09 -10.52
CA CYS C 58 -30.75 -14.22 -10.28
C CYS C 58 -29.37 -13.77 -9.80
N THR C 59 -28.88 -14.44 -8.77
CA THR C 59 -27.47 -14.35 -8.40
C THR C 59 -26.70 -15.19 -9.39
N LEU C 60 -25.40 -14.92 -9.50
CA LEU C 60 -24.54 -15.74 -10.34
C LEU C 60 -24.62 -17.22 -9.94
N ILE C 61 -24.62 -17.48 -8.63
CA ILE C 61 -24.62 -18.85 -8.13
C ILE C 61 -25.93 -19.58 -8.56
N ASP C 62 -27.06 -18.91 -8.49
CA ASP C 62 -28.32 -19.53 -8.91
C ASP C 62 -28.35 -19.80 -10.43
N ALA C 63 -27.75 -18.91 -11.21
CA ALA C 63 -27.60 -19.12 -12.64
C ALA C 63 -26.70 -20.31 -12.91
N LEU C 64 -25.62 -20.40 -12.14
CA LEU C 64 -24.67 -21.53 -12.23
C LEU C 64 -25.37 -22.86 -11.93
N LEU C 65 -26.05 -22.95 -10.79
CA LEU C 65 -26.68 -24.21 -10.39
C LEU C 65 -27.81 -24.59 -11.33
N GLY C 66 -28.52 -23.59 -11.84
CA GLY C 66 -29.65 -23.80 -12.74
C GLY C 66 -30.98 -23.83 -12.03
N ASP C 67 -31.17 -22.90 -11.09
CA ASP C 67 -32.49 -22.55 -10.54
C ASP C 67 -33.40 -22.25 -11.76
N PRO C 68 -34.61 -22.87 -11.84
CA PRO C 68 -35.42 -22.76 -13.08
C PRO C 68 -35.71 -21.34 -13.55
N HIS C 69 -36.02 -20.41 -12.64
CA HIS C 69 -36.23 -19.02 -13.06
C HIS C 69 -34.96 -18.35 -13.57
N CYS C 70 -33.80 -19.01 -13.42
CA CYS C 70 -32.53 -18.54 -13.98
C CYS C 70 -32.06 -19.31 -15.22
N ASP C 71 -32.91 -20.17 -15.77
CA ASP C 71 -32.54 -20.98 -16.96
C ASP C 71 -32.13 -20.16 -18.16
N VAL C 72 -32.66 -18.95 -18.29
CA VAL C 72 -32.29 -18.04 -19.36
C VAL C 72 -30.80 -17.72 -19.39
N PHE C 73 -30.09 -17.88 -18.27
CA PHE C 73 -28.66 -17.64 -18.22
C PHE C 73 -27.76 -18.81 -18.65
N GLN C 74 -28.35 -19.96 -19.02
CA GLN C 74 -27.56 -21.10 -19.45
C GLN C 74 -26.54 -20.72 -20.49
N ASN C 75 -25.29 -21.15 -20.29
CA ASN C 75 -24.20 -20.88 -21.24
C ASN C 75 -23.90 -19.39 -21.50
N GLU C 76 -24.34 -18.50 -20.64
CA GLU C 76 -24.07 -17.07 -20.83
C GLU C 76 -22.60 -16.73 -20.58
N THR C 77 -22.19 -15.57 -21.07
CA THR C 77 -20.86 -15.04 -20.83
C THR C 77 -21.00 -13.57 -20.46
N TRP C 78 -19.92 -13.01 -19.89
CA TRP C 78 -19.91 -11.62 -19.46
C TRP C 78 -18.47 -11.13 -19.27
N ASP C 79 -18.32 -9.82 -19.37
CA ASP C 79 -17.20 -9.13 -18.76
C ASP C 79 -17.57 -8.73 -17.32
N LEU C 80 -18.78 -8.23 -17.11
CA LEU C 80 -19.26 -7.86 -15.78
C LEU C 80 -20.67 -8.41 -15.56
N PHE C 81 -20.79 -9.36 -14.64
CA PHE C 81 -22.08 -9.85 -14.20
C PHE C 81 -22.58 -8.88 -13.11
N VAL C 82 -23.81 -8.39 -13.25
CA VAL C 82 -24.39 -7.46 -12.31
C VAL C 82 -25.48 -8.14 -11.48
N GLU C 83 -25.25 -8.29 -10.19
CA GLU C 83 -26.23 -8.89 -9.30
C GLU C 83 -27.08 -7.81 -8.66
N ARG C 84 -28.40 -8.02 -8.66
CA ARG C 84 -29.37 -7.03 -8.16
C ARG C 84 -29.82 -7.35 -6.75
N SER C 85 -30.16 -6.33 -5.97
CA SER C 85 -30.64 -6.58 -4.59
C SER C 85 -32.01 -7.26 -4.55
N LYS C 86 -32.79 -7.19 -5.62
CA LYS C 86 -34.04 -7.95 -5.73
C LYS C 86 -33.88 -9.46 -6.06
N ALA C 87 -32.66 -9.96 -6.28
CA ALA C 87 -32.50 -11.37 -6.65
C ALA C 87 -33.05 -12.27 -5.56
N PHE C 88 -33.64 -13.39 -5.98
CA PHE C 88 -34.16 -14.38 -5.04
C PHE C 88 -33.83 -15.78 -5.54
N SER C 89 -33.78 -16.72 -4.62
CA SER C 89 -33.66 -18.15 -4.94
C SER C 89 -35.06 -18.74 -4.94
N ASN C 90 -35.31 -19.71 -5.83
CA ASN C 90 -36.61 -20.37 -5.91
C ASN C 90 -36.50 -21.85 -6.30
N CYS C 91 -35.55 -22.54 -5.66
CA CYS C 91 -35.31 -23.95 -5.94
C CYS C 91 -35.09 -24.63 -4.58
N TYR C 92 -34.40 -25.76 -4.52
CA TYR C 92 -34.19 -26.44 -3.24
C TYR C 92 -33.38 -25.50 -2.32
N PRO C 93 -33.75 -25.38 -1.03
CA PRO C 93 -32.93 -24.54 -0.17
C PRO C 93 -31.54 -25.13 -0.01
N TYR C 94 -30.53 -24.28 -0.05
CA TYR C 94 -29.15 -24.70 -0.12
C TYR C 94 -28.21 -23.73 0.56
N ASP C 95 -27.03 -24.23 0.90
CA ASP C 95 -25.92 -23.39 1.28
C ASP C 95 -24.67 -23.80 0.52
N VAL C 96 -23.73 -22.87 0.44
CA VAL C 96 -22.44 -23.11 -0.16
C VAL C 96 -21.38 -22.74 0.86
N PRO C 97 -20.74 -23.73 1.50
CA PRO C 97 -19.58 -23.37 2.33
C PRO C 97 -18.54 -22.70 1.43
N ASP C 98 -18.00 -21.58 1.86
CA ASP C 98 -17.15 -20.80 0.94
C ASP C 98 -17.88 -20.35 -0.35
N TYR C 99 -19.15 -19.97 -0.18
CA TYR C 99 -19.93 -19.25 -1.20
C TYR C 99 -19.09 -18.17 -1.91
N ALA C 100 -18.45 -17.32 -1.12
CA ALA C 100 -17.70 -16.20 -1.66
C ALA C 100 -16.61 -16.65 -2.67
N SER C 101 -15.91 -17.74 -2.38
CA SER C 101 -14.88 -18.24 -3.31
C SER C 101 -15.47 -18.80 -4.60
N LEU C 102 -16.59 -19.52 -4.50
CA LEU C 102 -17.22 -20.10 -5.68
C LEU C 102 -17.73 -18.99 -6.57
N ARG C 103 -18.40 -18.01 -5.96
CA ARG C 103 -18.88 -16.84 -6.69
C ARG C 103 -17.74 -16.11 -7.37
N SER C 104 -16.63 -15.93 -6.64
CA SER C 104 -15.46 -15.26 -7.20
C SER C 104 -14.85 -15.98 -8.40
N LEU C 105 -14.60 -17.28 -8.26
CA LEU C 105 -13.93 -18.00 -9.32
C LEU C 105 -14.81 -18.10 -10.57
N VAL C 106 -16.13 -18.23 -10.40
CA VAL C 106 -17.00 -18.29 -11.56
C VAL C 106 -17.07 -16.89 -12.20
N ALA C 107 -17.28 -15.85 -11.38
CA ALA C 107 -17.31 -14.47 -11.87
C ALA C 107 -16.10 -14.16 -12.73
N SER C 108 -14.94 -14.57 -12.24
CA SER C 108 -13.67 -14.29 -12.87
C SER C 108 -13.45 -15.12 -14.15
N SER C 109 -14.02 -16.31 -14.19
CA SER C 109 -14.00 -17.14 -15.39
C SER C 109 -14.82 -16.51 -16.54
N GLY C 110 -15.93 -15.85 -16.22
CA GLY C 110 -16.68 -15.10 -17.22
C GLY C 110 -17.61 -15.89 -18.12
N THR C 111 -17.85 -17.15 -17.77
CA THR C 111 -18.72 -18.01 -18.57
C THR C 111 -19.44 -19.07 -17.72
N LEU C 112 -20.63 -19.43 -18.15
CA LEU C 112 -21.40 -20.56 -17.62
C LEU C 112 -21.54 -21.68 -18.66
N GLU C 113 -20.64 -21.71 -19.63
CA GLU C 113 -20.63 -22.74 -20.66
C GLU C 113 -20.53 -24.09 -20.00
N PHE C 114 -21.52 -24.92 -20.24
CA PHE C 114 -21.66 -26.22 -19.59
C PHE C 114 -21.62 -27.33 -20.63
N ILE C 115 -20.83 -28.36 -20.36
CA ILE C 115 -20.67 -29.49 -21.25
C ILE C 115 -21.16 -30.73 -20.49
N THR C 116 -22.21 -31.35 -21.01
CA THR C 116 -22.80 -32.53 -20.39
C THR C 116 -21.88 -33.73 -20.63
N GLU C 117 -21.71 -34.55 -19.60
CA GLU C 117 -20.87 -35.75 -19.70
C GLU C 117 -21.73 -36.97 -19.35
N GLY C 118 -21.40 -38.10 -19.96
CA GLY C 118 -22.14 -39.34 -19.77
C GLY C 118 -21.71 -40.10 -18.53
N PHE C 119 -22.02 -39.57 -17.35
CA PHE C 119 -21.82 -40.30 -16.12
C PHE C 119 -22.77 -41.50 -16.10
N THR C 120 -22.25 -42.65 -15.66
CA THR C 120 -23.03 -43.86 -15.49
C THR C 120 -23.28 -44.06 -13.99
N TRP C 121 -24.53 -43.95 -13.58
CA TRP C 121 -24.94 -44.12 -12.19
C TRP C 121 -25.67 -45.45 -12.07
N THR C 122 -24.92 -46.51 -11.76
CA THR C 122 -25.46 -47.86 -11.78
C THR C 122 -26.27 -48.20 -10.52
N GLY C 123 -27.53 -48.59 -10.71
CA GLY C 123 -28.41 -49.06 -9.65
C GLY C 123 -29.12 -48.01 -8.82
N VAL C 124 -29.18 -46.78 -9.33
CA VAL C 124 -29.90 -45.68 -8.67
C VAL C 124 -30.88 -45.04 -9.63
N THR C 125 -31.82 -44.31 -9.04
CA THR C 125 -32.78 -43.54 -9.79
C THR C 125 -32.22 -42.16 -9.99
N GLN C 126 -32.30 -41.64 -11.22
CA GLN C 126 -31.81 -40.31 -11.56
C GLN C 126 -32.94 -39.28 -11.58
N ASN C 127 -32.55 -38.01 -11.71
CA ASN C 127 -33.48 -36.90 -11.99
C ASN C 127 -34.51 -36.59 -10.90
N GLY C 128 -34.15 -36.79 -9.65
CA GLY C 128 -35.01 -36.40 -8.52
C GLY C 128 -35.34 -34.91 -8.54
N GLY C 129 -36.53 -34.58 -8.05
CA GLY C 129 -36.99 -33.19 -7.97
C GLY C 129 -37.83 -32.90 -6.74
N SER C 130 -38.23 -31.64 -6.63
CA SER C 130 -38.98 -31.14 -5.47
C SER C 130 -39.99 -30.11 -5.92
N ASN C 131 -41.08 -29.99 -5.17
CA ASN C 131 -42.03 -28.91 -5.39
C ASN C 131 -41.52 -27.56 -4.88
N ALA C 132 -40.40 -27.57 -4.15
CA ALA C 132 -39.71 -26.32 -3.82
C ALA C 132 -38.94 -25.78 -5.05
N CYS C 133 -38.81 -26.57 -6.12
CA CYS C 133 -38.08 -26.18 -7.29
C CYS C 133 -38.83 -26.57 -8.56
N LYS C 134 -39.98 -25.92 -8.74
CA LYS C 134 -40.84 -26.20 -9.88
C LYS C 134 -40.25 -25.70 -11.19
N ARG C 135 -40.42 -26.55 -12.20
CA ARG C 135 -39.97 -26.35 -13.55
C ARG C 135 -41.20 -26.72 -14.39
N GLY C 136 -41.86 -25.72 -14.97
CA GLY C 136 -43.22 -25.87 -15.46
C GLY C 136 -44.13 -26.10 -14.25
N PRO C 137 -45.22 -26.86 -14.43
CA PRO C 137 -46.15 -27.09 -13.29
C PRO C 137 -45.68 -28.16 -12.30
N GLY C 138 -44.75 -29.02 -12.72
CA GLY C 138 -44.30 -30.15 -11.90
C GLY C 138 -43.00 -29.95 -11.16
N SER C 139 -42.69 -30.90 -10.28
CA SER C 139 -41.51 -30.81 -9.45
C SER C 139 -40.27 -30.84 -10.35
N GLY C 140 -39.21 -30.20 -9.86
CA GLY C 140 -38.00 -30.11 -10.63
C GLY C 140 -36.80 -29.89 -9.75
N PHE C 141 -35.71 -29.48 -10.39
CA PHE C 141 -34.44 -29.39 -9.70
C PHE C 141 -33.50 -28.48 -10.45
N PHE C 142 -32.38 -28.17 -9.80
CA PHE C 142 -31.29 -27.46 -10.44
C PHE C 142 -30.94 -28.18 -11.75
N SER C 143 -30.90 -27.44 -12.85
CA SER C 143 -30.66 -28.04 -14.17
C SER C 143 -29.31 -28.74 -14.30
N ARG C 144 -28.28 -28.27 -13.60
CA ARG C 144 -26.93 -28.83 -13.75
C ARG C 144 -26.58 -29.95 -12.75
N LEU C 145 -27.54 -30.31 -11.90
CA LEU C 145 -27.34 -31.30 -10.88
C LEU C 145 -28.36 -32.44 -11.06
N ASN C 146 -27.96 -33.63 -10.61
CA ASN C 146 -28.74 -34.86 -10.82
C ASN C 146 -28.94 -35.51 -9.45
N TRP C 147 -30.16 -35.41 -8.92
CA TRP C 147 -30.48 -35.93 -7.59
C TRP C 147 -30.68 -37.43 -7.72
N LEU C 148 -29.77 -38.20 -7.14
CA LEU C 148 -29.82 -39.66 -7.19
C LEU C 148 -30.50 -40.19 -5.94
N THR C 149 -31.38 -41.17 -6.14
CA THR C 149 -32.05 -41.88 -5.04
C THR C 149 -32.05 -43.39 -5.34
N LYS C 150 -32.53 -44.18 -4.38
CA LYS C 150 -32.61 -45.63 -4.55
C LYS C 150 -33.38 -46.08 -5.81
N SER C 151 -32.99 -47.24 -6.34
CA SER C 151 -33.73 -47.96 -7.38
C SER C 151 -34.23 -49.25 -6.76
N GLY C 152 -35.54 -49.45 -6.80
CA GLY C 152 -36.18 -50.49 -6.01
C GLY C 152 -35.95 -50.31 -4.52
N SER C 153 -35.31 -51.27 -3.88
CA SER C 153 -35.07 -51.25 -2.44
C SER C 153 -33.57 -51.13 -2.08
N THR C 154 -32.73 -50.76 -3.05
CA THR C 154 -31.29 -50.65 -2.84
C THR C 154 -30.69 -49.34 -3.40
N TYR C 155 -29.65 -48.85 -2.74
CA TYR C 155 -28.79 -47.78 -3.26
C TYR C 155 -27.38 -48.35 -3.10
N PRO C 156 -26.76 -48.82 -4.18
CA PRO C 156 -25.43 -49.42 -4.05
C PRO C 156 -24.35 -48.34 -3.91
N VAL C 157 -23.14 -48.78 -3.58
CA VAL C 157 -22.00 -47.89 -3.52
C VAL C 157 -21.74 -47.39 -4.94
N LEU C 158 -21.84 -46.09 -5.15
CA LEU C 158 -21.49 -45.50 -6.45
C LEU C 158 -19.99 -45.22 -6.48
N ASN C 159 -19.38 -45.59 -7.59
CA ASN C 159 -17.96 -45.39 -7.79
C ASN C 159 -17.73 -45.14 -9.27
N VAL C 160 -17.61 -43.86 -9.64
CA VAL C 160 -17.47 -43.47 -11.05
C VAL C 160 -16.31 -42.53 -11.25
N THR C 161 -15.90 -42.43 -12.51
CA THR C 161 -14.78 -41.64 -12.91
C THR C 161 -15.07 -40.81 -14.14
N MET C 162 -14.37 -39.68 -14.27
CA MET C 162 -14.37 -38.92 -15.49
C MET C 162 -12.98 -38.34 -15.68
N PRO C 163 -12.20 -38.87 -16.64
CA PRO C 163 -10.89 -38.27 -16.86
C PRO C 163 -11.01 -36.98 -17.64
N ASN C 164 -10.06 -36.08 -17.44
CA ASN C 164 -9.95 -34.88 -18.25
C ASN C 164 -8.87 -35.13 -19.30
N ASN C 165 -9.30 -35.49 -20.50
CA ASN C 165 -8.39 -35.63 -21.63
C ASN C 165 -8.44 -34.41 -22.55
N ASP C 166 -9.01 -33.31 -22.08
CA ASP C 166 -8.97 -32.05 -22.83
C ASP C 166 -7.73 -31.27 -22.42
N ASN C 167 -7.52 -30.15 -23.08
CA ASN C 167 -6.41 -29.25 -22.76
C ASN C 167 -6.82 -27.99 -21.98
N PHE C 168 -7.99 -28.02 -21.35
CA PHE C 168 -8.52 -26.91 -20.53
C PHE C 168 -8.93 -27.47 -19.16
N ASP C 169 -9.09 -26.60 -18.17
CA ASP C 169 -9.59 -27.02 -16.86
C ASP C 169 -11.10 -27.18 -16.84
N LYS C 170 -11.56 -28.20 -16.12
CA LYS C 170 -12.97 -28.45 -15.91
C LYS C 170 -13.38 -28.05 -14.48
N LEU C 171 -14.48 -27.30 -14.35
CA LEU C 171 -15.11 -27.02 -13.06
C LEU C 171 -16.35 -27.92 -12.88
N TYR C 172 -16.33 -28.77 -11.86
CA TYR C 172 -17.47 -29.58 -11.50
C TYR C 172 -18.18 -29.05 -10.26
N ILE C 173 -19.50 -28.88 -10.37
CA ILE C 173 -20.33 -28.50 -9.24
C ILE C 173 -21.14 -29.71 -8.81
N TRP C 174 -21.11 -30.02 -7.53
CA TRP C 174 -21.82 -31.16 -6.97
C TRP C 174 -22.34 -30.79 -5.60
N GLY C 175 -23.04 -31.71 -4.97
CA GLY C 175 -23.55 -31.44 -3.66
C GLY C 175 -23.91 -32.63 -2.83
N VAL C 176 -24.46 -32.34 -1.66
CA VAL C 176 -24.82 -33.30 -0.67
C VAL C 176 -26.20 -32.94 -0.11
N HIS C 177 -27.09 -33.91 -0.04
CA HIS C 177 -28.42 -33.69 0.50
C HIS C 177 -28.45 -34.00 1.99
N HIS C 178 -29.01 -33.08 2.76
CA HIS C 178 -29.20 -33.20 4.21
C HIS C 178 -30.66 -33.44 4.48
N PRO C 179 -31.06 -34.70 4.75
CA PRO C 179 -32.47 -34.96 5.01
C PRO C 179 -32.94 -34.41 6.36
N SER C 180 -34.25 -34.20 6.45
CA SER C 180 -34.89 -33.64 7.65
C SER C 180 -35.01 -34.67 8.79
N THR C 181 -35.20 -35.93 8.44
CA THR C 181 -35.44 -37.03 9.40
C THR C 181 -34.74 -38.32 8.96
N ASN C 182 -34.62 -39.26 9.89
CA ASN C 182 -34.12 -40.61 9.59
C ASN C 182 -35.01 -41.35 8.58
N GLN C 183 -36.31 -41.12 8.66
CA GLN C 183 -37.25 -41.73 7.72
C GLN C 183 -36.93 -41.26 6.29
N ASP C 184 -36.75 -39.96 6.13
CA ASP C 184 -36.33 -39.34 4.86
C ASP C 184 -35.01 -39.96 4.32
N GLN C 185 -34.01 -40.05 5.19
CA GLN C 185 -32.71 -40.63 4.84
C GLN C 185 -32.84 -42.04 4.29
N THR C 186 -33.49 -42.93 5.04
CA THR C 186 -33.56 -44.35 4.65
C THR C 186 -34.52 -44.54 3.49
N SER C 187 -35.59 -43.77 3.50
CA SER C 187 -36.54 -43.77 2.40
C SER C 187 -35.87 -43.43 1.06
N LEU C 188 -34.98 -42.45 1.05
CA LEU C 188 -34.30 -42.03 -0.20
C LEU C 188 -33.06 -42.83 -0.56
N TYR C 189 -32.25 -43.16 0.45
CA TYR C 189 -30.92 -43.73 0.23
C TYR C 189 -30.66 -45.10 0.82
N VAL C 190 -31.64 -45.66 1.54
CA VAL C 190 -31.56 -46.99 2.20
C VAL C 190 -30.61 -46.98 3.39
N GLN C 191 -29.33 -46.72 3.14
CA GLN C 191 -28.33 -46.63 4.21
C GLN C 191 -28.73 -45.54 5.20
N ALA C 192 -28.50 -45.79 6.48
CA ALA C 192 -28.89 -44.89 7.57
C ALA C 192 -28.03 -43.62 7.63
N SER C 193 -26.82 -43.71 7.08
CA SER C 193 -25.94 -42.56 6.98
C SER C 193 -25.19 -42.59 5.65
N GLY C 194 -25.24 -41.48 4.92
CA GLY C 194 -24.56 -41.34 3.64
C GLY C 194 -23.14 -40.82 3.76
N ARG C 195 -22.53 -40.60 2.60
CA ARG C 195 -21.15 -40.13 2.50
C ARG C 195 -20.88 -39.78 1.04
N VAL C 196 -20.24 -38.64 0.80
CA VAL C 196 -19.81 -38.23 -0.51
C VAL C 196 -18.32 -37.92 -0.47
N THR C 197 -17.56 -38.63 -1.30
CA THR C 197 -16.13 -38.38 -1.47
C THR C 197 -15.86 -38.09 -2.94
N VAL C 198 -15.39 -36.88 -3.21
CA VAL C 198 -15.01 -36.46 -4.55
C VAL C 198 -13.52 -36.11 -4.54
N SER C 199 -12.78 -36.72 -5.46
CA SER C 199 -11.34 -36.59 -5.46
C SER C 199 -10.73 -36.44 -6.84
N THR C 200 -9.54 -35.87 -6.87
CA THR C 200 -8.61 -35.90 -8.00
C THR C 200 -7.33 -36.63 -7.56
N ARG C 201 -6.32 -36.70 -8.41
CA ARG C 201 -5.05 -37.34 -8.00
C ARG C 201 -4.43 -36.71 -6.76
N ARG C 202 -4.44 -35.39 -6.72
CA ARG C 202 -3.77 -34.57 -5.71
C ARG C 202 -4.59 -34.26 -4.46
N SER C 203 -5.93 -34.20 -4.61
CA SER C 203 -6.78 -33.69 -3.53
C SER C 203 -8.12 -34.42 -3.42
N GLN C 204 -8.81 -34.16 -2.32
CA GLN C 204 -10.06 -34.85 -2.00
C GLN C 204 -10.92 -34.05 -1.03
N GLN C 205 -12.24 -34.21 -1.12
CA GLN C 205 -13.19 -33.67 -0.12
C GLN C 205 -14.11 -34.81 0.27
N THR C 206 -14.30 -35.05 1.57
CA THR C 206 -15.37 -35.96 2.03
C THR C 206 -16.33 -35.21 2.91
N ILE C 207 -17.61 -35.36 2.62
CA ILE C 207 -18.67 -34.67 3.29
C ILE C 207 -19.63 -35.72 3.85
N ILE C 208 -19.87 -35.65 5.17
CA ILE C 208 -20.87 -36.47 5.85
C ILE C 208 -22.15 -35.65 5.94
N PRO C 209 -23.29 -36.19 5.46
CA PRO C 209 -24.55 -35.49 5.67
C PRO C 209 -24.97 -35.48 7.13
N ASN C 210 -25.80 -34.50 7.45
CA ASN C 210 -26.29 -34.27 8.79
C ASN C 210 -27.81 -34.24 8.74
N ILE C 211 -28.44 -35.21 9.41
CA ILE C 211 -29.88 -35.35 9.40
C ILE C 211 -30.43 -34.44 10.48
N GLY C 212 -31.54 -33.74 10.21
CA GLY C 212 -32.18 -32.84 11.17
C GLY C 212 -32.88 -31.65 10.56
N SER C 213 -33.56 -30.87 11.40
CA SER C 213 -34.36 -29.74 10.91
C SER C 213 -33.54 -28.46 10.82
N ARG C 214 -33.72 -27.75 9.72
CA ARG C 214 -33.30 -26.38 9.54
C ARG C 214 -34.61 -25.58 9.39
N PRO C 215 -34.53 -24.24 9.40
CA PRO C 215 -35.75 -23.49 9.20
C PRO C 215 -36.44 -23.81 7.88
N TRP C 216 -37.75 -23.82 7.96
CA TRP C 216 -38.63 -24.02 6.82
C TRP C 216 -38.29 -23.00 5.72
N VAL C 217 -37.98 -23.49 4.53
CA VAL C 217 -37.84 -22.65 3.33
C VAL C 217 -38.56 -23.39 2.21
N ARG C 218 -39.56 -22.75 1.63
CA ARG C 218 -40.39 -23.33 0.57
C ARG C 218 -40.87 -24.75 0.88
N GLY C 219 -41.27 -24.97 2.13
CA GLY C 219 -41.85 -26.23 2.56
C GLY C 219 -40.89 -27.24 3.14
N LEU C 220 -39.61 -26.89 3.24
CA LEU C 220 -38.58 -27.87 3.55
C LEU C 220 -37.71 -27.44 4.72
N SER C 221 -37.49 -28.41 5.60
CA SER C 221 -36.52 -28.31 6.67
C SER C 221 -35.21 -29.00 6.29
N SER C 222 -35.21 -29.68 5.14
CA SER C 222 -34.01 -30.29 4.59
C SER C 222 -33.19 -29.24 3.86
N ARG C 223 -31.99 -29.62 3.42
CA ARG C 223 -31.07 -28.72 2.69
C ARG C 223 -30.18 -29.50 1.74
N ILE C 224 -29.59 -28.76 0.79
CA ILE C 224 -28.50 -29.24 -0.02
C ILE C 224 -27.29 -28.34 0.22
N SER C 225 -26.10 -28.94 0.33
CA SER C 225 -24.86 -28.20 0.41
C SER C 225 -24.08 -28.40 -0.86
N ILE C 226 -23.52 -27.30 -1.38
CA ILE C 226 -22.90 -27.24 -2.67
C ILE C 226 -21.37 -27.12 -2.53
N TYR C 227 -20.67 -27.95 -3.30
CA TYR C 227 -19.21 -28.01 -3.33
C TYR C 227 -18.74 -27.98 -4.78
N TRP C 228 -17.44 -27.77 -4.95
CA TRP C 228 -16.85 -27.71 -6.29
C TRP C 228 -15.45 -28.34 -6.34
N THR C 229 -15.08 -28.81 -7.53
CA THR C 229 -13.80 -29.47 -7.76
C THR C 229 -13.31 -29.10 -9.15
N ILE C 230 -12.09 -28.61 -9.25
CA ILE C 230 -11.47 -28.31 -10.53
C ILE C 230 -10.56 -29.46 -10.93
N VAL C 231 -10.70 -29.92 -12.16
CA VAL C 231 -9.90 -31.03 -12.69
C VAL C 231 -9.06 -30.50 -13.84
N LYS C 232 -7.73 -30.55 -13.68
CA LYS C 232 -6.80 -30.05 -14.70
C LYS C 232 -6.57 -31.11 -15.78
N PRO C 233 -6.05 -30.70 -16.96
CA PRO C 233 -5.70 -31.65 -18.02
C PRO C 233 -4.77 -32.75 -17.50
N GLY C 234 -5.09 -33.98 -17.86
CA GLY C 234 -4.32 -35.15 -17.44
C GLY C 234 -4.74 -35.72 -16.11
N ASP C 235 -5.59 -35.01 -15.36
CA ASP C 235 -6.05 -35.48 -14.07
C ASP C 235 -7.42 -36.16 -14.28
N VAL C 236 -8.02 -36.66 -13.22
CA VAL C 236 -9.22 -37.47 -13.30
C VAL C 236 -10.11 -37.16 -12.08
N LEU C 237 -11.42 -37.07 -12.31
CA LEU C 237 -12.39 -36.94 -11.22
C LEU C 237 -12.82 -38.33 -10.80
N VAL C 238 -12.95 -38.55 -9.50
CA VAL C 238 -13.57 -39.77 -9.00
C VAL C 238 -14.62 -39.36 -7.97
N ILE C 239 -15.80 -39.93 -8.11
CA ILE C 239 -16.91 -39.67 -7.19
C ILE C 239 -17.30 -41.01 -6.58
N ASN C 240 -17.41 -41.00 -5.26
CA ASN C 240 -17.64 -42.21 -4.49
C ASN C 240 -18.67 -41.92 -3.42
N SER C 241 -19.76 -42.67 -3.38
CA SER C 241 -20.86 -42.37 -2.46
C SER C 241 -21.74 -43.58 -2.23
N ASN C 242 -22.23 -43.73 -1.01
CA ASN C 242 -23.22 -44.74 -0.67
C ASN C 242 -24.52 -44.07 -0.22
N GLY C 243 -24.73 -42.83 -0.63
CA GLY C 243 -25.94 -42.11 -0.31
C GLY C 243 -25.72 -40.62 -0.24
N ASN C 244 -26.79 -39.88 -0.60
CA ASN C 244 -26.92 -38.43 -0.40
C ASN C 244 -26.16 -37.58 -1.45
N LEU C 245 -25.62 -38.23 -2.48
CA LEU C 245 -24.90 -37.54 -3.55
C LEU C 245 -25.90 -36.72 -4.39
N ILE C 246 -25.60 -35.44 -4.58
CA ILE C 246 -26.23 -34.64 -5.61
C ILE C 246 -25.20 -34.50 -6.70
N ALA C 247 -25.38 -35.26 -7.78
CA ALA C 247 -24.31 -35.50 -8.76
C ALA C 247 -24.20 -34.41 -9.82
N PRO C 248 -23.00 -34.17 -10.35
CA PRO C 248 -22.84 -33.27 -11.49
C PRO C 248 -23.37 -33.94 -12.75
N ARG C 249 -23.87 -33.15 -13.69
CA ARG C 249 -24.24 -33.65 -15.03
C ARG C 249 -23.14 -33.46 -16.05
N GLY C 250 -22.05 -32.83 -15.64
CA GLY C 250 -20.98 -32.44 -16.55
C GLY C 250 -20.14 -31.36 -15.89
N TYR C 251 -19.48 -30.55 -16.69
CA TYR C 251 -18.57 -29.54 -16.18
C TYR C 251 -18.78 -28.20 -16.85
N PHE C 252 -18.30 -27.17 -16.16
CA PHE C 252 -18.25 -25.83 -16.70
C PHE C 252 -16.85 -25.62 -17.25
N LYS C 253 -16.79 -25.03 -18.43
CA LYS C 253 -15.54 -24.66 -19.03
C LYS C 253 -15.00 -23.41 -18.32
N MET C 254 -13.76 -23.45 -17.87
CA MET C 254 -13.14 -22.30 -17.23
C MET C 254 -12.31 -21.50 -18.18
N ARG C 255 -12.33 -20.19 -18.01
CA ARG C 255 -11.43 -19.28 -18.73
C ARG C 255 -10.71 -18.37 -17.76
N THR C 256 -9.71 -17.67 -18.25
CA THR C 256 -9.05 -16.63 -17.50
C THR C 256 -9.16 -15.39 -18.39
N GLY C 257 -9.25 -14.22 -17.75
CA GLY C 257 -9.43 -12.98 -18.50
C GLY C 257 -9.92 -11.86 -17.61
N LYS C 258 -10.66 -10.94 -18.20
CA LYS C 258 -11.04 -9.68 -17.56
C LYS C 258 -12.39 -9.71 -16.82
N SER C 259 -13.00 -10.88 -16.69
CA SER C 259 -14.37 -10.94 -16.17
C SER C 259 -14.46 -10.69 -14.66
N SER C 260 -15.55 -10.09 -14.22
CA SER C 260 -15.82 -9.91 -12.78
C SER C 260 -17.33 -9.86 -12.51
N ILE C 261 -17.67 -9.46 -11.28
CA ILE C 261 -19.05 -9.37 -10.82
C ILE C 261 -19.18 -8.13 -9.93
N MET C 262 -20.35 -7.50 -9.97
CA MET C 262 -20.62 -6.31 -9.17
C MET C 262 -22.05 -6.33 -8.66
N ARG C 263 -22.22 -5.91 -7.41
CA ARG C 263 -23.54 -5.67 -6.83
C ARG C 263 -23.96 -4.23 -7.12
N SER C 264 -25.06 -4.07 -7.83
CA SER C 264 -25.55 -2.74 -8.21
C SER C 264 -27.01 -2.81 -8.58
N ASP C 265 -27.73 -1.74 -8.24
CA ASP C 265 -29.10 -1.58 -8.71
C ASP C 265 -29.22 -0.53 -9.79
N ALA C 266 -28.10 -0.06 -10.34
CA ALA C 266 -28.16 0.96 -11.38
C ALA C 266 -28.70 0.35 -12.67
N PRO C 267 -29.61 1.04 -13.36
CA PRO C 267 -30.10 0.49 -14.63
C PRO C 267 -29.02 0.49 -15.71
N ILE C 268 -29.16 -0.42 -16.67
CA ILE C 268 -28.24 -0.51 -17.81
C ILE C 268 -28.76 0.36 -18.93
N ASP C 269 -27.88 1.09 -19.60
CA ASP C 269 -28.25 2.02 -20.65
C ASP C 269 -27.36 1.81 -21.88
N THR C 270 -27.80 2.32 -23.03
CA THR C 270 -26.99 2.21 -24.25
C THR C 270 -26.11 3.47 -24.31
N CYS C 271 -24.85 3.30 -23.93
CA CYS C 271 -23.86 4.37 -23.96
C CYS C 271 -22.47 3.71 -23.88
N ILE C 272 -21.41 4.53 -23.87
CA ILE C 272 -20.04 4.03 -23.86
C ILE C 272 -19.35 4.60 -22.63
N SER C 273 -18.81 3.70 -21.80
CA SER C 273 -17.99 4.11 -20.67
C SER C 273 -17.06 2.99 -20.23
N GLU C 274 -15.76 3.28 -20.21
CA GLU C 274 -14.77 2.30 -19.76
C GLU C 274 -14.93 1.94 -18.29
N CYS C 275 -15.29 2.93 -17.45
CA CYS C 275 -15.33 2.75 -16.00
C CYS C 275 -16.74 2.56 -15.45
N ILE C 276 -16.92 1.53 -14.64
CA ILE C 276 -18.20 1.19 -14.04
C ILE C 276 -18.03 1.15 -12.53
N THR C 277 -18.97 1.77 -11.82
CA THR C 277 -19.10 1.67 -10.39
C THR C 277 -20.51 1.21 -10.08
N PRO C 278 -20.78 0.78 -8.83
CA PRO C 278 -22.13 0.39 -8.47
C PRO C 278 -23.16 1.53 -8.56
N ASN C 279 -22.67 2.78 -8.49
CA ASN C 279 -23.50 3.96 -8.67
C ASN C 279 -23.85 4.21 -10.12
N GLY C 280 -23.14 3.54 -11.03
CA GLY C 280 -23.24 3.77 -12.46
C GLY C 280 -21.88 4.03 -13.05
N SER C 281 -21.85 4.21 -14.35
CA SER C 281 -20.63 4.49 -15.08
C SER C 281 -20.13 5.87 -14.71
N ILE C 282 -18.82 6.06 -14.76
CA ILE C 282 -18.21 7.37 -14.54
C ILE C 282 -17.19 7.64 -15.62
N PRO C 283 -17.04 8.92 -15.99
CA PRO C 283 -15.94 9.28 -16.88
C PRO C 283 -14.59 8.97 -16.28
N ASN C 284 -13.60 8.72 -17.13
CA ASN C 284 -12.23 8.42 -16.69
C ASN C 284 -11.18 9.40 -17.23
N ASP C 285 -11.59 10.63 -17.55
CA ASP C 285 -10.64 11.67 -17.94
C ASP C 285 -9.81 12.18 -16.75
N LYS C 286 -10.32 12.01 -15.53
CA LYS C 286 -9.63 12.48 -14.33
C LYS C 286 -8.85 11.34 -13.68
N PRO C 287 -7.75 11.67 -13.00
CA PRO C 287 -6.91 10.63 -12.38
C PRO C 287 -7.51 10.04 -11.10
N PHE C 288 -8.38 10.79 -10.42
CA PHE C 288 -8.95 10.37 -9.15
C PHE C 288 -10.48 10.41 -9.16
N GLN C 289 -11.09 9.69 -8.25
CA GLN C 289 -12.53 9.69 -8.11
C GLN C 289 -12.92 9.36 -6.68
N ASN C 290 -14.07 9.88 -6.30
CA ASN C 290 -14.63 9.78 -4.95
C ASN C 290 -16.05 9.16 -5.02
N VAL C 291 -16.38 8.53 -6.13
CA VAL C 291 -17.72 7.99 -6.33
C VAL C 291 -17.88 6.68 -5.54
N ASN C 292 -16.95 5.74 -5.72
CA ASN C 292 -17.05 4.45 -5.06
C ASN C 292 -15.72 3.72 -5.15
N LYS C 293 -15.33 3.12 -4.03
CA LYS C 293 -14.12 2.30 -4.03
C LYS C 293 -14.24 1.03 -4.85
N ILE C 294 -15.49 0.59 -5.12
CA ILE C 294 -15.74 -0.53 -6.00
C ILE C 294 -15.81 -0.02 -7.42
N THR C 295 -14.89 -0.48 -8.27
CA THR C 295 -14.89 -0.14 -9.67
C THR C 295 -14.48 -1.34 -10.54
N TYR C 296 -14.82 -1.21 -11.83
CA TYR C 296 -14.47 -2.16 -12.87
C TYR C 296 -14.11 -1.37 -14.13
N GLY C 297 -12.94 -1.69 -14.69
CA GLY C 297 -12.48 -1.11 -15.96
C GLY C 297 -11.40 -0.07 -15.77
N ALA C 298 -11.14 0.67 -16.85
CA ALA C 298 -10.17 1.77 -16.83
C ALA C 298 -10.77 2.93 -16.04
N CYS C 299 -10.37 3.04 -14.77
CA CYS C 299 -11.00 3.93 -13.82
C CYS C 299 -9.99 4.88 -13.17
N PRO C 300 -10.44 6.10 -12.79
CA PRO C 300 -9.67 6.90 -11.85
C PRO C 300 -9.52 6.16 -10.53
N LYS C 301 -8.45 6.46 -9.81
CA LYS C 301 -8.18 5.82 -8.52
C LYS C 301 -9.04 6.44 -7.42
N TYR C 302 -9.60 5.59 -6.56
CA TYR C 302 -10.44 6.07 -5.47
C TYR C 302 -9.62 6.79 -4.39
N VAL C 303 -10.07 7.99 -4.04
CA VAL C 303 -9.49 8.80 -3.00
C VAL C 303 -10.60 9.31 -2.09
N LYS C 304 -10.21 9.77 -0.90
CA LYS C 304 -11.17 10.30 0.07
C LYS C 304 -11.59 11.74 -0.22
N GLN C 305 -10.76 12.54 -0.89
CA GLN C 305 -11.10 13.94 -1.15
C GLN C 305 -12.23 14.01 -2.16
N ASN C 306 -13.19 14.92 -1.98
CA ASN C 306 -14.23 15.12 -3.00
C ASN C 306 -13.87 16.18 -4.04
N THR C 307 -12.78 16.92 -3.81
CA THR C 307 -12.26 17.85 -4.81
C THR C 307 -10.76 18.04 -4.62
N LEU C 308 -10.05 18.12 -5.75
CA LEU C 308 -8.65 18.52 -5.77
C LEU C 308 -8.39 19.30 -7.05
N LYS C 309 -7.90 20.53 -6.90
CA LYS C 309 -7.78 21.45 -8.02
C LYS C 309 -6.34 21.56 -8.45
N LEU C 310 -6.08 21.23 -9.71
CA LEU C 310 -4.78 21.42 -10.32
C LEU C 310 -4.78 22.79 -10.98
N ALA C 311 -3.91 23.69 -10.51
CA ALA C 311 -3.77 25.01 -11.09
C ALA C 311 -3.40 24.87 -12.57
N THR C 312 -4.11 25.62 -13.41
CA THR C 312 -3.81 25.70 -14.84
C THR C 312 -3.46 27.11 -15.27
N GLY C 313 -3.11 27.94 -14.30
CA GLY C 313 -2.69 29.29 -14.59
C GLY C 313 -1.89 29.90 -13.46
N MET C 314 -1.40 31.09 -13.73
CA MET C 314 -0.61 31.85 -12.79
C MET C 314 -1.44 32.36 -11.62
N ARG C 315 -0.72 32.91 -10.67
CA ARG C 315 -1.30 33.60 -9.54
C ARG C 315 -2.17 34.77 -10.02
N ASN C 316 -3.38 34.88 -9.48
CA ASN C 316 -4.33 35.91 -9.88
C ASN C 316 -4.22 37.08 -8.92
N VAL C 317 -3.75 38.21 -9.45
CA VAL C 317 -3.55 39.45 -8.68
C VAL C 317 -4.43 40.52 -9.37
N PRO C 318 -5.70 40.63 -8.93
CA PRO C 318 -6.65 41.42 -9.71
C PRO C 318 -6.45 42.92 -9.57
N GLU C 319 -6.99 43.66 -10.53
CA GLU C 319 -6.93 45.14 -10.73
C GLU C 319 -6.40 45.39 -12.15
N GLY D 1 5.79 34.07 -5.43
CA GLY D 1 6.64 33.03 -6.04
C GLY D 1 8.13 33.29 -5.93
N LEU D 2 8.91 32.30 -6.34
CA LEU D 2 10.36 32.33 -6.20
C LEU D 2 11.06 33.47 -6.92
N PHE D 3 10.49 33.99 -8.00
CA PHE D 3 11.14 35.04 -8.80
C PHE D 3 10.76 36.46 -8.42
N GLY D 4 9.63 36.60 -7.74
CA GLY D 4 9.24 37.89 -7.17
C GLY D 4 8.71 38.87 -8.20
N ALA D 5 8.23 38.39 -9.35
CA ALA D 5 7.63 39.27 -10.35
C ALA D 5 6.11 39.30 -10.14
N ILE D 6 5.45 38.20 -10.41
CA ILE D 6 4.00 38.11 -10.25
C ILE D 6 3.70 38.14 -8.75
N ALA D 7 2.81 39.07 -8.37
CA ALA D 7 2.52 39.38 -6.96
C ALA D 7 3.75 39.86 -6.21
N GLY D 8 4.67 40.51 -6.92
CA GLY D 8 5.93 41.00 -6.34
C GLY D 8 6.20 42.40 -6.84
N PHE D 9 7.27 42.58 -7.61
CA PHE D 9 7.60 43.92 -8.11
C PHE D 9 6.59 44.42 -9.15
N ILE D 10 5.90 43.50 -9.83
CA ILE D 10 4.71 43.85 -10.62
C ILE D 10 3.52 43.85 -9.67
N GLU D 11 2.97 45.05 -9.47
CA GLU D 11 1.94 45.31 -8.44
C GLU D 11 0.72 44.44 -8.63
N ASN D 12 0.25 44.33 -9.87
CA ASN D 12 -0.92 43.51 -10.16
C ASN D 12 -1.03 43.16 -11.62
N GLY D 13 -1.99 42.28 -11.91
CA GLY D 13 -2.28 41.87 -13.28
C GLY D 13 -3.21 42.83 -14.01
N TRP D 14 -3.42 42.51 -15.29
CA TRP D 14 -4.25 43.30 -16.17
C TRP D 14 -5.47 42.48 -16.57
N GLU D 15 -6.63 42.82 -16.02
CA GLU D 15 -7.89 42.19 -16.47
C GLU D 15 -8.18 42.47 -17.95
N GLY D 16 -7.71 43.61 -18.42
CA GLY D 16 -7.87 44.01 -19.82
C GLY D 16 -7.12 43.14 -20.83
N MET D 17 -6.07 42.44 -20.42
CA MET D 17 -5.31 41.63 -21.37
C MET D 17 -5.95 40.26 -21.54
N ILE D 18 -6.76 40.14 -22.60
CA ILE D 18 -7.53 38.93 -22.88
C ILE D 18 -6.92 38.07 -24.01
N ASP D 19 -5.90 38.58 -24.70
CA ASP D 19 -5.30 37.89 -25.85
C ASP D 19 -3.91 37.29 -25.57
N GLY D 20 -3.51 37.25 -24.30
CA GLY D 20 -2.25 36.69 -23.90
C GLY D 20 -2.10 36.63 -22.39
N TRP D 21 -1.07 35.94 -21.93
CA TRP D 21 -0.80 35.76 -20.51
C TRP D 21 0.17 36.81 -19.99
N TYR D 22 1.12 37.22 -20.83
CA TYR D 22 2.09 38.27 -20.54
C TYR D 22 2.10 39.27 -21.70
N GLY D 23 2.49 40.51 -21.42
CA GLY D 23 2.66 41.47 -22.51
C GLY D 23 3.11 42.86 -22.11
N PHE D 24 2.86 43.82 -23.01
CA PHE D 24 3.41 45.18 -22.93
C PHE D 24 2.31 46.24 -22.91
N ARG D 25 2.48 47.23 -22.04
CA ARG D 25 1.72 48.48 -22.11
C ARG D 25 2.70 49.64 -22.25
N HIS D 26 2.37 50.57 -23.15
CA HIS D 26 3.25 51.71 -23.42
C HIS D 26 2.52 53.05 -23.39
N GLN D 27 3.25 54.08 -22.99
CA GLN D 27 2.88 55.48 -23.19
C GLN D 27 4.01 56.18 -23.97
N ASN D 28 3.65 56.77 -25.12
CA ASN D 28 4.59 57.59 -25.90
C ASN D 28 3.87 58.86 -26.39
N SER D 29 4.53 59.62 -27.26
CA SER D 29 3.96 60.81 -27.92
C SER D 29 2.58 60.55 -28.56
N GLU D 30 2.44 59.40 -29.25
CA GLU D 30 1.20 59.06 -29.98
C GLU D 30 0.04 58.48 -29.15
N GLY D 31 0.23 58.33 -27.83
CA GLY D 31 -0.83 57.84 -26.93
C GLY D 31 -0.43 56.56 -26.21
N THR D 32 -1.43 55.82 -25.71
CA THR D 32 -1.20 54.57 -25.00
C THR D 32 -1.72 53.37 -25.80
N GLY D 33 -1.24 52.18 -25.42
CA GLY D 33 -1.65 50.92 -26.06
C GLY D 33 -1.18 49.66 -25.35
N GLN D 34 -1.69 48.51 -25.83
CA GLN D 34 -1.45 47.21 -25.21
C GLN D 34 -1.21 46.12 -26.25
N ALA D 35 -0.23 45.24 -26.01
CA ALA D 35 -0.07 44.03 -26.82
C ALA D 35 0.47 42.85 -26.00
N ALA D 36 -0.05 41.67 -26.31
CA ALA D 36 0.37 40.43 -25.72
C ALA D 36 1.72 40.01 -26.32
N ASP D 37 2.57 39.40 -25.49
CA ASP D 37 3.77 38.73 -25.97
C ASP D 37 3.38 37.26 -26.16
N LEU D 38 3.40 36.80 -27.41
CA LEU D 38 2.98 35.46 -27.75
C LEU D 38 3.97 34.40 -27.25
N LYS D 39 5.27 34.70 -27.33
CA LYS D 39 6.32 33.73 -27.05
C LYS D 39 6.31 33.27 -25.59
N SER D 40 6.30 34.23 -24.67
CA SER D 40 6.27 33.94 -23.23
C SER D 40 4.97 33.27 -22.83
N THR D 41 3.87 33.78 -23.36
CA THR D 41 2.55 33.20 -23.16
C THR D 41 2.52 31.72 -23.54
N GLN D 42 3.04 31.41 -24.71
CA GLN D 42 3.03 30.04 -25.22
C GLN D 42 3.98 29.13 -24.42
N ALA D 43 5.13 29.66 -24.03
CA ALA D 43 6.09 28.90 -23.21
C ALA D 43 5.48 28.43 -21.88
N ALA D 44 4.67 29.30 -21.27
CA ALA D 44 3.96 28.95 -20.04
C ALA D 44 2.88 27.93 -20.32
N ILE D 45 2.05 28.21 -21.31
CA ILE D 45 0.95 27.32 -21.70
C ILE D 45 1.48 25.94 -22.10
N ASP D 46 2.56 25.88 -22.87
CA ASP D 46 3.14 24.57 -23.28
C ASP D 46 3.60 23.75 -22.09
N GLN D 47 4.25 24.41 -21.13
CA GLN D 47 4.69 23.75 -19.92
C GLN D 47 3.50 23.25 -19.08
N ILE D 48 2.47 24.08 -18.97
CA ILE D 48 1.26 23.71 -18.24
C ILE D 48 0.49 22.59 -18.94
N ASN D 49 0.38 22.65 -20.26
CA ASN D 49 -0.22 21.55 -21.02
C ASN D 49 0.55 20.25 -20.82
N GLY D 50 1.88 20.36 -20.79
CA GLY D 50 2.72 19.19 -20.57
C GLY D 50 2.39 18.49 -19.25
N LYS D 51 2.33 19.27 -18.18
CA LYS D 51 2.05 18.68 -16.86
C LYS D 51 0.62 18.20 -16.71
N LEU D 52 -0.32 18.93 -17.31
CA LEU D 52 -1.72 18.48 -17.34
C LEU D 52 -1.86 17.10 -18.00
N ASN D 53 -1.22 16.92 -19.17
CA ASN D 53 -1.30 15.63 -19.87
C ASN D 53 -0.56 14.53 -19.12
N ARG D 54 0.51 14.85 -18.40
CA ARG D 54 1.17 13.86 -17.54
C ARG D 54 0.27 13.42 -16.41
N VAL D 55 -0.42 14.38 -15.78
CA VAL D 55 -1.27 14.10 -14.63
C VAL D 55 -2.52 13.31 -14.98
N ILE D 56 -3.20 13.64 -16.09
CA ILE D 56 -4.43 12.92 -16.45
C ILE D 56 -4.20 11.68 -17.33
N GLU D 57 -2.95 11.22 -17.39
CA GLU D 57 -2.56 10.06 -18.18
C GLU D 57 -3.19 8.82 -17.57
N LYS D 58 -4.14 8.22 -18.27
CA LYS D 58 -4.82 7.00 -17.78
C LYS D 58 -3.83 5.82 -17.68
N THR D 59 -3.61 5.32 -16.46
CA THR D 59 -2.63 4.25 -16.19
C THR D 59 -3.14 3.08 -15.35
N ASN D 60 -4.39 3.10 -14.87
CA ASN D 60 -4.88 1.92 -14.20
C ASN D 60 -6.21 1.46 -14.79
N GLU D 61 -6.18 0.18 -15.08
CA GLU D 61 -7.32 -0.60 -15.53
C GLU D 61 -7.34 -1.89 -14.72
N LYS D 62 -8.40 -2.08 -13.94
CA LYS D 62 -8.50 -3.23 -13.04
C LYS D 62 -9.80 -3.96 -13.30
N PHE D 63 -9.76 -5.28 -13.12
CA PHE D 63 -10.90 -6.11 -13.40
C PHE D 63 -11.42 -6.78 -12.13
N HIS D 64 -11.28 -8.08 -11.98
CA HIS D 64 -11.69 -8.74 -10.76
C HIS D 64 -10.69 -8.41 -9.64
N GLN D 65 -11.21 -8.00 -8.49
CA GLN D 65 -10.41 -7.51 -7.37
C GLN D 65 -10.91 -8.25 -6.11
N ILE D 66 -10.91 -7.61 -4.97
CA ILE D 66 -11.48 -8.16 -3.76
C ILE D 66 -12.82 -7.49 -3.51
N GLU D 67 -13.65 -8.15 -2.72
CA GLU D 67 -14.87 -7.54 -2.24
C GLU D 67 -14.54 -6.45 -1.21
N LYS D 68 -15.39 -5.42 -1.18
CA LYS D 68 -15.14 -4.23 -0.38
C LYS D 68 -16.31 -3.80 0.47
N GLU D 69 -17.45 -4.47 0.32
CA GLU D 69 -18.63 -4.34 1.18
C GLU D 69 -19.07 -5.75 1.51
N PHE D 70 -19.67 -5.90 2.70
CA PHE D 70 -19.95 -7.22 3.26
C PHE D 70 -21.27 -7.17 4.00
N SER D 71 -22.10 -8.17 3.77
CA SER D 71 -23.44 -8.19 4.36
C SER D 71 -23.49 -8.90 5.72
N GLU D 72 -22.44 -9.65 6.06
CA GLU D 72 -22.34 -10.49 7.26
C GLU D 72 -21.04 -10.15 8.03
N VAL D 73 -21.10 -10.26 9.36
CA VAL D 73 -19.93 -10.25 10.20
C VAL D 73 -19.18 -11.59 10.04
N GLU D 74 -17.88 -11.53 9.77
CA GLU D 74 -17.05 -12.73 9.63
C GLU D 74 -15.80 -12.79 10.50
N GLY D 75 -15.25 -11.65 10.91
CA GLY D 75 -14.04 -11.66 11.70
C GLY D 75 -12.79 -11.54 10.83
N ARG D 76 -11.83 -12.42 11.10
CA ARG D 76 -10.41 -12.25 10.73
C ARG D 76 -10.14 -11.93 9.25
N ILE D 77 -10.72 -12.75 8.37
CA ILE D 77 -10.49 -12.57 6.93
C ILE D 77 -11.08 -11.24 6.45
N GLN D 78 -12.28 -10.91 6.93
CA GLN D 78 -12.94 -9.66 6.54
C GLN D 78 -12.22 -8.46 7.12
N ASP D 79 -11.73 -8.56 8.35
CA ASP D 79 -10.90 -7.48 8.97
C ASP D 79 -9.74 -7.16 8.04
N LEU D 80 -9.10 -8.21 7.51
CA LEU D 80 -7.92 -8.03 6.66
C LEU D 80 -8.28 -7.41 5.30
N GLU D 81 -9.34 -7.92 4.67
CA GLU D 81 -9.84 -7.39 3.41
C GLU D 81 -10.13 -5.88 3.53
N LYS D 82 -10.83 -5.49 4.59
CA LYS D 82 -11.13 -4.08 4.80
C LYS D 82 -9.89 -3.23 5.07
N TYR D 83 -8.99 -3.76 5.87
CA TYR D 83 -7.76 -3.06 6.23
C TYR D 83 -6.87 -2.89 5.02
N VAL D 84 -6.79 -3.91 4.16
CA VAL D 84 -6.03 -3.80 2.92
C VAL D 84 -6.56 -2.63 2.07
N GLU D 85 -7.88 -2.58 1.87
CA GLU D 85 -8.50 -1.53 1.08
C GLU D 85 -8.34 -0.14 1.69
N ASP D 86 -8.60 -0.05 2.99
CA ASP D 86 -8.48 1.23 3.71
C ASP D 86 -7.03 1.77 3.63
N THR D 87 -6.05 0.88 3.80
CA THR D 87 -4.63 1.21 3.67
C THR D 87 -4.30 1.77 2.27
N LYS D 88 -4.79 1.07 1.25
CA LYS D 88 -4.63 1.49 -0.14
C LYS D 88 -5.20 2.88 -0.38
N ILE D 89 -6.44 3.08 0.05
CA ILE D 89 -7.15 4.35 -0.15
C ILE D 89 -6.43 5.53 0.51
N ASP D 90 -5.92 5.32 1.73
CA ASP D 90 -5.19 6.39 2.42
C ASP D 90 -3.91 6.73 1.71
N LEU D 91 -3.21 5.70 1.22
CA LEU D 91 -1.98 5.93 0.46
C LEU D 91 -2.23 6.68 -0.85
N TRP D 92 -3.29 6.29 -1.57
CA TRP D 92 -3.63 7.01 -2.80
C TRP D 92 -4.11 8.43 -2.51
N SER D 93 -4.90 8.61 -1.44
CA SER D 93 -5.38 9.95 -1.05
C SER D 93 -4.19 10.87 -0.71
N TYR D 94 -3.21 10.32 0.00
CA TYR D 94 -1.98 11.05 0.29
C TYR D 94 -1.24 11.43 -1.01
N ASN D 95 -1.09 10.46 -1.90
CA ASN D 95 -0.41 10.74 -3.17
C ASN D 95 -1.12 11.88 -3.90
N ALA D 96 -2.45 11.84 -3.93
CA ALA D 96 -3.23 12.85 -4.63
C ALA D 96 -3.00 14.24 -4.01
N GLU D 97 -3.06 14.32 -2.69
CA GLU D 97 -2.88 15.58 -1.95
C GLU D 97 -1.48 16.17 -2.23
N LEU D 98 -0.45 15.34 -2.07
CA LEU D 98 0.90 15.77 -2.34
C LEU D 98 1.08 16.20 -3.80
N LEU D 99 0.54 15.41 -4.74
CA LEU D 99 0.72 15.69 -6.14
C LEU D 99 0.24 17.11 -6.48
N VAL D 100 -0.96 17.45 -6.03
CA VAL D 100 -1.51 18.74 -6.40
C VAL D 100 -0.75 19.88 -5.74
N ALA D 101 -0.33 19.68 -4.49
CA ALA D 101 0.43 20.70 -3.78
C ALA D 101 1.75 21.01 -4.50
N LEU D 102 2.51 19.96 -4.83
CA LEU D 102 3.77 20.13 -5.57
C LEU D 102 3.54 20.75 -6.95
N GLU D 103 2.58 20.20 -7.69
CA GLU D 103 2.28 20.70 -9.05
C GLU D 103 1.92 22.19 -9.02
N ASN D 104 1.09 22.57 -8.04
CA ASN D 104 0.56 23.93 -7.98
C ASN D 104 1.60 24.96 -7.54
N GLN D 105 2.41 24.60 -6.53
CA GLN D 105 3.57 25.40 -6.15
C GLN D 105 4.46 25.67 -7.37
N HIS D 106 4.76 24.58 -8.10
CA HIS D 106 5.62 24.67 -9.28
C HIS D 106 5.00 25.50 -10.41
N THR D 107 3.69 25.38 -10.58
CA THR D 107 3.00 26.11 -11.65
C THR D 107 3.03 27.61 -11.36
N ILE D 108 2.84 27.97 -10.11
CA ILE D 108 2.94 29.36 -9.70
C ILE D 108 4.38 29.87 -9.91
N ASP D 109 5.38 29.08 -9.52
CA ASP D 109 6.78 29.48 -9.73
C ASP D 109 7.16 29.58 -11.21
N LEU D 110 6.72 28.64 -12.04
CA LEU D 110 7.09 28.68 -13.46
C LEU D 110 6.42 29.84 -14.21
N THR D 111 5.21 30.22 -13.81
CA THR D 111 4.56 31.38 -14.43
C THR D 111 5.23 32.67 -13.98
N ASP D 112 5.56 32.75 -12.69
CA ASP D 112 6.37 33.84 -12.15
C ASP D 112 7.69 33.91 -12.93
N SER D 113 8.35 32.76 -13.12
CA SER D 113 9.58 32.68 -13.90
C SER D 113 9.46 33.23 -15.32
N GLU D 114 8.37 32.89 -16.02
CA GLU D 114 8.23 33.33 -17.40
C GLU D 114 8.03 34.84 -17.49
N MET D 115 7.32 35.42 -16.52
CA MET D 115 7.22 36.88 -16.39
C MET D 115 8.60 37.48 -16.27
N ASN D 116 9.40 36.93 -15.36
CA ASN D 116 10.75 37.40 -15.11
C ASN D 116 11.63 37.28 -16.34
N LYS D 117 11.50 36.17 -17.07
CA LYS D 117 12.28 35.96 -18.29
C LYS D 117 12.01 37.04 -19.34
N LEU D 118 10.75 37.39 -19.52
CA LEU D 118 10.36 38.44 -20.47
C LEU D 118 10.92 39.78 -20.02
N PHE D 119 10.78 40.08 -18.74
CA PHE D 119 11.33 41.32 -18.20
C PHE D 119 12.83 41.46 -18.38
N GLU D 120 13.59 40.40 -18.11
CA GLU D 120 15.04 40.42 -18.29
C GLU D 120 15.44 40.50 -19.78
N LYS D 121 14.67 39.84 -20.64
CA LYS D 121 14.92 39.84 -22.10
C LYS D 121 14.76 41.27 -22.68
N THR D 122 13.74 41.97 -22.20
CA THR D 122 13.43 43.33 -22.61
C THR D 122 14.50 44.30 -22.14
N GLY D 123 14.84 44.25 -20.85
CA GLY D 123 15.95 45.02 -20.30
C GLY D 123 17.24 44.88 -21.10
N ARG D 124 17.54 43.64 -21.50
CA ARG D 124 18.71 43.36 -22.33
C ARG D 124 18.64 43.93 -23.74
N GLN D 125 17.46 43.91 -24.35
CA GLN D 125 17.23 44.58 -25.64
C GLN D 125 17.55 46.06 -25.61
N LEU D 126 17.04 46.72 -24.57
CA LEU D 126 17.13 48.16 -24.43
C LEU D 126 18.53 48.68 -24.06
N ARG D 127 19.44 47.80 -23.65
CA ARG D 127 20.83 48.17 -23.36
C ARG D 127 20.87 49.45 -22.50
N GLU D 128 21.55 50.50 -22.96
CA GLU D 128 21.74 51.71 -22.15
C GLU D 128 20.71 52.79 -22.49
N ASN D 129 19.69 52.45 -23.25
CA ASN D 129 18.67 53.40 -23.68
C ASN D 129 17.44 53.47 -22.77
N ALA D 130 17.45 52.76 -21.65
CA ALA D 130 16.31 52.76 -20.74
C ALA D 130 16.73 52.41 -19.31
N GLU D 131 15.84 52.69 -18.36
CA GLU D 131 16.09 52.36 -16.95
C GLU D 131 14.90 51.68 -16.30
N ASP D 132 15.21 50.68 -15.47
CA ASP D 132 14.22 49.91 -14.74
C ASP D 132 13.64 50.78 -13.62
N MET D 133 12.36 51.13 -13.73
CA MET D 133 11.70 51.94 -12.69
C MET D 133 11.42 51.15 -11.39
N GLY D 134 11.50 49.82 -11.43
CA GLY D 134 11.32 48.97 -10.25
C GLY D 134 9.93 48.39 -10.04
N ASN D 135 8.99 48.72 -10.95
CA ASN D 135 7.58 48.31 -10.88
C ASN D 135 7.16 47.53 -12.15
N GLY D 136 8.14 46.95 -12.84
CA GLY D 136 7.90 46.28 -14.11
C GLY D 136 7.89 47.18 -15.32
N CYS D 137 8.17 48.48 -15.13
CA CYS D 137 8.21 49.44 -16.23
C CYS D 137 9.60 49.99 -16.49
N PHE D 138 9.92 50.15 -17.78
CA PHE D 138 11.14 50.81 -18.21
C PHE D 138 10.82 52.24 -18.65
N LYS D 139 11.57 53.20 -18.13
CA LYS D 139 11.58 54.53 -18.69
C LYS D 139 12.56 54.51 -19.86
N ILE D 140 12.05 54.83 -21.05
CA ILE D 140 12.84 54.89 -22.27
C ILE D 140 13.22 56.37 -22.47
N TYR D 141 14.52 56.64 -22.62
CA TYR D 141 15.04 58.00 -22.68
C TYR D 141 15.24 58.50 -24.12
N HIS D 142 14.27 58.23 -24.98
CA HIS D 142 14.29 58.74 -26.35
C HIS D 142 12.90 58.73 -26.97
N LYS D 143 12.81 59.37 -28.14
CA LYS D 143 11.59 59.40 -28.92
C LYS D 143 11.33 57.97 -29.38
N CYS D 144 10.22 57.39 -28.94
CA CYS D 144 9.85 56.03 -29.33
C CYS D 144 8.40 56.03 -29.82
N ASP D 145 8.28 56.37 -31.10
CA ASP D 145 7.02 56.24 -31.86
C ASP D 145 6.51 54.80 -31.93
N ASN D 146 5.27 54.63 -32.37
CA ASN D 146 4.65 53.31 -32.45
C ASN D 146 5.47 52.27 -33.22
N ALA D 147 6.17 52.71 -34.27
CA ALA D 147 7.14 51.86 -34.99
C ALA D 147 8.22 51.31 -34.05
N CYS D 148 8.76 52.20 -33.21
CA CYS D 148 9.83 51.89 -32.27
C CYS D 148 9.36 50.92 -31.18
N ILE D 149 8.13 51.10 -30.68
CA ILE D 149 7.56 50.22 -29.67
C ILE D 149 7.40 48.82 -30.27
N GLU D 150 6.67 48.75 -31.39
CA GLU D 150 6.50 47.48 -32.13
C GLU D 150 7.85 46.80 -32.42
N SER D 151 8.91 47.58 -32.66
CA SER D 151 10.27 47.03 -32.86
C SER D 151 10.82 46.34 -31.60
N ILE D 152 10.52 46.91 -30.42
CA ILE D 152 10.88 46.28 -29.15
C ILE D 152 10.06 45.00 -28.96
N ARG D 153 8.76 45.07 -29.21
CA ARG D 153 7.87 43.94 -28.98
C ARG D 153 8.13 42.79 -29.96
N ASN D 154 8.44 43.08 -31.23
CA ASN D 154 8.73 41.99 -32.20
C ASN D 154 10.24 41.70 -32.36
N GLY D 155 11.04 42.18 -31.39
CA GLY D 155 12.44 41.80 -31.30
C GLY D 155 13.43 42.41 -32.29
N THR D 156 13.05 43.49 -32.99
CA THR D 156 13.91 44.11 -34.03
C THR D 156 14.52 45.48 -33.63
N TYR D 157 14.33 45.91 -32.39
CA TYR D 157 14.87 47.18 -31.89
C TYR D 157 16.40 47.20 -31.90
N ASP D 158 16.99 48.04 -32.76
CA ASP D 158 18.43 48.29 -32.77
C ASP D 158 18.69 49.38 -31.75
N HIS D 159 19.40 49.04 -30.68
CA HIS D 159 19.71 50.02 -29.63
C HIS D 159 20.73 51.09 -30.08
N ASP D 160 21.60 50.76 -31.04
CA ASP D 160 22.66 51.70 -31.50
C ASP D 160 22.07 52.94 -32.17
N VAL D 161 20.97 52.76 -32.89
CA VAL D 161 20.21 53.85 -33.53
C VAL D 161 19.87 54.99 -32.54
N TYR D 162 19.33 54.64 -31.38
CA TYR D 162 18.85 55.62 -30.41
C TYR D 162 19.81 55.91 -29.27
N ARG D 163 21.00 55.31 -29.27
CA ARG D 163 21.90 55.32 -28.11
C ARG D 163 22.37 56.74 -27.72
N ASP D 164 22.94 57.47 -28.69
CA ASP D 164 23.43 58.84 -28.46
C ASP D 164 22.36 59.73 -27.83
N GLU D 165 21.18 59.73 -28.43
CA GLU D 165 20.02 60.46 -27.92
C GLU D 165 19.71 60.09 -26.47
N ALA D 166 19.73 58.80 -26.17
CA ALA D 166 19.35 58.31 -24.84
C ALA D 166 20.42 58.53 -23.78
N LEU D 167 21.68 58.27 -24.13
CA LEU D 167 22.81 58.52 -23.22
C LEU D 167 22.85 59.97 -22.75
N ASN D 168 22.65 60.89 -23.70
CA ASN D 168 22.59 62.33 -23.41
C ASN D 168 21.42 62.71 -22.49
N ASN D 169 20.23 62.19 -22.79
CA ASN D 169 19.04 62.39 -21.94
C ASN D 169 19.18 61.78 -20.53
N ARG D 170 19.93 60.68 -20.42
CA ARG D 170 20.15 60.01 -19.12
C ARG D 170 21.16 60.75 -18.24
N PHE D 171 22.26 61.17 -18.86
CA PHE D 171 23.39 61.83 -18.17
C PHE D 171 23.57 63.27 -18.65
N PRO E 3 39.14 49.19 -30.11
CA PRO E 3 39.14 47.74 -30.30
C PRO E 3 39.05 46.97 -28.99
N GLY E 4 37.83 46.62 -28.59
CA GLY E 4 37.56 46.02 -27.28
C GLY E 4 37.72 44.51 -27.25
N ALA E 5 36.83 43.83 -26.54
CA ALA E 5 36.81 42.37 -26.44
C ALA E 5 35.40 41.85 -26.17
N THR E 6 35.18 40.58 -26.50
CA THR E 6 33.93 39.88 -26.25
C THR E 6 34.19 38.72 -25.27
N LEU E 7 33.31 38.57 -24.28
CA LEU E 7 33.39 37.45 -23.31
C LEU E 7 32.04 36.77 -23.25
N CYS E 8 31.97 35.58 -23.84
CA CYS E 8 30.75 34.78 -23.89
C CYS E 8 30.77 33.69 -22.82
N LEU E 9 29.70 33.65 -22.02
CA LEU E 9 29.47 32.58 -21.04
C LEU E 9 28.67 31.49 -21.73
N GLY E 10 28.97 30.23 -21.41
CA GLY E 10 28.26 29.10 -21.97
C GLY E 10 28.37 27.83 -21.17
N HIS E 11 27.83 26.78 -21.77
CA HIS E 11 27.75 25.46 -21.18
C HIS E 11 28.01 24.39 -22.22
N HIS E 12 28.31 23.19 -21.76
CA HIS E 12 28.61 22.08 -22.66
C HIS E 12 27.38 21.46 -23.29
N ALA E 13 27.63 20.67 -24.30
CA ALA E 13 26.62 19.86 -24.97
C ALA E 13 27.34 18.65 -25.50
N VAL E 14 26.57 17.65 -25.91
CA VAL E 14 27.12 16.47 -26.57
C VAL E 14 26.30 16.23 -27.82
N PRO E 15 26.84 15.50 -28.81
CA PRO E 15 26.07 15.29 -30.05
C PRO E 15 24.86 14.36 -29.83
N ASN E 16 25.03 13.31 -29.02
CA ASN E 16 23.98 12.31 -28.76
C ASN E 16 23.59 12.27 -27.25
N GLY E 17 22.56 13.02 -26.87
CA GLY E 17 22.07 13.07 -25.48
C GLY E 17 21.20 11.88 -25.12
N THR E 18 20.53 11.94 -23.96
CA THR E 18 19.57 10.92 -23.53
C THR E 18 18.25 11.53 -23.08
N LEU E 19 17.18 10.79 -23.33
CA LEU E 19 15.83 11.22 -23.01
C LEU E 19 15.46 10.89 -21.58
N VAL E 20 14.90 11.88 -20.88
CA VAL E 20 14.35 11.68 -19.53
C VAL E 20 12.95 12.24 -19.45
N LYS E 21 12.23 11.86 -18.41
CA LYS E 21 10.89 12.37 -18.13
C LYS E 21 10.97 13.40 -17.01
N THR E 22 10.11 14.40 -17.06
CA THR E 22 10.01 15.44 -16.04
C THR E 22 8.55 15.66 -15.63
N ILE E 23 8.31 16.68 -14.84
CA ILE E 23 6.97 17.15 -14.48
C ILE E 23 6.22 17.62 -15.74
N THR E 24 6.90 18.40 -16.58
CA THR E 24 6.28 19.04 -17.74
C THR E 24 6.44 18.29 -19.06
N ASP E 25 7.43 17.39 -19.16
CA ASP E 25 7.76 16.72 -20.43
C ASP E 25 7.84 15.21 -20.25
N ASP E 26 7.19 14.49 -21.16
CA ASP E 26 7.34 13.05 -21.28
C ASP E 26 8.69 12.58 -21.74
N GLN E 27 9.34 13.41 -22.56
CA GLN E 27 10.68 13.15 -23.10
C GLN E 27 11.35 14.51 -23.25
N ILE E 28 12.51 14.66 -22.62
CA ILE E 28 13.33 15.83 -22.85
C ILE E 28 14.79 15.39 -22.76
N GLU E 29 15.61 16.03 -23.58
CA GLU E 29 16.98 15.59 -23.79
C GLU E 29 17.94 16.27 -22.83
N VAL E 30 18.72 15.46 -22.11
CA VAL E 30 19.75 15.95 -21.21
C VAL E 30 21.08 15.32 -21.62
N THR E 31 22.18 15.87 -21.09
CA THR E 31 23.52 15.44 -21.49
C THR E 31 23.82 13.99 -21.08
N ASN E 32 23.21 13.54 -19.99
CA ASN E 32 23.49 12.22 -19.43
C ASN E 32 22.39 11.80 -18.44
N ALA E 33 22.26 10.50 -18.25
CA ALA E 33 21.34 9.95 -17.27
C ALA E 33 21.82 8.58 -16.85
N THR E 34 21.23 8.07 -15.78
CA THR E 34 21.54 6.74 -15.27
C THR E 34 20.24 5.95 -15.02
N GLU E 35 20.34 4.64 -15.24
CA GLU E 35 19.19 3.75 -15.23
C GLU E 35 18.86 3.36 -13.78
N LEU E 36 17.63 3.52 -13.36
CA LEU E 36 17.20 3.16 -12.02
C LEU E 36 16.44 1.82 -11.93
N VAL E 37 16.12 1.20 -13.06
CA VAL E 37 15.40 -0.08 -13.06
C VAL E 37 16.31 -1.20 -13.54
N GLN E 38 16.57 -2.17 -12.68
CA GLN E 38 17.31 -3.38 -13.07
C GLN E 38 16.38 -4.28 -13.88
N SER E 39 16.72 -4.50 -15.16
CA SER E 39 15.85 -5.26 -16.06
C SER E 39 16.45 -6.58 -16.57
N SER E 40 17.66 -6.89 -16.15
CA SER E 40 18.33 -8.11 -16.60
C SER E 40 18.82 -8.92 -15.43
N SER E 41 18.98 -10.21 -15.70
CA SER E 41 19.56 -11.18 -14.79
C SER E 41 20.60 -12.01 -15.51
N THR E 42 21.53 -12.60 -14.77
CA THR E 42 22.45 -13.63 -15.31
C THR E 42 21.74 -14.90 -15.76
N GLY E 43 20.57 -15.20 -15.21
CA GLY E 43 19.91 -16.48 -15.42
C GLY E 43 20.32 -17.56 -14.44
N LYS E 44 21.20 -17.22 -13.49
CA LYS E 44 21.72 -18.17 -12.53
C LYS E 44 21.55 -17.67 -11.09
N ILE E 45 21.28 -18.58 -10.17
CA ILE E 45 21.21 -18.26 -8.74
C ILE E 45 22.61 -18.41 -8.11
N CYS E 46 23.15 -17.31 -7.61
CA CYS E 46 24.46 -17.33 -6.95
C CYS E 46 24.37 -18.03 -5.61
N ASN E 47 25.33 -18.93 -5.36
CA ASN E 47 25.34 -19.74 -4.14
C ASN E 47 25.90 -19.06 -2.90
N ASN E 48 26.34 -17.80 -3.01
CA ASN E 48 26.71 -16.94 -1.87
C ASN E 48 26.05 -15.57 -2.04
N PRO E 49 25.80 -14.82 -0.96
CA PRO E 49 26.12 -15.17 0.43
C PRO E 49 25.06 -15.98 1.17
N HIS E 50 23.95 -16.30 0.52
CA HIS E 50 22.88 -17.06 1.16
C HIS E 50 23.09 -18.55 0.97
N ARG E 51 22.80 -19.35 1.98
CA ARG E 51 22.82 -20.80 1.86
C ARG E 51 21.63 -21.30 1.01
N ILE E 52 21.95 -21.72 -0.22
CA ILE E 52 20.96 -22.21 -1.18
C ILE E 52 20.88 -23.73 -1.10
N LEU E 53 19.68 -24.27 -0.92
CA LEU E 53 19.48 -25.71 -0.95
C LEU E 53 18.60 -26.05 -2.13
N ASP E 54 19.18 -26.77 -3.09
CA ASP E 54 18.50 -27.19 -4.27
C ASP E 54 17.69 -28.44 -3.97
N GLY E 55 16.37 -28.35 -4.10
CA GLY E 55 15.50 -29.49 -3.88
C GLY E 55 15.65 -30.60 -4.91
N ILE E 56 16.16 -30.26 -6.09
CA ILE E 56 16.31 -31.23 -7.20
C ILE E 56 14.95 -31.90 -7.52
N ASP E 57 14.80 -33.17 -7.16
CA ASP E 57 13.62 -33.98 -7.40
C ASP E 57 12.59 -33.89 -6.26
N CYS E 58 12.84 -33.06 -5.25
CA CYS E 58 12.04 -33.08 -4.04
C CYS E 58 11.45 -31.72 -3.72
N THR E 59 10.17 -31.72 -3.37
CA THR E 59 9.54 -30.56 -2.75
C THR E 59 10.00 -30.54 -1.30
N LEU E 60 9.90 -29.38 -0.69
CA LEU E 60 10.20 -29.27 0.74
C LEU E 60 9.34 -30.25 1.57
N ILE E 61 8.05 -30.35 1.22
CA ILE E 61 7.13 -31.21 1.98
C ILE E 61 7.56 -32.70 1.88
N ASP E 62 7.98 -33.14 0.71
CA ASP E 62 8.44 -34.53 0.56
C ASP E 62 9.74 -34.80 1.34
N ALA E 63 10.62 -33.80 1.40
CA ALA E 63 11.82 -33.87 2.21
C ALA E 63 11.47 -33.95 3.68
N LEU E 64 10.48 -33.15 4.08
CA LEU E 64 9.98 -33.14 5.46
C LEU E 64 9.40 -34.50 5.85
N LEU E 65 8.49 -35.03 5.04
CA LEU E 65 7.84 -36.30 5.39
C LEU E 65 8.81 -37.46 5.37
N GLY E 66 9.80 -37.39 4.47
CA GLY E 66 10.79 -38.44 4.31
C GLY E 66 10.40 -39.47 3.25
N ASP E 67 9.92 -38.98 2.12
CA ASP E 67 9.82 -39.74 0.87
C ASP E 67 11.25 -40.31 0.60
N PRO E 68 11.39 -41.64 0.34
CA PRO E 68 12.74 -42.23 0.28
C PRO E 68 13.73 -41.56 -0.67
N HIS E 69 13.28 -41.18 -1.87
CA HIS E 69 14.19 -40.47 -2.79
C HIS E 69 14.59 -39.08 -2.28
N CYS E 70 13.96 -38.61 -1.20
CA CYS E 70 14.32 -37.35 -0.55
C CYS E 70 15.07 -37.53 0.79
N ASP E 71 15.47 -38.75 1.12
CA ASP E 71 16.21 -39.03 2.36
C ASP E 71 17.50 -38.25 2.49
N VAL E 72 18.14 -37.91 1.36
CA VAL E 72 19.33 -37.12 1.37
C VAL E 72 19.16 -35.75 2.02
N PHE E 73 17.93 -35.25 2.09
CA PHE E 73 17.66 -33.96 2.76
C PHE E 73 17.48 -34.02 4.28
N GLN E 74 17.52 -35.20 4.90
CA GLN E 74 17.34 -35.31 6.33
C GLN E 74 18.24 -34.35 7.09
N ASN E 75 17.66 -33.62 8.03
CA ASN E 75 18.36 -32.64 8.85
C ASN E 75 19.10 -31.52 8.08
N GLU E 76 18.76 -31.27 6.80
CA GLU E 76 19.37 -30.18 6.04
C GLU E 76 18.86 -28.83 6.53
N THR E 77 19.59 -27.79 6.16
CA THR E 77 19.26 -26.42 6.52
C THR E 77 19.41 -25.54 5.28
N TRP E 78 18.84 -24.34 5.33
CA TRP E 78 18.88 -23.41 4.21
C TRP E 78 18.55 -21.98 4.64
N ASP E 79 19.03 -21.03 3.88
CA ASP E 79 18.43 -19.70 3.81
C ASP E 79 17.32 -19.68 2.75
N LEU E 80 17.57 -20.27 1.59
CA LEU E 80 16.58 -20.36 0.52
C LEU E 80 16.52 -21.77 -0.02
N PHE E 81 15.39 -22.44 0.20
CA PHE E 81 15.11 -23.73 -0.42
C PHE E 81 14.54 -23.46 -1.81
N VAL E 82 15.12 -24.10 -2.83
CA VAL E 82 14.69 -23.92 -4.20
C VAL E 82 13.95 -25.16 -4.69
N GLU E 83 12.66 -25.02 -4.97
CA GLU E 83 11.87 -26.13 -5.49
C GLU E 83 11.82 -26.06 -7.01
N ARG E 84 12.05 -27.21 -7.64
CA ARG E 84 12.14 -27.33 -9.10
C ARG E 84 10.85 -27.85 -9.71
N SER E 85 10.53 -27.42 -10.92
CA SER E 85 9.30 -27.88 -11.57
C SER E 85 9.32 -29.39 -11.92
N LYS E 86 10.51 -30.00 -12.01
CA LYS E 86 10.62 -31.45 -12.18
C LYS E 86 10.43 -32.29 -10.89
N ALA E 87 10.19 -31.67 -9.73
CA ALA E 87 10.06 -32.45 -8.49
C ALA E 87 8.87 -33.41 -8.61
N PHE E 88 8.99 -34.58 -8.01
CA PHE E 88 7.92 -35.57 -8.01
C PHE E 88 7.84 -36.25 -6.66
N SER E 89 6.66 -36.77 -6.34
CA SER E 89 6.44 -37.59 -5.16
C SER E 89 6.55 -39.06 -5.55
N ASN E 90 7.08 -39.88 -4.65
CA ASN E 90 7.23 -41.32 -4.94
C ASN E 90 7.07 -42.21 -3.71
N CYS E 91 6.06 -41.90 -2.90
CA CYS E 91 5.78 -42.64 -1.67
C CYS E 91 4.26 -42.83 -1.58
N TYR E 92 3.68 -43.02 -0.41
CA TYR E 92 2.23 -43.20 -0.30
C TYR E 92 1.53 -41.95 -0.85
N PRO E 93 0.46 -42.13 -1.66
CA PRO E 93 -0.22 -40.93 -2.12
C PRO E 93 -0.88 -40.21 -0.95
N TYR E 94 -0.79 -38.89 -0.96
CA TYR E 94 -1.19 -38.09 0.18
C TYR E 94 -1.71 -36.73 -0.23
N ASP E 95 -2.45 -36.11 0.68
CA ASP E 95 -2.73 -34.68 0.58
C ASP E 95 -2.44 -34.00 1.91
N VAL E 96 -2.24 -32.68 1.86
CA VAL E 96 -2.09 -31.88 3.03
C VAL E 96 -3.13 -30.78 2.99
N PRO E 97 -4.19 -30.88 3.79
CA PRO E 97 -5.07 -29.72 3.93
C PRO E 97 -4.24 -28.54 4.44
N ASP E 98 -4.39 -27.39 3.82
CA ASP E 98 -3.47 -26.29 4.14
C ASP E 98 -1.97 -26.63 3.92
N TYR E 99 -1.72 -27.35 2.83
CA TYR E 99 -0.38 -27.56 2.27
C TYR E 99 0.46 -26.25 2.30
N ALA E 100 -0.11 -25.19 1.78
CA ALA E 100 0.59 -23.91 1.66
C ALA E 100 1.13 -23.41 3.01
N SER E 101 0.34 -23.53 4.08
CA SER E 101 0.79 -23.09 5.40
C SER E 101 1.91 -23.96 5.96
N LEU E 102 1.81 -25.28 5.77
CA LEU E 102 2.83 -26.18 6.28
C LEU E 102 4.15 -25.91 5.55
N ARG E 103 4.07 -25.79 4.22
CA ARG E 103 5.22 -25.46 3.41
C ARG E 103 5.85 -24.14 3.86
N SER E 104 4.99 -23.14 4.11
CA SER E 104 5.46 -21.84 4.55
C SER E 104 6.20 -21.87 5.91
N LEU E 105 5.58 -22.50 6.90
CA LEU E 105 6.16 -22.48 8.23
C LEU E 105 7.47 -23.30 8.27
N VAL E 106 7.54 -24.39 7.52
CA VAL E 106 8.79 -25.16 7.45
C VAL E 106 9.86 -24.35 6.71
N ALA E 107 9.51 -23.80 5.54
CA ALA E 107 10.42 -22.96 4.76
C ALA E 107 11.06 -21.87 5.62
N SER E 108 10.20 -21.24 6.42
CA SER E 108 10.59 -20.12 7.26
C SER E 108 11.45 -20.54 8.46
N SER E 109 11.22 -21.75 8.95
CA SER E 109 12.03 -22.32 10.00
C SER E 109 13.48 -22.61 9.53
N GLY E 110 13.65 -22.99 8.27
CA GLY E 110 14.99 -23.09 7.70
C GLY E 110 15.76 -24.36 8.02
N THR E 111 15.10 -25.35 8.60
CA THR E 111 15.72 -26.61 8.99
C THR E 111 14.75 -27.77 8.95
N LEU E 112 15.29 -28.97 8.67
CA LEU E 112 14.54 -30.22 8.83
C LEU E 112 15.08 -31.08 9.99
N GLU E 113 15.74 -30.43 10.95
CA GLU E 113 16.32 -31.12 12.07
C GLU E 113 15.26 -31.88 12.81
N PHE E 114 15.42 -33.20 12.90
CA PHE E 114 14.44 -34.09 13.47
C PHE E 114 14.99 -34.79 14.72
N ILE E 115 14.21 -34.77 15.80
CA ILE E 115 14.58 -35.36 17.06
C ILE E 115 13.58 -36.46 17.38
N THR E 116 14.05 -37.69 17.46
CA THR E 116 13.21 -38.86 17.73
C THR E 116 12.77 -38.85 19.20
N GLU E 117 11.51 -39.18 19.43
CA GLU E 117 10.97 -39.28 20.78
C GLU E 117 10.43 -40.70 21.01
N GLY E 118 10.52 -41.18 22.25
CA GLY E 118 10.12 -42.55 22.58
C GLY E 118 8.64 -42.70 22.84
N PHE E 119 7.82 -42.55 21.83
CA PHE E 119 6.38 -42.80 21.96
C PHE E 119 6.19 -44.31 22.19
N THR E 120 5.30 -44.64 23.12
CA THR E 120 4.97 -46.02 23.43
C THR E 120 3.60 -46.34 22.83
N TRP E 121 3.57 -47.22 21.84
CA TRP E 121 2.33 -47.59 21.16
C TRP E 121 1.99 -49.04 21.58
N THR E 122 1.22 -49.15 22.66
CA THR E 122 0.92 -50.44 23.28
C THR E 122 -0.20 -51.16 22.55
N GLY E 123 0.08 -52.39 22.11
CA GLY E 123 -0.92 -53.27 21.51
C GLY E 123 -1.15 -53.07 20.02
N VAL E 124 -0.23 -52.39 19.33
CA VAL E 124 -0.31 -52.21 17.88
C VAL E 124 0.97 -52.64 17.21
N THR E 125 0.87 -52.89 15.91
CA THR E 125 2.02 -53.21 15.09
C THR E 125 2.57 -51.91 14.53
N GLN E 126 3.88 -51.72 14.61
CA GLN E 126 4.52 -50.48 14.13
C GLN E 126 5.16 -50.69 12.77
N ASN E 127 5.61 -49.58 12.16
CA ASN E 127 6.45 -49.61 10.95
C ASN E 127 5.80 -50.18 9.68
N GLY E 128 4.50 -49.95 9.53
CA GLY E 128 3.80 -50.30 8.30
C GLY E 128 4.39 -49.64 7.07
N GLY E 129 4.31 -50.33 5.94
CA GLY E 129 4.83 -49.84 4.66
C GLY E 129 3.97 -50.23 3.48
N SER E 130 4.39 -49.78 2.30
CA SER E 130 3.66 -49.99 1.07
C SER E 130 4.63 -50.15 -0.09
N ASN E 131 4.21 -50.90 -1.11
CA ASN E 131 4.96 -50.96 -2.35
C ASN E 131 4.84 -49.68 -3.19
N ALA E 132 3.96 -48.77 -2.79
CA ALA E 132 3.98 -47.42 -3.35
C ALA E 132 5.13 -46.56 -2.84
N CYS E 133 5.83 -47.04 -1.82
CA CYS E 133 6.90 -46.27 -1.19
C CYS E 133 8.08 -47.17 -0.85
N LYS E 134 8.71 -47.66 -1.90
CA LYS E 134 9.73 -48.69 -1.82
C LYS E 134 11.03 -48.17 -1.15
N ARG E 135 11.55 -49.05 -0.31
CA ARG E 135 12.82 -48.86 0.35
C ARG E 135 13.58 -50.16 0.17
N GLY E 136 14.64 -50.14 -0.60
CA GLY E 136 15.48 -51.35 -0.74
C GLY E 136 14.72 -52.32 -1.61
N PRO E 137 14.80 -53.65 -1.32
CA PRO E 137 13.97 -54.60 -2.05
C PRO E 137 12.48 -54.62 -1.62
N GLY E 138 12.16 -54.11 -0.45
CA GLY E 138 10.80 -54.21 0.06
C GLY E 138 9.96 -52.93 0.05
N SER E 139 8.84 -53.06 0.71
CA SER E 139 7.91 -51.99 0.94
C SER E 139 8.51 -51.08 1.97
N GLY E 140 8.08 -49.83 1.97
CA GLY E 140 8.54 -48.85 2.95
C GLY E 140 7.56 -47.73 3.14
N PHE E 141 8.03 -46.64 3.75
CA PHE E 141 7.15 -45.58 4.16
C PHE E 141 7.95 -44.30 4.38
N PHE E 142 7.22 -43.21 4.57
CA PHE E 142 7.80 -41.93 4.97
C PHE E 142 8.66 -42.17 6.20
N SER E 143 9.93 -41.72 6.15
CA SER E 143 10.86 -41.98 7.25
C SER E 143 10.44 -41.39 8.59
N ARG E 144 9.73 -40.27 8.59
CA ARG E 144 9.37 -39.58 9.84
C ARG E 144 8.02 -39.94 10.42
N LEU E 145 7.33 -40.88 9.78
CA LEU E 145 6.01 -41.30 10.18
C LEU E 145 5.98 -42.80 10.46
N ASN E 146 5.10 -43.21 11.37
CA ASN E 146 5.04 -44.58 11.87
C ASN E 146 3.60 -45.09 11.65
N TRP E 147 3.43 -45.95 10.65
CA TRP E 147 2.10 -46.46 10.30
C TRP E 147 1.76 -47.58 11.27
N LEU E 148 0.78 -47.33 12.14
CA LEU E 148 0.34 -48.29 13.13
C LEU E 148 -0.85 -49.09 12.62
N THR E 149 -0.82 -50.40 12.84
CA THR E 149 -1.94 -51.30 12.54
C THR E 149 -2.18 -52.26 13.71
N LYS E 150 -3.22 -53.08 13.61
CA LYS E 150 -3.56 -54.04 14.67
C LYS E 150 -2.41 -55.00 15.02
N SER E 151 -2.40 -55.46 16.27
CA SER E 151 -1.55 -56.54 16.74
C SER E 151 -2.48 -57.66 17.15
N GLY E 152 -2.30 -58.84 16.57
CA GLY E 152 -3.24 -59.93 16.75
C GLY E 152 -4.61 -59.57 16.16
N SER E 153 -5.63 -59.58 17.01
CA SER E 153 -7.00 -59.32 16.58
C SER E 153 -7.58 -58.02 17.20
N THR E 154 -6.71 -57.19 17.77
CA THR E 154 -7.15 -55.95 18.42
C THR E 154 -6.29 -54.72 18.00
N TYR E 155 -6.95 -53.57 17.99
CA TYR E 155 -6.30 -52.28 17.95
C TYR E 155 -6.93 -51.51 19.12
N PRO E 156 -6.19 -51.37 20.24
CA PRO E 156 -6.77 -50.69 21.41
C PRO E 156 -6.80 -49.19 21.23
N VAL E 157 -7.47 -48.49 22.13
CA VAL E 157 -7.43 -47.04 22.16
C VAL E 157 -5.99 -46.63 22.51
N LEU E 158 -5.33 -45.93 21.59
CA LEU E 158 -4.00 -45.39 21.85
C LEU E 158 -4.12 -44.04 22.52
N ASN E 159 -3.32 -43.86 23.55
CA ASN E 159 -3.37 -42.66 24.38
C ASN E 159 -1.96 -42.37 24.89
N VAL E 160 -1.25 -41.45 24.23
CA VAL E 160 0.11 -41.08 24.63
C VAL E 160 0.28 -39.59 24.77
N THR E 161 1.31 -39.23 25.50
CA THR E 161 1.63 -37.84 25.83
C THR E 161 3.11 -37.56 25.68
N MET E 162 3.44 -36.31 25.37
CA MET E 162 4.84 -35.91 25.24
C MET E 162 4.92 -34.43 25.63
N PRO E 163 5.49 -34.14 26.80
CA PRO E 163 5.58 -32.72 27.18
C PRO E 163 6.74 -32.03 26.48
N ASN E 164 6.64 -30.72 26.29
CA ASN E 164 7.75 -29.93 25.79
C ASN E 164 8.42 -29.22 26.95
N ASN E 165 9.51 -29.83 27.44
CA ASN E 165 10.35 -29.17 28.45
C ASN E 165 11.59 -28.46 27.89
N ASP E 166 11.61 -28.26 26.58
CA ASP E 166 12.67 -27.48 25.95
C ASP E 166 12.28 -26.01 25.92
N ASN E 167 13.20 -25.16 25.47
CA ASN E 167 12.94 -23.73 25.30
C ASN E 167 12.68 -23.30 23.85
N PHE E 168 12.36 -24.26 22.98
CA PHE E 168 12.08 -24.02 21.55
C PHE E 168 10.75 -24.66 21.24
N ASP E 169 10.13 -24.25 20.14
CA ASP E 169 8.90 -24.89 19.66
C ASP E 169 9.19 -26.19 18.95
N LYS E 170 8.32 -27.17 19.18
CA LYS E 170 8.36 -28.45 18.52
C LYS E 170 7.27 -28.51 17.45
N LEU E 171 7.66 -28.95 16.25
CA LEU E 171 6.72 -29.23 15.17
C LEU E 171 6.53 -30.74 15.05
N TYR E 172 5.30 -31.21 15.25
CA TYR E 172 4.95 -32.59 15.04
C TYR E 172 4.15 -32.75 13.74
N ILE E 173 4.60 -33.69 12.90
CA ILE E 173 3.89 -34.04 11.68
C ILE E 173 3.27 -35.42 11.89
N TRP E 174 1.98 -35.51 11.61
CA TRP E 174 1.24 -36.74 11.78
C TRP E 174 0.23 -36.85 10.66
N GLY E 175 -0.50 -37.95 10.64
CA GLY E 175 -1.49 -38.12 9.61
C GLY E 175 -2.58 -39.09 9.94
N VAL E 176 -3.43 -39.26 8.95
CA VAL E 176 -4.57 -40.13 9.02
C VAL E 176 -4.65 -40.93 7.72
N HIS E 177 -4.84 -42.24 7.84
CA HIS E 177 -4.96 -43.11 6.70
C HIS E 177 -6.43 -43.26 6.30
N HIS E 178 -6.69 -43.10 5.00
CA HIS E 178 -8.02 -43.24 4.41
C HIS E 178 -8.03 -44.53 3.60
N PRO E 179 -8.60 -45.61 4.16
CA PRO E 179 -8.64 -46.87 3.42
C PRO E 179 -9.56 -46.82 2.21
N SER E 180 -9.27 -47.71 1.26
CA SER E 180 -10.03 -47.81 0.02
C SER E 180 -11.41 -48.48 0.21
N THR E 181 -11.49 -49.44 1.13
CA THR E 181 -12.71 -50.25 1.38
C THR E 181 -12.92 -50.52 2.88
N ASN E 182 -14.13 -50.94 3.22
CA ASN E 182 -14.44 -51.39 4.59
C ASN E 182 -13.59 -52.60 5.02
N GLN E 183 -13.30 -53.48 4.07
CA GLN E 183 -12.47 -54.65 4.34
C GLN E 183 -11.08 -54.21 4.77
N ASP E 184 -10.50 -53.27 4.02
CA ASP E 184 -9.20 -52.62 4.34
C ASP E 184 -9.22 -52.00 5.76
N GLN E 185 -10.25 -51.21 6.06
CA GLN E 185 -10.41 -50.57 7.36
C GLN E 185 -10.36 -51.57 8.50
N THR E 186 -11.22 -52.58 8.45
CA THR E 186 -11.34 -53.53 9.58
C THR E 186 -10.16 -54.46 9.61
N SER E 187 -9.67 -54.84 8.45
CA SER E 187 -8.46 -55.64 8.34
C SER E 187 -7.25 -54.98 9.02
N LEU E 188 -7.09 -53.67 8.84
CA LEU E 188 -5.95 -52.95 9.43
C LEU E 188 -6.17 -52.46 10.86
N TYR E 189 -7.37 -51.98 11.17
CA TYR E 189 -7.64 -51.31 12.44
C TYR E 189 -8.71 -51.93 13.33
N VAL E 190 -9.36 -53.01 12.87
CA VAL E 190 -10.43 -53.72 13.59
C VAL E 190 -11.70 -52.90 13.67
N GLN E 191 -11.66 -51.76 14.34
CA GLN E 191 -12.82 -50.87 14.43
C GLN E 191 -13.26 -50.44 13.03
N ALA E 192 -14.57 -50.35 12.81
CA ALA E 192 -15.16 -50.05 11.49
C ALA E 192 -14.96 -48.59 11.10
N SER E 193 -14.75 -47.72 12.09
CA SER E 193 -14.46 -46.33 11.84
C SER E 193 -13.40 -45.85 12.83
N GLY E 194 -12.34 -45.24 12.32
CA GLY E 194 -11.24 -44.71 13.14
C GLY E 194 -11.47 -43.26 13.56
N ARG E 195 -10.46 -42.72 14.22
CA ARG E 195 -10.51 -41.38 14.77
C ARG E 195 -9.11 -41.00 15.24
N VAL E 196 -8.66 -39.80 14.91
CA VAL E 196 -7.41 -39.27 15.42
C VAL E 196 -7.68 -37.91 16.07
N THR E 197 -7.34 -37.81 17.36
CA THR E 197 -7.44 -36.55 18.10
C THR E 197 -6.05 -36.22 18.65
N VAL E 198 -5.52 -35.09 18.18
CA VAL E 198 -4.22 -34.58 18.59
C VAL E 198 -4.44 -33.21 19.24
N SER E 199 -3.95 -33.04 20.46
CA SER E 199 -4.26 -31.85 21.23
C SER E 199 -3.08 -31.31 22.02
N THR E 200 -3.15 -30.01 22.31
CA THR E 200 -2.32 -29.34 23.31
C THR E 200 -3.24 -28.81 24.42
N ARG E 201 -2.71 -28.08 25.40
CA ARG E 201 -3.56 -27.56 26.47
C ARG E 201 -4.70 -26.69 25.96
N ARG E 202 -4.40 -25.80 25.02
CA ARG E 202 -5.38 -24.80 24.56
C ARG E 202 -6.12 -25.18 23.29
N SER E 203 -5.60 -26.13 22.49
CA SER E 203 -6.21 -26.44 21.19
C SER E 203 -6.22 -27.91 20.83
N GLN E 204 -7.00 -28.26 19.81
CA GLN E 204 -7.18 -29.66 19.41
C GLN E 204 -7.63 -29.80 17.95
N GLN E 205 -7.29 -30.91 17.32
CA GLN E 205 -7.80 -31.28 15.99
C GLN E 205 -8.32 -32.70 16.10
N THR E 206 -9.55 -32.96 15.63
CA THR E 206 -10.02 -34.33 15.44
C THR E 206 -10.34 -34.56 13.98
N ILE E 207 -9.82 -35.66 13.45
CA ILE E 207 -9.99 -36.03 12.07
C ILE E 207 -10.66 -37.41 12.02
N ILE E 208 -11.77 -37.50 11.31
CA ILE E 208 -12.44 -38.77 11.00
C ILE E 208 -11.97 -39.22 9.62
N PRO E 209 -11.44 -40.44 9.51
CA PRO E 209 -11.12 -40.97 8.18
C PRO E 209 -12.36 -41.24 7.34
N ASN E 210 -12.15 -41.26 6.04
CA ASN E 210 -13.21 -41.43 5.04
C ASN E 210 -12.81 -42.60 4.13
N ILE E 211 -13.61 -43.64 4.17
CA ILE E 211 -13.34 -44.86 3.41
C ILE E 211 -13.88 -44.66 2.00
N GLY E 212 -13.14 -45.10 0.98
CA GLY E 212 -13.56 -45.02 -0.43
C GLY E 212 -12.42 -44.86 -1.42
N SER E 213 -12.75 -44.90 -2.72
CA SER E 213 -11.74 -44.81 -3.76
C SER E 213 -11.41 -43.39 -4.17
N ARG E 214 -10.11 -43.13 -4.30
CA ARG E 214 -9.58 -41.96 -4.98
C ARG E 214 -8.85 -42.48 -6.24
N PRO E 215 -8.40 -41.59 -7.13
CA PRO E 215 -7.70 -42.09 -8.29
C PRO E 215 -6.46 -42.90 -7.93
N TRP E 216 -6.24 -43.94 -8.72
CA TRP E 216 -5.09 -44.81 -8.62
C TRP E 216 -3.80 -43.97 -8.72
N VAL E 217 -2.96 -44.09 -7.70
CA VAL E 217 -1.62 -43.51 -7.70
C VAL E 217 -0.68 -44.57 -7.13
N ARG E 218 0.30 -44.98 -7.93
CA ARG E 218 1.25 -46.03 -7.57
C ARG E 218 0.59 -47.27 -6.99
N GLY E 219 -0.53 -47.67 -7.57
CA GLY E 219 -1.21 -48.91 -7.19
C GLY E 219 -2.35 -48.74 -6.21
N LEU E 220 -2.58 -47.52 -5.73
CA LEU E 220 -3.47 -47.32 -4.58
C LEU E 220 -4.57 -46.31 -4.84
N SER E 221 -5.75 -46.68 -4.38
CA SER E 221 -6.90 -45.81 -4.32
C SER E 221 -7.08 -45.25 -2.93
N SER E 222 -6.28 -45.72 -1.98
CA SER E 222 -6.28 -45.19 -0.61
C SER E 222 -5.43 -43.92 -0.57
N ARG E 223 -5.47 -43.23 0.56
CA ARG E 223 -4.69 -41.99 0.76
C ARG E 223 -4.29 -41.82 2.21
N ILE E 224 -3.30 -40.94 2.41
CA ILE E 224 -2.98 -40.42 3.73
C ILE E 224 -3.16 -38.91 3.69
N SER E 225 -3.74 -38.35 4.75
CA SER E 225 -3.84 -36.90 4.92
C SER E 225 -2.90 -36.49 6.04
N ILE E 226 -2.17 -35.40 5.80
CA ILE E 226 -1.11 -34.94 6.66
C ILE E 226 -1.55 -33.68 7.41
N TYR E 227 -1.29 -33.71 8.72
CA TYR E 227 -1.60 -32.61 9.64
C TYR E 227 -0.38 -32.28 10.47
N TRP E 228 -0.43 -31.13 11.14
CA TRP E 228 0.67 -30.71 11.99
C TRP E 228 0.18 -30.02 13.27
N THR E 229 1.04 -30.07 14.29
CA THR E 229 0.75 -29.49 15.60
C THR E 229 2.05 -28.92 16.13
N ILE E 230 2.02 -27.64 16.50
CA ILE E 230 3.14 -26.99 17.13
C ILE E 230 2.91 -26.98 18.63
N VAL E 231 3.92 -27.41 19.38
CA VAL E 231 3.87 -27.47 20.83
C VAL E 231 4.92 -26.50 21.38
N LYS E 232 4.46 -25.47 22.09
CA LYS E 232 5.33 -24.44 22.64
C LYS E 232 5.95 -24.92 23.95
N PRO E 233 7.05 -24.28 24.39
CA PRO E 233 7.63 -24.58 25.70
C PRO E 233 6.61 -24.50 26.81
N GLY E 234 6.60 -25.52 27.67
CA GLY E 234 5.68 -25.58 28.80
C GLY E 234 4.35 -26.22 28.47
N ASP E 235 4.07 -26.47 27.19
CA ASP E 235 2.83 -27.11 26.77
C ASP E 235 3.12 -28.61 26.60
N VAL E 236 2.12 -29.39 26.21
CA VAL E 236 2.23 -30.84 26.12
C VAL E 236 1.39 -31.35 24.94
N LEU E 237 1.89 -32.35 24.22
CA LEU E 237 1.16 -33.00 23.15
C LEU E 237 0.41 -34.19 23.74
N VAL E 238 -0.82 -34.41 23.31
CA VAL E 238 -1.51 -35.67 23.55
C VAL E 238 -2.06 -36.20 22.22
N ILE E 239 -1.85 -37.48 21.97
CA ILE E 239 -2.41 -38.15 20.80
C ILE E 239 -3.30 -39.26 21.26
N ASN E 240 -4.49 -39.32 20.68
CA ASN E 240 -5.52 -40.24 21.08
C ASN E 240 -6.17 -40.81 19.83
N SER E 241 -6.20 -42.13 19.68
CA SER E 241 -6.76 -42.75 18.48
C SER E 241 -7.20 -44.19 18.73
N ASN E 242 -8.29 -44.57 18.05
CA ASN E 242 -8.74 -45.95 18.04
C ASN E 242 -8.66 -46.51 16.63
N GLY E 243 -7.82 -45.92 15.79
CA GLY E 243 -7.61 -46.42 14.44
C GLY E 243 -7.21 -45.33 13.48
N ASN E 244 -6.42 -45.73 12.47
CA ASN E 244 -6.06 -44.92 11.29
C ASN E 244 -4.98 -43.84 11.55
N LEU E 245 -4.38 -43.87 12.74
CA LEU E 245 -3.32 -42.94 13.10
C LEU E 245 -2.07 -43.26 12.29
N ILE E 246 -1.53 -42.23 11.64
CA ILE E 246 -0.17 -42.27 11.10
C ILE E 246 0.64 -41.42 12.05
N ALA E 247 1.41 -42.09 12.91
CA ALA E 247 1.98 -41.45 14.10
C ALA E 247 3.30 -40.72 13.81
N PRO E 248 3.58 -39.65 14.56
CA PRO E 248 4.90 -39.02 14.50
C PRO E 248 5.94 -39.90 15.16
N ARG E 249 7.18 -39.83 14.69
CA ARG E 249 8.30 -40.51 15.36
C ARG E 249 9.06 -39.57 16.32
N GLY E 250 8.65 -38.31 16.34
CA GLY E 250 9.37 -37.27 17.05
C GLY E 250 8.93 -35.93 16.52
N TYR E 251 9.81 -34.93 16.65
CA TYR E 251 9.48 -33.59 16.25
C TYR E 251 10.60 -32.96 15.46
N PHE E 252 10.21 -31.91 14.72
CA PHE E 252 11.16 -31.05 14.03
C PHE E 252 11.42 -29.86 14.91
N LYS E 253 12.69 -29.51 15.06
CA LYS E 253 13.07 -28.41 15.92
C LYS E 253 12.87 -27.15 15.10
N MET E 254 12.13 -26.18 15.63
CA MET E 254 11.76 -24.99 14.86
C MET E 254 12.71 -23.85 15.21
N ARG E 255 13.01 -23.04 14.19
CA ARG E 255 13.73 -21.78 14.38
C ARG E 255 12.96 -20.64 13.76
N THR E 256 13.39 -19.43 14.10
CA THR E 256 12.92 -18.24 13.42
C THR E 256 14.18 -17.58 12.89
N GLY E 257 14.06 -16.94 11.76
CA GLY E 257 15.21 -16.29 11.10
C GLY E 257 14.80 -15.91 9.67
N LYS E 258 15.79 -15.83 8.79
CA LYS E 258 15.66 -15.27 7.45
C LYS E 258 15.28 -16.30 6.36
N SER E 259 14.96 -17.53 6.75
CA SER E 259 14.82 -18.60 5.77
C SER E 259 13.52 -18.47 4.94
N SER E 260 13.57 -18.91 3.70
CA SER E 260 12.38 -18.93 2.84
C SER E 260 12.49 -20.02 1.77
N ILE E 261 11.58 -19.98 0.79
CA ILE E 261 11.51 -20.96 -0.27
C ILE E 261 11.13 -20.23 -1.56
N MET E 262 11.63 -20.72 -2.69
CA MET E 262 11.38 -20.13 -4.00
C MET E 262 11.21 -21.24 -5.04
N ARG E 263 10.24 -21.05 -5.94
CA ARG E 263 10.07 -21.90 -7.11
C ARG E 263 10.92 -21.32 -8.25
N SER E 264 11.85 -22.09 -8.75
CA SER E 264 12.74 -21.64 -9.84
C SER E 264 13.38 -22.84 -10.52
N ASP E 265 13.58 -22.71 -11.83
CA ASP E 265 14.37 -23.67 -12.57
C ASP E 265 15.75 -23.12 -12.95
N ALA E 266 16.15 -21.99 -12.38
CA ALA E 266 17.44 -21.42 -12.72
C ALA E 266 18.56 -22.25 -12.09
N PRO E 267 19.63 -22.52 -12.84
CA PRO E 267 20.73 -23.29 -12.23
C PRO E 267 21.45 -22.47 -11.14
N ILE E 268 22.09 -23.17 -10.22
CA ILE E 268 22.88 -22.56 -9.16
C ILE E 268 24.33 -22.45 -9.66
N ASP E 269 24.98 -21.34 -9.37
CA ASP E 269 26.33 -21.07 -9.82
C ASP E 269 27.19 -20.56 -8.66
N THR E 270 28.50 -20.59 -8.82
CA THR E 270 29.42 -20.08 -7.79
C THR E 270 29.67 -18.60 -8.11
N CYS E 271 28.97 -17.75 -7.37
CA CYS E 271 29.10 -16.29 -7.49
C CYS E 271 28.51 -15.66 -6.24
N ILE E 272 28.52 -14.33 -6.16
CA ILE E 272 28.04 -13.59 -5.02
C ILE E 272 26.93 -12.64 -5.48
N SER E 273 25.75 -12.77 -4.88
CA SER E 273 24.66 -11.83 -5.13
C SER E 273 23.69 -11.82 -3.96
N GLU E 274 23.47 -10.63 -3.39
CA GLU E 274 22.51 -10.48 -2.29
C GLU E 274 21.08 -10.78 -2.73
N CYS E 275 20.72 -10.40 -3.96
CA CYS E 275 19.33 -10.50 -4.44
C CYS E 275 19.10 -11.69 -5.37
N ILE E 276 18.08 -12.48 -5.07
CA ILE E 276 17.72 -13.64 -5.84
C ILE E 276 16.28 -13.50 -6.31
N THR E 277 16.07 -13.78 -7.59
CA THR E 277 14.74 -13.91 -8.17
C THR E 277 14.66 -15.29 -8.81
N PRO E 278 13.43 -15.72 -9.16
CA PRO E 278 13.30 -17.00 -9.85
C PRO E 278 13.98 -17.06 -11.22
N ASN E 279 14.20 -15.90 -11.83
CA ASN E 279 14.92 -15.78 -13.09
C ASN E 279 16.42 -15.92 -12.90
N GLY E 280 16.87 -15.84 -11.65
CA GLY E 280 18.29 -15.79 -11.32
C GLY E 280 18.58 -14.59 -10.45
N SER E 281 19.83 -14.51 -10.03
CA SER E 281 20.31 -13.42 -9.20
C SER E 281 20.30 -12.13 -10.00
N ILE E 282 20.09 -11.01 -9.32
CA ILE E 282 20.18 -9.70 -9.96
C ILE E 282 21.02 -8.76 -9.09
N PRO E 283 21.73 -7.84 -9.74
CA PRO E 283 22.44 -6.81 -8.97
C PRO E 283 21.44 -5.93 -8.21
N ASN E 284 21.91 -5.36 -7.10
CA ASN E 284 21.08 -4.48 -6.27
C ASN E 284 21.65 -3.05 -6.12
N ASP E 285 22.43 -2.60 -7.10
CA ASP E 285 22.92 -1.21 -7.10
C ASP E 285 21.80 -0.22 -7.46
N LYS E 286 20.75 -0.69 -8.14
CA LYS E 286 19.62 0.17 -8.53
C LYS E 286 18.47 0.07 -7.53
N PRO E 287 17.71 1.16 -7.38
CA PRO E 287 16.61 1.15 -6.39
C PRO E 287 15.38 0.34 -6.83
N PHE E 288 15.20 0.18 -8.14
CA PHE E 288 14.03 -0.51 -8.69
C PHE E 288 14.43 -1.66 -9.62
N GLN E 289 13.51 -2.57 -9.86
CA GLN E 289 13.73 -3.68 -10.76
C GLN E 289 12.40 -4.15 -11.34
N ASN E 290 12.50 -4.70 -12.53
CA ASN E 290 11.36 -5.16 -13.34
C ASN E 290 11.57 -6.63 -13.70
N VAL E 291 12.46 -7.33 -13.00
CA VAL E 291 12.77 -8.71 -13.34
C VAL E 291 11.67 -9.63 -12.84
N ASN E 292 11.31 -9.54 -11.56
CA ASN E 292 10.28 -10.42 -11.00
C ASN E 292 9.83 -9.87 -9.67
N LYS E 293 8.52 -9.92 -9.45
CA LYS E 293 7.95 -9.50 -8.16
C LYS E 293 8.33 -10.45 -7.03
N ILE E 294 8.73 -11.67 -7.35
CA ILE E 294 9.22 -12.63 -6.38
C ILE E 294 10.71 -12.38 -6.20
N THR E 295 11.11 -12.00 -4.99
CA THR E 295 12.51 -11.83 -4.66
C THR E 295 12.84 -12.32 -3.24
N TYR E 296 14.13 -12.53 -3.03
CA TYR E 296 14.70 -12.90 -1.73
C TYR E 296 16.03 -12.17 -1.57
N GLY E 297 16.18 -11.51 -0.43
CA GLY E 297 17.40 -10.79 -0.07
C GLY E 297 17.31 -9.29 -0.22
N ALA E 298 18.48 -8.64 -0.17
CA ALA E 298 18.58 -7.19 -0.33
C ALA E 298 18.37 -6.87 -1.82
N CYS E 299 17.15 -6.47 -2.17
CA CYS E 299 16.72 -6.35 -3.56
C CYS E 299 16.19 -4.95 -3.87
N PRO E 300 16.34 -4.49 -5.13
CA PRO E 300 15.57 -3.34 -5.59
C PRO E 300 14.06 -3.67 -5.51
N LYS E 301 13.26 -2.63 -5.37
CA LYS E 301 11.81 -2.80 -5.30
C LYS E 301 11.20 -3.05 -6.69
N TYR E 302 10.28 -3.99 -6.78
CA TYR E 302 9.64 -4.31 -8.05
C TYR E 302 8.69 -3.19 -8.50
N VAL E 303 8.86 -2.77 -9.75
CA VAL E 303 8.01 -1.78 -10.41
C VAL E 303 7.62 -2.31 -11.79
N LYS E 304 6.58 -1.72 -12.36
CA LYS E 304 6.10 -2.10 -13.69
C LYS E 304 6.92 -1.52 -14.84
N GLN E 305 7.58 -0.38 -14.64
CA GLN E 305 8.34 0.25 -15.72
C GLN E 305 9.58 -0.60 -16.03
N ASN E 306 9.94 -0.75 -17.29
CA ASN E 306 11.20 -1.44 -17.62
C ASN E 306 12.41 -0.53 -17.71
N THR E 307 12.18 0.77 -17.69
CA THR E 307 13.26 1.76 -17.63
C THR E 307 12.77 3.02 -16.95
N LEU E 308 13.64 3.62 -16.13
CA LEU E 308 13.43 4.93 -15.57
C LEU E 308 14.76 5.63 -15.42
N LYS E 309 14.87 6.79 -16.06
CA LYS E 309 16.12 7.49 -16.20
C LYS E 309 16.17 8.66 -15.24
N LEU E 310 17.18 8.65 -14.38
CA LEU E 310 17.50 9.79 -13.53
C LEU E 310 18.52 10.64 -14.29
N ALA E 311 18.13 11.87 -14.60
CA ALA E 311 19.03 12.81 -15.27
C ALA E 311 20.26 13.03 -14.39
N THR E 312 21.43 12.95 -15.01
CA THR E 312 22.69 13.26 -14.33
C THR E 312 23.42 14.41 -15.00
N GLY E 313 22.67 15.20 -15.77
CA GLY E 313 23.23 16.36 -16.41
C GLY E 313 22.19 17.36 -16.85
N MET E 314 22.67 18.49 -17.33
CA MET E 314 21.84 19.56 -17.82
C MET E 314 21.15 19.21 -19.11
N ARG E 315 20.24 20.11 -19.49
CA ARG E 315 19.57 20.07 -20.78
C ARG E 315 20.59 20.11 -21.91
N ASN E 316 20.44 19.21 -22.88
CA ASN E 316 21.39 19.11 -24.00
C ASN E 316 20.84 19.93 -25.17
N VAL E 317 21.55 20.99 -25.52
CA VAL E 317 21.18 21.89 -26.61
C VAL E 317 22.33 21.89 -27.62
N PRO E 318 22.31 20.96 -28.58
CA PRO E 318 23.48 20.83 -29.47
C PRO E 318 23.56 21.97 -30.49
N GLU E 319 24.74 22.17 -31.07
CA GLU E 319 25.07 23.31 -31.97
C GLU E 319 24.33 23.32 -33.33
N GLY F 1 14.09 25.79 -18.59
CA GLY F 1 14.17 25.86 -17.11
C GLY F 1 13.76 27.20 -16.52
N LEU F 2 13.65 27.21 -15.20
CA LEU F 2 13.16 28.36 -14.46
C LEU F 2 13.97 29.64 -14.62
N PHE F 3 15.27 29.52 -14.89
CA PHE F 3 16.15 30.69 -14.98
C PHE F 3 16.31 31.27 -16.37
N GLY F 4 16.01 30.46 -17.39
CA GLY F 4 16.00 30.95 -18.75
C GLY F 4 17.37 31.20 -19.35
N ALA F 5 18.40 30.53 -18.82
CA ALA F 5 19.74 30.62 -19.40
C ALA F 5 19.95 29.48 -20.37
N ILE F 6 20.04 28.26 -19.86
CA ILE F 6 20.23 27.08 -20.70
C ILE F 6 18.95 26.87 -21.49
N ALA F 7 19.10 26.74 -22.81
CA ALA F 7 17.97 26.70 -23.75
C ALA F 7 17.10 27.97 -23.69
N GLY F 8 17.72 29.10 -23.34
CA GLY F 8 17.02 30.36 -23.21
C GLY F 8 17.84 31.47 -23.85
N PHE F 9 18.33 32.43 -23.07
CA PHE F 9 19.11 33.53 -23.63
C PHE F 9 20.48 33.06 -24.15
N ILE F 10 20.99 31.95 -23.62
CA ILE F 10 22.13 31.26 -24.22
C ILE F 10 21.58 30.32 -25.29
N GLU F 11 21.92 30.62 -26.54
CA GLU F 11 21.31 29.99 -27.72
C GLU F 11 21.50 28.49 -27.73
N ASN F 12 22.71 28.05 -27.42
CA ASN F 12 23.02 26.62 -27.41
C ASN F 12 24.30 26.32 -26.64
N GLY F 13 24.54 25.03 -26.45
CA GLY F 13 25.74 24.55 -25.80
C GLY F 13 26.93 24.44 -26.74
N TRP F 14 28.08 24.09 -26.14
CA TRP F 14 29.33 23.96 -26.86
C TRP F 14 29.78 22.51 -26.81
N GLU F 15 29.67 21.80 -27.94
CA GLU F 15 30.21 20.43 -28.03
C GLU F 15 31.72 20.40 -27.83
N GLY F 16 32.39 21.49 -28.20
CA GLY F 16 33.82 21.63 -28.02
C GLY F 16 34.32 21.68 -26.59
N MET F 17 33.46 22.05 -25.63
CA MET F 17 33.92 22.15 -24.25
C MET F 17 33.84 20.78 -23.56
N ILE F 18 34.98 20.10 -23.54
CA ILE F 18 35.09 18.74 -23.01
C ILE F 18 35.70 18.67 -21.60
N ASP F 19 36.21 19.79 -21.08
CA ASP F 19 36.90 19.81 -19.78
C ASP F 19 36.08 20.49 -18.68
N GLY F 20 34.80 20.77 -18.94
CA GLY F 20 33.93 21.39 -17.93
C GLY F 20 32.50 21.49 -18.42
N TRP F 21 31.61 21.84 -17.50
CA TRP F 21 30.17 21.92 -17.78
C TRP F 21 29.75 23.32 -18.17
N TYR F 22 30.39 24.32 -17.58
CA TYR F 22 30.19 25.73 -17.88
C TYR F 22 31.55 26.38 -18.15
N GLY F 23 31.56 27.46 -18.92
CA GLY F 23 32.80 28.23 -19.08
C GLY F 23 32.73 29.44 -19.99
N PHE F 24 33.91 29.86 -20.46
CA PHE F 24 34.09 31.14 -21.14
C PHE F 24 34.67 30.98 -22.54
N ARG F 25 34.12 31.73 -23.49
CA ARG F 25 34.75 31.95 -24.79
C ARG F 25 34.98 33.43 -25.00
N HIS F 26 36.16 33.79 -25.50
CA HIS F 26 36.53 35.18 -25.71
C HIS F 26 37.08 35.46 -27.10
N GLN F 27 36.84 36.69 -27.57
CA GLN F 27 37.54 37.30 -28.69
C GLN F 27 38.20 38.60 -28.20
N ASN F 28 39.51 38.71 -28.37
CA ASN F 28 40.26 39.95 -28.11
C ASN F 28 41.25 40.22 -29.25
N SER F 29 42.12 41.23 -29.07
CA SER F 29 43.22 41.53 -30.00
C SER F 29 44.08 40.30 -30.37
N GLU F 30 44.40 39.47 -29.38
CA GLU F 30 45.28 38.31 -29.57
C GLU F 30 44.63 37.04 -30.17
N GLY F 31 43.33 37.08 -30.46
CA GLY F 31 42.61 35.94 -31.08
C GLY F 31 41.47 35.44 -30.21
N THR F 32 41.05 34.19 -30.47
CA THR F 32 39.97 33.55 -29.71
C THR F 32 40.48 32.42 -28.84
N GLY F 33 39.65 32.01 -27.87
CA GLY F 33 39.97 30.90 -26.96
C GLY F 33 38.83 30.47 -26.05
N GLN F 34 39.06 29.38 -25.32
CA GLN F 34 38.04 28.73 -24.50
C GLN F 34 38.60 28.21 -23.18
N ALA F 35 37.87 28.41 -22.08
CA ALA F 35 38.21 27.77 -20.80
C ALA F 35 36.98 27.43 -19.95
N ALA F 36 37.08 26.30 -19.27
CA ALA F 36 36.04 25.83 -18.36
C ALA F 36 36.11 26.61 -17.06
N ASP F 37 34.95 26.89 -16.46
CA ASP F 37 34.87 27.38 -15.08
C ASP F 37 34.70 26.16 -14.18
N LEU F 38 35.71 25.90 -13.35
CA LEU F 38 35.74 24.72 -12.48
C LEU F 38 34.69 24.82 -11.36
N LYS F 39 34.50 26.01 -10.79
CA LYS F 39 33.68 26.19 -9.60
C LYS F 39 32.20 25.89 -9.85
N SER F 40 31.65 26.48 -10.91
CA SER F 40 30.27 26.26 -11.31
C SER F 40 30.04 24.82 -11.74
N THR F 41 30.97 24.30 -12.53
CA THR F 41 30.97 22.91 -12.97
C THR F 41 30.87 21.96 -11.77
N GLN F 42 31.70 22.19 -10.77
CA GLN F 42 31.76 21.31 -9.62
C GLN F 42 30.51 21.44 -8.74
N ALA F 43 30.00 22.66 -8.60
CA ALA F 43 28.76 22.90 -7.84
C ALA F 43 27.57 22.12 -8.40
N ALA F 44 27.47 22.04 -9.73
CA ALA F 44 26.44 21.26 -10.40
C ALA F 44 26.66 19.77 -10.18
N ILE F 45 27.88 19.32 -10.46
CA ILE F 45 28.25 17.91 -10.31
C ILE F 45 28.04 17.44 -8.87
N ASP F 46 28.45 18.25 -7.89
CA ASP F 46 28.29 17.88 -6.48
C ASP F 46 26.84 17.72 -6.07
N GLN F 47 26.00 18.64 -6.55
CA GLN F 47 24.56 18.57 -6.29
C GLN F 47 23.94 17.33 -6.94
N ILE F 48 24.34 17.05 -8.17
CA ILE F 48 23.84 15.87 -8.87
C ILE F 48 24.33 14.56 -8.23
N ASN F 49 25.61 14.52 -7.83
CA ASN F 49 26.12 13.36 -7.09
C ASN F 49 25.37 13.17 -5.78
N GLY F 50 25.07 14.27 -5.11
CA GLY F 50 24.32 14.20 -3.87
C GLY F 50 22.97 13.51 -4.04
N LYS F 51 22.21 13.95 -5.05
CA LYS F 51 20.89 13.35 -5.28
C LYS F 51 20.97 11.91 -5.80
N LEU F 52 21.96 11.63 -6.63
CA LEU F 52 22.21 10.25 -7.07
C LEU F 52 22.44 9.30 -5.89
N ASN F 53 23.30 9.69 -4.95
CA ASN F 53 23.58 8.84 -3.78
C ASN F 53 22.39 8.74 -2.84
N ARG F 54 21.56 9.77 -2.75
CA ARG F 54 20.30 9.68 -1.99
C ARG F 54 19.35 8.67 -2.62
N VAL F 55 19.24 8.71 -3.95
CA VAL F 55 18.33 7.85 -4.69
C VAL F 55 18.72 6.37 -4.69
N ILE F 56 20.01 6.07 -4.87
CA ILE F 56 20.47 4.67 -4.91
C ILE F 56 20.84 4.09 -3.53
N GLU F 57 20.41 4.78 -2.47
CA GLU F 57 20.62 4.36 -1.10
C GLU F 57 19.83 3.06 -0.86
N LYS F 58 20.56 1.96 -0.67
CA LYS F 58 19.94 0.65 -0.42
C LYS F 58 19.13 0.61 0.88
N THR F 59 17.84 0.34 0.75
CA THR F 59 16.90 0.33 1.89
C THR F 59 16.01 -0.93 2.03
N ASN F 60 16.16 -1.92 1.18
CA ASN F 60 15.15 -2.96 1.11
C ASN F 60 15.77 -4.35 1.18
N GLU F 61 15.61 -5.04 2.31
CA GLU F 61 15.98 -6.42 2.45
C GLU F 61 14.80 -7.20 3.02
N LYS F 62 14.29 -8.15 2.25
CA LYS F 62 13.12 -8.93 2.64
C LYS F 62 13.43 -10.40 2.52
N PHE F 63 12.83 -11.21 3.38
CA PHE F 63 13.09 -12.63 3.38
C PHE F 63 11.83 -13.42 3.02
N HIS F 64 11.23 -14.14 3.96
CA HIS F 64 10.00 -14.84 3.69
C HIS F 64 8.84 -13.84 3.57
N GLN F 65 8.07 -13.96 2.49
CA GLN F 65 7.00 -13.01 2.16
C GLN F 65 5.73 -13.83 1.89
N ILE F 66 4.89 -13.36 1.00
CA ILE F 66 3.73 -14.13 0.55
C ILE F 66 4.03 -14.75 -0.80
N GLU F 67 3.31 -15.80 -1.13
CA GLU F 67 3.32 -16.34 -2.48
C GLU F 67 2.64 -15.35 -3.44
N LYS F 68 3.14 -15.33 -4.67
CA LYS F 68 2.72 -14.36 -5.68
C LYS F 68 2.37 -14.97 -7.02
N GLU F 69 2.57 -16.28 -7.15
CA GLU F 69 2.13 -17.09 -8.27
C GLU F 69 1.49 -18.34 -7.68
N PHE F 70 0.52 -18.87 -8.40
CA PHE F 70 -0.35 -19.91 -7.87
C PHE F 70 -0.67 -20.89 -9.00
N SER F 71 -0.56 -22.18 -8.72
CA SER F 71 -0.81 -23.19 -9.72
C SER F 71 -2.28 -23.65 -9.78
N GLU F 72 -3.07 -23.32 -8.76
CA GLU F 72 -4.46 -23.76 -8.58
C GLU F 72 -5.39 -22.55 -8.38
N VAL F 73 -6.62 -22.68 -8.84
CA VAL F 73 -7.69 -21.71 -8.55
C VAL F 73 -8.16 -21.97 -7.11
N GLU F 74 -8.23 -20.90 -6.32
CA GLU F 74 -8.70 -21.02 -4.91
C GLU F 74 -9.83 -20.08 -4.50
N GLY F 75 -9.96 -18.93 -5.14
CA GLY F 75 -10.97 -17.98 -4.73
C GLY F 75 -10.43 -16.97 -3.71
N ARG F 76 -11.19 -16.78 -2.64
CA ARG F 76 -11.12 -15.61 -1.75
C ARG F 76 -9.74 -15.24 -1.20
N ILE F 77 -9.05 -16.23 -0.64
CA ILE F 77 -7.74 -15.98 -0.04
C ILE F 77 -6.72 -15.59 -1.13
N GLN F 78 -6.77 -16.29 -2.27
CA GLN F 78 -5.85 -16.01 -3.36
C GLN F 78 -6.15 -14.67 -4.01
N ASP F 79 -7.45 -14.32 -4.14
CA ASP F 79 -7.85 -12.98 -4.64
C ASP F 79 -7.16 -11.90 -3.77
N LEU F 80 -7.17 -12.10 -2.47
CA LEU F 80 -6.61 -11.13 -1.53
C LEU F 80 -5.07 -11.02 -1.63
N GLU F 81 -4.42 -12.18 -1.67
CA GLU F 81 -2.97 -12.25 -1.85
C GLU F 81 -2.54 -11.51 -3.13
N LYS F 82 -3.23 -11.76 -4.23
CA LYS F 82 -2.90 -11.09 -5.49
C LYS F 82 -3.16 -9.60 -5.43
N TYR F 83 -4.29 -9.23 -4.84
CA TYR F 83 -4.69 -7.82 -4.74
C TYR F 83 -3.73 -7.06 -3.85
N VAL F 84 -3.28 -7.69 -2.76
CA VAL F 84 -2.28 -7.05 -1.90
C VAL F 84 -1.02 -6.72 -2.68
N GLU F 85 -0.51 -7.71 -3.42
CA GLU F 85 0.71 -7.54 -4.21
C GLU F 85 0.55 -6.52 -5.33
N ASP F 86 -0.56 -6.61 -6.06
CA ASP F 86 -0.82 -5.70 -7.17
C ASP F 86 -0.92 -4.25 -6.68
N THR F 87 -1.59 -4.05 -5.53
CA THR F 87 -1.69 -2.75 -4.88
C THR F 87 -0.31 -2.17 -4.53
N LYS F 88 0.51 -3.01 -3.93
CA LYS F 88 1.88 -2.66 -3.57
C LYS F 88 2.69 -2.22 -4.78
N ILE F 89 2.65 -3.04 -5.82
CA ILE F 89 3.40 -2.79 -7.07
C ILE F 89 3.00 -1.46 -7.72
N ASP F 90 1.70 -1.18 -7.76
CA ASP F 90 1.22 0.07 -8.36
C ASP F 90 1.67 1.26 -7.56
N LEU F 91 1.62 1.14 -6.24
CA LEU F 91 2.09 2.23 -5.37
C LEU F 91 3.58 2.48 -5.54
N TRP F 92 4.38 1.41 -5.58
CA TRP F 92 5.82 1.58 -5.79
C TRP F 92 6.12 2.12 -7.18
N SER F 93 5.40 1.65 -8.20
CA SER F 93 5.59 2.12 -9.58
C SER F 93 5.27 3.61 -9.68
N TYR F 94 4.20 4.04 -9.02
CA TYR F 94 3.87 5.46 -8.92
C TYR F 94 4.98 6.25 -8.22
N ASN F 95 5.46 5.76 -7.09
CA ASN F 95 6.55 6.43 -6.39
C ASN F 95 7.75 6.61 -7.30
N ALA F 96 8.10 5.55 -8.04
CA ALA F 96 9.26 5.59 -8.93
C ALA F 96 9.07 6.65 -10.03
N GLU F 97 7.88 6.67 -10.64
CA GLU F 97 7.55 7.62 -11.71
C GLU F 97 7.63 9.05 -11.20
N LEU F 98 6.97 9.32 -10.08
CA LEU F 98 7.00 10.66 -9.49
C LEU F 98 8.42 11.06 -9.10
N LEU F 99 9.17 10.15 -8.49
CA LEU F 99 10.51 10.46 -8.02
C LEU F 99 11.35 11.01 -9.15
N VAL F 100 11.35 10.29 -10.27
CA VAL F 100 12.22 10.64 -11.39
C VAL F 100 11.76 11.96 -12.01
N ALA F 101 10.45 12.16 -12.13
CA ALA F 101 9.91 13.40 -12.69
C ALA F 101 10.33 14.60 -11.86
N LEU F 102 10.14 14.53 -10.54
CA LEU F 102 10.55 15.62 -9.65
C LEU F 102 12.05 15.85 -9.69
N GLU F 103 12.83 14.77 -9.56
CA GLU F 103 14.29 14.85 -9.58
C GLU F 103 14.79 15.49 -10.88
N ASN F 104 14.21 15.09 -11.99
CA ASN F 104 14.70 15.51 -13.32
C ASN F 104 14.32 16.96 -13.64
N GLN F 105 13.09 17.36 -13.31
CA GLN F 105 12.70 18.77 -13.37
C GLN F 105 13.68 19.63 -12.58
N HIS F 106 13.96 19.21 -11.34
CA HIS F 106 14.85 19.93 -10.45
C HIS F 106 16.29 19.97 -10.96
N THR F 107 16.75 18.87 -11.56
CA THR F 107 18.11 18.78 -12.09
C THR F 107 18.29 19.74 -13.25
N ILE F 108 17.29 19.81 -14.11
CA ILE F 108 17.29 20.77 -15.21
C ILE F 108 17.30 22.20 -14.66
N ASP F 109 16.45 22.49 -13.67
CA ASP F 109 16.41 23.83 -13.09
C ASP F 109 17.71 24.21 -12.35
N LEU F 110 18.32 23.28 -11.62
CA LEU F 110 19.53 23.60 -10.89
C LEU F 110 20.73 23.81 -11.82
N THR F 111 20.79 23.11 -12.94
CA THR F 111 21.86 23.31 -13.89
C THR F 111 21.68 24.64 -14.62
N ASP F 112 20.43 24.95 -14.98
CA ASP F 112 20.05 26.25 -15.52
C ASP F 112 20.47 27.34 -14.51
N SER F 113 20.13 27.14 -13.24
CA SER F 113 20.52 28.05 -12.16
C SER F 113 22.02 28.30 -12.07
N GLU F 114 22.83 27.24 -12.16
CA GLU F 114 24.27 27.41 -12.04
C GLU F 114 24.85 28.21 -13.21
N MET F 115 24.31 28.00 -14.41
CA MET F 115 24.66 28.85 -15.57
C MET F 115 24.38 30.31 -15.25
N ASN F 116 23.18 30.57 -14.76
CA ASN F 116 22.75 31.93 -14.42
C ASN F 116 23.64 32.54 -13.34
N LYS F 117 24.00 31.75 -12.32
CA LYS F 117 24.86 32.24 -11.25
C LYS F 117 26.22 32.71 -11.77
N LEU F 118 26.81 31.95 -12.68
CA LEU F 118 28.09 32.30 -13.28
C LEU F 118 27.95 33.58 -14.10
N PHE F 119 26.90 33.65 -14.90
CA PHE F 119 26.64 34.86 -15.69
C PHE F 119 26.49 36.12 -14.84
N GLU F 120 25.73 36.04 -13.75
CA GLU F 120 25.54 37.19 -12.86
C GLU F 120 26.83 37.55 -12.10
N LYS F 121 27.62 36.53 -11.73
CA LYS F 121 28.89 36.73 -11.03
C LYS F 121 29.90 37.51 -11.90
N THR F 122 29.92 37.16 -13.19
CA THR F 122 30.80 37.76 -14.17
C THR F 122 30.39 39.22 -14.42
N GLY F 123 29.12 39.44 -14.70
CA GLY F 123 28.56 40.79 -14.83
C GLY F 123 28.91 41.70 -13.67
N ARG F 124 28.83 41.15 -12.46
CA ARG F 124 29.21 41.89 -11.24
C ARG F 124 30.69 42.22 -11.13
N GLN F 125 31.55 41.29 -11.56
CA GLN F 125 32.99 41.55 -11.65
C GLN F 125 33.32 42.74 -12.54
N LEU F 126 32.69 42.76 -13.71
CA LEU F 126 32.97 43.74 -14.74
C LEU F 126 32.42 45.14 -14.46
N ARG F 127 31.55 45.29 -13.45
CA ARG F 127 31.05 46.61 -13.03
C ARG F 127 30.67 47.46 -14.24
N GLU F 128 31.25 48.65 -14.43
CA GLU F 128 30.84 49.56 -15.48
C GLU F 128 31.73 49.44 -16.72
N ASN F 129 32.57 48.42 -16.78
CA ASN F 129 33.51 48.23 -17.88
C ASN F 129 32.98 47.33 -19.00
N ALA F 130 31.72 46.90 -18.93
CA ALA F 130 31.17 46.01 -19.95
C ALA F 130 29.66 46.09 -20.02
N GLU F 131 29.09 45.59 -21.11
CA GLU F 131 27.63 45.54 -21.27
C GLU F 131 27.13 44.17 -21.73
N ASP F 132 26.00 43.78 -21.15
CA ASP F 132 25.33 42.51 -21.46
C ASP F 132 24.70 42.61 -22.84
N MET F 133 25.22 41.84 -23.80
CA MET F 133 24.67 41.83 -25.17
C MET F 133 23.31 41.11 -25.27
N GLY F 134 22.93 40.33 -24.25
CA GLY F 134 21.62 39.65 -24.22
C GLY F 134 21.61 38.19 -24.68
N ASN F 135 22.78 37.69 -25.11
CA ASN F 135 22.94 36.34 -25.65
C ASN F 135 23.99 35.54 -24.85
N GLY F 136 24.22 35.94 -23.59
CA GLY F 136 25.24 35.32 -22.76
C GLY F 136 26.63 35.90 -22.94
N CYS F 137 26.77 36.94 -23.78
CA CYS F 137 28.06 37.58 -24.04
C CYS F 137 28.12 39.01 -23.54
N PHE F 138 29.28 39.37 -22.99
CA PHE F 138 29.57 40.72 -22.57
C PHE F 138 30.48 41.39 -23.61
N LYS F 139 30.10 42.58 -24.05
CA LYS F 139 31.02 43.45 -24.76
C LYS F 139 31.85 44.17 -23.72
N ILE F 140 33.16 43.97 -23.76
CA ILE F 140 34.11 44.63 -22.86
C ILE F 140 34.66 45.84 -23.61
N TYR F 141 34.55 47.02 -23.01
CA TYR F 141 34.89 48.28 -23.68
C TYR F 141 36.31 48.76 -23.34
N HIS F 142 37.27 47.84 -23.36
CA HIS F 142 38.67 48.19 -23.18
C HIS F 142 39.59 47.11 -23.73
N LYS F 143 40.88 47.43 -23.78
CA LYS F 143 41.90 46.50 -24.21
C LYS F 143 41.97 45.41 -23.15
N CYS F 144 41.64 44.17 -23.54
CA CYS F 144 41.68 43.03 -22.64
C CYS F 144 42.48 41.91 -23.29
N ASP F 145 43.80 42.02 -23.09
CA ASP F 145 44.77 40.97 -23.43
C ASP F 145 44.51 39.67 -22.67
N ASN F 146 45.18 38.61 -23.09
CA ASN F 146 45.00 37.27 -22.50
C ASN F 146 45.19 37.25 -20.96
N ALA F 147 46.11 38.07 -20.46
CA ALA F 147 46.26 38.28 -19.01
C ALA F 147 44.98 38.78 -18.37
N CYS F 148 44.36 39.76 -19.02
CA CYS F 148 43.13 40.41 -18.54
C CYS F 148 41.94 39.44 -18.56
N ILE F 149 41.84 38.60 -19.58
CA ILE F 149 40.78 37.59 -19.68
C ILE F 149 40.95 36.59 -18.54
N GLU F 150 42.13 35.97 -18.47
CA GLU F 150 42.46 35.05 -17.37
C GLU F 150 42.18 35.68 -15.99
N SER F 151 42.39 36.99 -15.84
CA SER F 151 42.06 37.69 -14.58
C SER F 151 40.55 37.69 -14.27
N ILE F 152 39.73 37.81 -15.32
CA ILE F 152 38.27 37.69 -15.16
C ILE F 152 37.91 36.25 -14.79
N ARG F 153 38.47 35.29 -15.51
CA ARG F 153 38.14 33.89 -15.30
C ARG F 153 38.61 33.36 -13.95
N ASN F 154 39.79 33.77 -13.47
CA ASN F 154 40.27 33.31 -12.15
C ASN F 154 39.99 34.32 -11.01
N GLY F 155 39.04 35.23 -11.25
CA GLY F 155 38.48 36.08 -10.21
C GLY F 155 39.34 37.23 -9.70
N THR F 156 40.41 37.62 -10.41
CA THR F 156 41.33 38.69 -9.92
C THR F 156 41.24 40.02 -10.70
N TYR F 157 40.28 40.14 -11.62
CA TYR F 157 40.08 41.37 -12.41
C TYR F 157 39.71 42.57 -11.54
N ASP F 158 40.61 43.54 -11.46
CA ASP F 158 40.35 44.83 -10.80
C ASP F 158 39.68 45.73 -11.83
N HIS F 159 38.42 46.07 -11.61
CA HIS F 159 37.68 46.92 -12.53
C HIS F 159 38.17 48.38 -12.53
N ASP F 160 38.73 48.86 -11.41
CA ASP F 160 39.17 50.26 -11.28
C ASP F 160 40.32 50.58 -12.24
N VAL F 161 41.20 49.61 -12.47
CA VAL F 161 42.32 49.72 -13.43
C VAL F 161 41.84 50.18 -14.82
N TYR F 162 40.80 49.53 -15.35
CA TYR F 162 40.35 49.77 -16.71
C TYR F 162 39.13 50.72 -16.82
N ARG F 163 38.67 51.26 -15.69
CA ARG F 163 37.37 51.96 -15.66
C ARG F 163 37.32 53.23 -16.55
N ASP F 164 38.30 54.13 -16.37
CA ASP F 164 38.38 55.37 -17.16
C ASP F 164 38.32 55.09 -18.67
N GLU F 165 39.18 54.17 -19.11
CA GLU F 165 39.21 53.74 -20.51
C GLU F 165 37.85 53.25 -20.99
N ALA F 166 37.18 52.45 -20.16
CA ALA F 166 35.91 51.83 -20.55
C ALA F 166 34.73 52.79 -20.51
N LEU F 167 34.65 53.61 -19.46
CA LEU F 167 33.60 54.62 -19.35
C LEU F 167 33.59 55.56 -20.56
N ASN F 168 34.79 56.01 -20.96
CA ASN F 168 34.97 56.85 -22.14
C ASN F 168 34.52 56.16 -23.44
N ASN F 169 34.95 54.92 -23.64
CA ASN F 169 34.53 54.11 -24.79
C ASN F 169 33.03 53.82 -24.83
N ARG F 170 32.40 53.70 -23.65
CA ARG F 170 30.96 53.44 -23.55
C ARG F 170 30.11 54.68 -23.85
N PHE F 171 30.52 55.82 -23.28
CA PHE F 171 29.80 57.10 -23.40
C PHE F 171 30.61 58.15 -24.16
C1 NAG G . 12.99 26.54 16.67
C2 NAG G . 12.22 27.54 17.54
C3 NAG G . 11.84 26.97 18.90
C4 NAG G . 11.25 25.57 18.81
C5 NAG G . 12.14 24.66 17.93
C6 NAG G . 11.48 23.29 17.72
C7 NAG G . 13.02 29.79 17.01
C8 NAG G . 13.94 30.91 17.42
N2 NAG G . 13.05 28.71 17.79
O3 NAG G . 10.88 27.82 19.52
O4 NAG G . 11.11 25.09 20.16
O5 NAG G . 12.33 25.27 16.65
O6 NAG G . 12.38 22.38 17.09
O7 NAG G . 12.31 29.86 16.03
C1 NAG G . 9.76 24.67 20.48
C2 NAG G . 9.69 23.88 21.81
C3 NAG G . 8.30 23.87 22.49
C4 NAG G . 7.41 25.09 22.20
C5 NAG G . 7.50 25.38 20.70
C6 NAG G . 6.52 26.42 20.14
C7 NAG G . 11.38 22.04 21.69
C8 NAG G . 11.56 20.57 21.45
N2 NAG G . 10.12 22.49 21.61
O3 NAG G . 8.47 23.73 23.91
O4 NAG G . 6.03 24.82 22.56
O5 NAG G . 8.86 25.79 20.50
O6 NAG G . 7.02 27.74 20.35
O7 NAG G . 12.35 22.76 21.90
C1 BMA G . 5.61 25.32 23.86
C2 BMA G . 4.08 25.57 23.86
C3 BMA G . 3.58 25.93 25.26
C4 BMA G . 4.02 24.87 26.26
C5 BMA G . 5.54 24.72 26.22
C6 BMA G . 6.00 23.64 27.19
O2 BMA G . 3.39 24.43 23.35
O3 BMA G . 2.14 26.06 25.26
O4 BMA G . 3.60 25.23 27.57
O5 BMA G . 5.97 24.39 24.89
O6 BMA G . 7.34 23.22 26.89
C1 NAG H . -38.28 -29.00 15.39
C2 NAG H . -39.37 -29.64 14.49
C3 NAG H . -39.60 -28.75 13.28
C4 NAG H . -40.05 -27.37 13.72
C5 NAG H . -39.08 -26.79 14.75
C6 NAG H . -39.63 -25.48 15.33
C7 NAG H . -39.34 -32.10 14.61
C8 NAG H . -38.97 -33.36 13.89
N2 NAG H . -39.07 -30.97 13.95
O3 NAG H . -40.58 -29.32 12.40
O4 NAG H . -40.08 -26.50 12.58
O5 NAG H . -38.80 -27.73 15.79
O6 NAG H . -40.87 -25.68 16.02
O7 NAG H . -39.82 -32.11 15.73
C1 NAG H . -41.41 -26.08 12.23
C2 NAG H . -41.30 -24.82 11.38
C3 NAG H . -42.68 -24.30 11.00
C4 NAG H . -43.54 -25.40 10.35
C5 NAG H . -43.49 -26.66 11.22
C6 NAG H . -44.23 -27.85 10.60
C7 NAG H . -39.47 -23.22 11.69
C8 NAG H . -38.90 -22.17 12.59
N2 NAG H . -40.59 -23.79 12.12
O3 NAG H . -42.49 -23.18 10.11
O4 NAG H . -44.90 -24.92 10.21
O5 NAG H . -42.14 -27.07 11.51
O6 NAG H . -43.86 -29.08 11.25
O7 NAG H . -38.93 -23.50 10.64
C1 BMA H . -45.41 -24.68 8.86
C2 BMA H . -46.76 -25.43 8.74
C3 BMA H . -47.62 -24.95 7.55
C4 BMA H . -47.62 -23.44 7.46
C5 BMA H . -46.18 -22.94 7.33
C6 BMA H . -46.13 -21.44 7.06
O2 BMA H . -47.50 -25.33 9.97
O3 BMA H . -48.97 -25.44 7.63
O4 BMA H . -48.42 -23.02 6.34
O5 BMA H . -45.49 -23.27 8.55
O6 BMA H . -44.87 -20.90 7.46
C1 NAG I . 7.26 -0.04 22.39
C2 NAG I . 8.75 0.34 22.39
C3 NAG I . 9.56 -0.48 21.40
C4 NAG I . 9.28 -1.98 21.56
C5 NAG I . 7.74 -2.16 21.45
C6 NAG I . 7.14 -3.55 21.52
C7 NAG I . 9.12 2.69 23.04
C8 NAG I . 9.36 4.11 22.59
N2 NAG I . 8.97 1.76 22.08
O3 NAG I . 10.93 -0.13 21.57
O4 NAG I . 10.05 -2.69 20.57
O5 NAG I . 7.12 -1.45 22.54
O6 NAG I . 7.20 -4.05 22.86
O7 NAG I . 9.03 2.42 24.22
C1 NAG I . 10.51 -4.00 21.01
C2 NAG I . 10.69 -4.87 19.75
C3 NAG I . 11.92 -5.81 19.70
C4 NAG I . 12.88 -5.76 20.91
C5 NAG I . 12.17 -5.26 22.16
C6 NAG I . 13.12 -5.22 23.36
C7 NAG I . 8.61 -5.59 18.58
C8 NAG I . 7.44 -6.54 18.65
N2 NAG I . 9.48 -5.68 19.59
O3 NAG I . 12.70 -5.53 18.53
O4 NAG I . 13.44 -7.06 21.14
O5 NAG I . 11.67 -3.97 21.84
O6 NAG I . 12.61 -4.32 24.35
O7 NAG I . 8.71 -4.79 17.65
C1 NAG J . -19.16 -40.29 39.54
C2 NAG J . -18.93 -38.77 39.69
C3 NAG J . -17.67 -38.23 39.01
C4 NAG J . -16.50 -39.24 38.93
C5 NAG J . -17.04 -40.60 38.49
C6 NAG J . -15.96 -41.66 38.25
C7 NAG J . -20.74 -37.06 39.77
C8 NAG J . -21.89 -36.47 39.00
N2 NAG J . -20.09 -38.05 39.15
O1 NAG J . -19.93 -40.74 40.66
O3 NAG J . -17.26 -37.07 39.76
O4 NAG J . -15.49 -38.83 37.96
O5 NAG J . -17.94 -41.03 39.51
O6 NAG J . -15.10 -41.78 39.39
O7 NAG J . -20.45 -36.63 40.88
C1 GAL J . -14.44 -37.99 38.49
C2 GAL J . -13.05 -38.44 38.02
C3 GAL J . -11.97 -37.45 38.47
C4 GAL J . -12.35 -36.03 38.09
C5 GAL J . -13.73 -35.72 38.66
C6 GAL J . -14.24 -34.32 38.39
O2 GAL J . -12.76 -39.76 38.53
O3 GAL J . -10.70 -37.79 37.90
O4 GAL J . -12.36 -35.90 36.67
O5 GAL J . -14.65 -36.65 38.07
O6 GAL J . -15.67 -34.32 38.28
C1 SIA J . -16.15 -32.16 37.63
C2 SIA J . -16.79 -33.52 37.89
C3 SIA J . -17.99 -33.45 38.84
C4 SIA J . -19.17 -32.77 38.16
C5 SIA J . -19.51 -33.48 36.86
C6 SIA J . -18.26 -33.54 35.95
C7 SIA J . -18.43 -34.22 34.58
C8 SIA J . -17.13 -34.26 33.75
C9 SIA J . -17.43 -34.43 32.25
C10 SIA J . -21.62 -33.34 35.62
C11 SIA J . -22.64 -32.41 35.02
N5 SIA J . -20.60 -32.74 36.24
O1A SIA J . -15.89 -31.84 36.45
O1B SIA J . -15.89 -31.42 38.62
O4 SIA J . -20.32 -32.75 39.02
O6 SIA J . -17.16 -34.15 36.65
O7 SIA J . -18.95 -35.55 34.78
O8 SIA J . -16.35 -33.07 33.91
O9 SIA J . -16.27 -34.83 31.50
O10 SIA J . -21.71 -34.55 35.53
C1 NAG K . -13.66 -47.31 -8.41
C2 NAG K . -12.95 -48.64 -8.14
C3 NAG K . -11.49 -48.50 -8.56
C4 NAG K . -11.36 -47.99 -9.98
C5 NAG K . -12.26 -46.79 -10.28
C6 NAG K . -12.38 -46.49 -11.78
C7 NAG K . -13.43 -50.10 -6.23
C8 NAG K . -13.49 -50.19 -4.73
N2 NAG K . -13.07 -48.91 -6.72
O3 NAG K . -10.81 -49.76 -8.48
O4 NAG K . -10.04 -47.51 -10.17
O5 NAG K . -13.56 -47.02 -9.80
O6 NAG K . -12.79 -47.63 -12.57
O7 NAG K . -13.69 -51.05 -6.93
C1 NAG K . -9.44 -48.07 -11.33
C2 NAG K . -8.31 -47.15 -11.75
C3 NAG K . -7.43 -47.79 -12.82
C4 NAG K . -7.00 -49.19 -12.41
C5 NAG K . -8.28 -49.98 -12.12
C6 NAG K . -8.07 -51.46 -11.82
C7 NAG K . -8.76 -44.76 -11.47
C8 NAG K . -9.17 -43.49 -12.15
N2 NAG K . -8.73 -45.85 -12.23
O3 NAG K . -6.33 -46.90 -13.01
O4 NAG K . -6.29 -49.83 -13.47
O5 NAG K . -8.93 -49.35 -11.01
O6 NAG K . -7.63 -51.61 -10.47
O7 NAG K . -8.48 -44.78 -10.28
C1 BMA K . -4.86 -49.67 -13.46
C2 BMA K . -4.29 -50.84 -14.24
C3 BMA K . -2.78 -50.72 -14.46
C4 BMA K . -2.46 -49.35 -15.03
C5 BMA K . -3.01 -48.29 -14.09
C6 BMA K . -2.64 -46.87 -14.48
O2 BMA K . -4.91 -50.92 -15.53
O3 BMA K . -2.33 -51.70 -15.40
O4 BMA K . -1.04 -49.25 -15.19
O5 BMA K . -4.43 -48.44 -14.07
O6 BMA K . -3.53 -46.37 -15.49
C1 MAN K . -2.36 -53.06 -14.90
C2 MAN K . -1.14 -53.79 -15.45
C3 MAN K . -1.21 -53.92 -16.97
C4 MAN K . -2.55 -54.48 -17.45
C5 MAN K . -3.76 -53.88 -16.71
C6 MAN K . -5.03 -54.69 -16.95
O2 MAN K . -1.03 -55.08 -14.84
O3 MAN K . -0.14 -54.75 -17.45
O4 MAN K . -2.68 -54.25 -18.86
O5 MAN K . -3.53 -53.78 -15.30
O6 MAN K . -5.91 -53.99 -17.84
C1 MAN K . -3.17 -45.04 -15.89
C2 MAN K . -4.29 -44.50 -16.78
C3 MAN K . -4.27 -45.16 -18.16
C4 MAN K . -2.85 -45.23 -18.77
C5 MAN K . -1.84 -45.77 -17.76
C6 MAN K . -0.41 -45.74 -18.30
O2 MAN K . -4.16 -43.08 -16.89
O3 MAN K . -5.14 -44.46 -19.05
O4 MAN K . -2.86 -46.07 -19.94
O5 MAN K . -1.91 -44.98 -16.56
O6 MAN K . 0.48 -46.22 -17.29
C1 NAG L . -22.27 5.84 -4.51
C2 NAG L . -22.55 7.19 -3.85
C3 NAG L . -22.12 7.10 -2.40
C4 NAG L . -22.74 5.87 -1.73
C5 NAG L . -22.35 4.61 -2.52
C6 NAG L . -22.83 3.29 -1.94
C7 NAG L . -22.42 9.06 -5.48
C8 NAG L . -21.60 10.18 -6.04
N2 NAG L . -21.87 8.32 -4.49
O3 NAG L . -22.49 8.30 -1.71
O4 NAG L . -22.26 5.80 -0.38
O5 NAG L . -22.90 4.75 -3.83
O6 NAG L . -24.22 3.35 -1.65
O7 NAG L . -23.53 8.85 -5.93
C1 NAG L . -23.32 5.98 0.59
C2 NAG L . -22.81 5.44 1.92
C3 NAG L . -23.92 5.70 2.93
C4 NAG L . -23.95 7.21 3.21
C5 NAG L . -23.81 8.08 1.93
C6 NAG L . -22.59 9.02 2.03
C7 NAG L . -21.20 3.56 1.61
C8 NAG L . -21.06 2.06 1.58
N2 NAG L . -22.45 4.02 1.83
O3 NAG L . -23.70 4.96 4.13
O4 NAG L . -25.14 7.57 3.92
O5 NAG L . -23.79 7.34 0.68
O6 NAG L . -22.08 9.38 0.73
O7 NAG L . -20.21 4.28 1.44
C1 NAG M . -44.14 -39.79 0.93
C2 NAG M . -43.83 -38.64 -0.05
C3 NAG M . -43.40 -37.32 0.61
C4 NAG M . -44.01 -37.06 2.00
C5 NAG M . -43.98 -38.34 2.83
C6 NAG M . -44.49 -38.16 4.27
C7 NAG M . -42.80 -38.92 -2.30
C8 NAG M . -41.59 -39.41 -3.04
N2 NAG M . -42.76 -39.06 -0.96
O1 NAG M . -45.03 -40.71 0.33
O3 NAG M . -43.75 -36.25 -0.28
O4 NAG M . -43.25 -36.07 2.74
O5 NAG M . -44.76 -39.31 2.14
O6 NAG M . -45.77 -37.52 4.27
O7 NAG M . -43.75 -38.44 -2.91
C1 GAL M . -43.45 -34.71 2.62
C2 GAL M . -43.83 -33.85 3.81
C3 GAL M . -44.24 -32.41 3.47
C4 GAL M . -43.27 -31.80 2.46
C5 GAL M . -43.25 -32.70 1.24
C6 GAL M . -42.30 -32.19 0.16
O2 GAL M . -44.90 -34.44 4.58
O3 GAL M . -44.24 -31.61 4.65
O4 GAL M . -41.95 -31.70 3.01
O5 GAL M . -42.80 -33.99 1.60
O6 GAL M . -41.91 -33.29 -0.66
C1 SIA M . -40.56 -32.27 -2.23
C2 SIA M . -41.02 -33.62 -1.75
C3 SIA M . -41.58 -34.49 -2.88
C4 SIA M . -40.45 -34.95 -3.80
C5 SIA M . -39.37 -35.66 -2.99
C6 SIA M . -38.88 -34.76 -1.85
C7 SIA M . -37.79 -35.33 -0.93
C8 SIA M . -37.37 -34.33 0.18
C9 SIA M . -36.03 -34.71 0.81
C10 SIA M . -37.62 -37.15 -3.86
C11 SIA M . -36.53 -37.31 -4.86
N5 SIA M . -38.30 -36.00 -3.91
O1A SIA M . -41.30 -31.60 -2.99
O1B SIA M . -39.44 -31.83 -1.87
O4 SIA M . -40.93 -35.82 -4.84
O6 SIA M . -40.00 -34.33 -1.04
O7 SIA M . -38.24 -36.58 -0.40
O8 SIA M . -37.29 -33.01 -0.37
O9 SIA M . -35.77 -33.94 1.99
O10 SIA M . -37.86 -38.01 -3.04
C1 NAG N . -4.31 -40.71 28.62
C2 NAG N . -4.99 -40.94 29.97
C3 NAG N . -4.84 -39.67 30.81
C4 NAG N . -3.35 -39.34 30.99
C5 NAG N . -2.55 -39.37 29.68
C6 NAG N . -1.03 -39.40 29.89
C7 NAG N . -6.90 -42.49 30.12
C8 NAG N . -8.37 -42.67 29.82
N2 NAG N . -6.38 -41.30 29.77
O3 NAG N . -5.48 -39.80 32.09
O4 NAG N . -3.22 -38.01 31.50
O5 NAG N . -2.92 -40.50 28.87
O6 NAG N . -0.57 -40.58 30.58
O7 NAG N . -6.26 -43.38 30.66
C1 NAG N . -2.53 -37.98 32.76
C2 NAG N . -2.15 -36.53 33.02
C3 NAG N . -1.60 -36.31 34.42
C4 NAG N . -2.56 -36.89 35.47
C5 NAG N . -2.91 -38.35 35.13
C6 NAG N . -3.98 -38.93 36.07
C7 NAG N . -1.47 -35.27 31.03
C8 NAG N . -0.33 -34.77 30.20
N2 NAG N . -1.16 -35.99 32.10
O3 NAG N . -1.40 -34.90 34.54
O4 NAG N . -1.95 -36.83 36.77
O5 NAG N . -3.37 -38.51 33.79
O6 NAG N . -5.21 -38.18 36.01
O7 NAG N . -2.62 -35.01 30.74
C1 BMA N . -2.20 -35.62 37.53
C2 BMA N . -2.43 -36.05 38.98
C3 BMA N . -2.69 -34.86 39.90
C4 BMA N . -1.63 -33.77 39.71
C5 BMA N . -1.35 -33.49 38.24
C6 BMA N . -0.14 -32.57 38.05
O2 BMA N . -1.28 -36.76 39.44
O3 BMA N . -2.66 -35.30 41.27
O4 BMA N . -2.11 -32.56 40.33
O5 BMA N . -1.11 -34.69 37.50
O6 BMA N . -0.42 -31.75 36.92
C1 MAN N . -3.97 -35.55 41.84
C2 MAN N . -3.81 -35.72 43.36
C3 MAN N . -3.05 -37.02 43.66
C4 MAN N . -3.68 -38.24 42.98
C5 MAN N . -4.06 -38.00 41.52
C6 MAN N . -5.05 -39.07 41.05
O2 MAN N . -5.10 -35.70 43.97
O3 MAN N . -3.01 -37.26 45.08
O4 MAN N . -2.74 -39.32 43.04
O5 MAN N . -4.67 -36.70 41.32
O6 MAN N . -5.05 -39.18 39.63
C1 MAN N . 0.66 -30.87 36.57
C2 MAN N . 0.09 -29.92 35.52
C3 MAN N . -0.30 -30.71 34.26
C4 MAN N . 0.87 -31.56 33.74
C5 MAN N . 1.58 -32.34 34.85
C6 MAN N . 2.94 -32.86 34.38
O2 MAN N . 1.03 -28.88 35.20
O3 MAN N . -0.77 -29.80 33.27
O4 MAN N . 0.38 -32.47 32.75
O5 MAN N . 1.81 -31.54 36.04
O6 MAN N . 3.27 -34.08 35.05
C1 NAG O . 11.42 -13.47 -15.31
C2 NAG O . 11.33 -12.77 -16.67
C3 NAG O . 9.89 -12.41 -16.94
C4 NAG O . 8.97 -13.61 -16.75
C5 NAG O . 9.17 -14.21 -15.35
C6 NAG O . 8.31 -15.42 -14.98
C7 NAG O . 13.45 -11.59 -17.23
C8 NAG O . 14.17 -10.28 -17.34
N2 NAG O . 12.17 -11.58 -16.81
O3 NAG O . 9.81 -11.85 -18.26
O4 NAG O . 7.60 -13.18 -16.93
O5 NAG O . 10.54 -14.58 -15.21
O6 NAG O . 8.61 -16.58 -15.78
O7 NAG O . 14.05 -12.62 -17.50
C1 NAG O . 6.97 -13.64 -18.14
C2 NAG O . 5.49 -13.71 -17.83
C3 NAG O . 4.74 -13.90 -19.14
C4 NAG O . 4.81 -12.58 -19.89
C5 NAG O . 6.25 -12.03 -20.01
C6 NAG O . 6.30 -10.57 -19.57
C7 NAG O . 4.72 -14.50 -15.62
C8 NAG O . 4.49 -15.71 -14.74
N2 NAG O . 5.21 -14.76 -16.85
O3 NAG O . 3.39 -14.30 -18.90
O4 NAG O . 4.22 -12.71 -21.19
O5 NAG O . 7.26 -12.81 -19.30
O6 NAG O . 7.62 -10.03 -19.75
O7 NAG O . 4.48 -13.37 -15.23
C1 GAL P . -3.49 -55.77 -2.45
C2 GAL P . -4.32 -55.49 -3.71
C3 GAL P . -3.77 -54.41 -4.65
C4 GAL P . -2.97 -53.31 -3.94
C5 GAL P . -2.08 -53.93 -2.88
C6 GAL P . -1.21 -52.91 -2.14
O1 GAL P . -4.31 -56.38 -1.44
O2 GAL P . -4.41 -56.73 -4.42
O3 GAL P . -4.86 -53.79 -5.32
O4 GAL P . -3.89 -52.42 -3.31
O5 GAL P . -2.95 -54.57 -1.93
O6 GAL P . -0.87 -53.40 -0.84
C1 SIA P . 0.70 -51.77 -0.28
C2 SIA P . -0.08 -52.96 0.26
C3 SIA P . 0.75 -54.03 0.97
C4 SIA P . 1.24 -53.53 2.32
C5 SIA P . 0.07 -53.03 3.16
C6 SIA P . -0.74 -51.98 2.39
C7 SIA P . -2.02 -51.46 3.05
C8 SIA P . -2.83 -50.56 2.12
C9 SIA P . -3.87 -49.80 2.92
C10 SIA P . 0.01 -52.52 5.56
C11 SIA P . 0.72 -51.86 6.72
N5 SIA P . 0.62 -52.44 4.38
O1A SIA P . 1.74 -52.00 -0.94
O1B SIA P . 0.28 -50.60 -0.11
O4 SIA P . 1.96 -54.56 3.02
O6 SIA P . -1.15 -52.53 1.13
O7 SIA P . -2.83 -52.56 3.48
O8 SIA P . -1.99 -49.61 1.41
O9 SIA P . -4.61 -48.94 2.04
O10 SIA P . -1.05 -53.07 5.72
C1 NAG Q . -27.74 -6.91 31.24
C2 NAG Q . -28.27 -7.14 32.66
C3 NAG Q . -29.65 -7.81 32.58
C4 NAG Q . -30.62 -6.85 31.86
C5 NAG Q . -30.07 -6.49 30.46
C6 NAG Q . -30.99 -5.45 29.79
C7 NAG Q . -26.54 -7.34 34.44
C8 NAG Q . -25.70 -8.33 35.20
N2 NAG Q . -27.36 -7.89 33.51
O3 NAG Q . -30.14 -8.18 33.89
O4 NAG Q . -31.94 -7.41 31.78
O5 NAG Q . -28.68 -6.06 30.52
O6 NAG Q . -30.28 -4.45 29.04
O7 NAG Q . -26.46 -6.15 34.70
C1 NAG R . -9.93 27.31 -17.67
C2 NAG R . -10.55 28.34 -18.61
C3 NAG R . -11.52 27.62 -19.54
C4 NAG R . -10.80 26.54 -20.36
C5 NAG R . -9.48 26.01 -19.78
C6 NAG R . -8.19 26.66 -20.36
C7 NAG R . -10.70 30.59 -17.53
C8 NAG R . -11.60 31.48 -16.71
N2 NAG R . -11.22 29.38 -17.83
O3 NAG R . -12.15 28.55 -20.43
O4 NAG R . -11.72 25.45 -20.49
O5 NAG R . -9.49 26.09 -18.33
O6 NAG R . -7.10 25.73 -20.52
O7 NAG R . -9.59 30.96 -17.87
C1 NAG S . -23.73 -24.95 -24.18
C2 NAG S . -24.96 -25.42 -24.99
C3 NAG S . -24.64 -26.83 -25.46
C4 NAG S . -23.38 -26.86 -26.34
C5 NAG S . -22.47 -25.60 -26.24
C6 NAG S . -22.79 -24.51 -27.29
C7 NAG S . -27.11 -24.36 -24.25
C8 NAG S . -28.30 -24.55 -23.36
N2 NAG S . -26.21 -25.35 -24.21
O3 NAG S . -25.75 -27.38 -26.18
O4 NAG S . -22.61 -28.02 -25.96
O5 NAG S . -22.49 -25.01 -24.93
O6 NAG S . -21.60 -24.03 -27.92
O7 NAG S . -27.03 -23.34 -24.93
C TAM T . -38.39 -41.60 -11.42
C1 TAM T . -37.26 -42.36 -12.13
C2 TAM T . -38.51 -42.11 -9.95
C3 TAM T . -38.16 -40.08 -11.54
C4 TAM T . -37.33 -42.45 -13.64
C5 TAM T . -39.69 -41.63 -9.08
C6 TAM T . -36.90 -39.50 -10.89
N TAM T . -39.63 -41.93 -12.12
O4 TAM T . -36.01 -42.75 -14.11
O5 TAM T . -39.21 -41.38 -7.74
O6 TAM T . -37.17 -38.83 -9.64
C1 NAG U . 26.95 9.64 -16.89
C2 NAG U . 28.47 9.57 -16.99
C3 NAG U . 28.95 8.27 -16.32
C4 NAG U . 28.54 8.30 -14.84
C5 NAG U . 27.01 8.47 -14.70
C6 NAG U . 26.58 8.66 -13.23
C7 NAG U . 29.29 10.68 -19.02
C8 NAG U . 29.63 10.46 -20.47
N2 NAG U . 28.87 9.59 -18.39
O3 NAG U . 30.36 8.14 -16.51
O4 NAG U . 28.98 7.10 -14.18
O5 NAG U . 26.51 9.55 -15.51
O6 NAG U . 27.23 9.78 -12.61
O7 NAG U . 29.39 11.77 -18.51
C TAM V . 17.57 -19.44 22.19
C1 TAM V . 16.26 -18.84 21.61
C2 TAM V . 18.72 -19.03 21.25
C3 TAM V . 17.84 -19.10 23.67
C4 TAM V . 14.96 -19.41 22.17
C5 TAM V . 20.09 -19.59 21.61
C6 TAM V . 17.83 -17.61 24.00
N TAM V . 17.43 -20.89 22.11
O4 TAM V . 14.51 -20.50 21.34
O5 TAM V . 19.99 -20.99 21.88
O6 TAM V . 16.49 -17.15 24.16
#